data_2LSI
#
_entry.id   2LSI
#
loop_
_entity.id
_entity.type
_entity.pdbx_description
1 polymer 'DNA repair protein REV1'
2 polymer 'DNA polymerase kappa'
#
loop_
_entity_poly.entity_id
_entity_poly.type
_entity_poly.pdbx_seq_one_letter_code
_entity_poly.pdbx_strand_id
1 'polypeptide(L)'
;GHMAPNLAGAVEFNDVKTLLREWITTISDPMEEDILQVVKYCTDLIEEKDLEKLDLVIKYMKRLMQQSVESVWNMAFDFI
LDNVQVVLQQTYGSTLKVT
;
A
2 'polypeptide(L)' GSHKKSFFDKKRSERKW B
#
# COMPACT_ATOMS: atom_id res chain seq x y z
N GLY A 1 15.67 10.32 -1.79
CA GLY A 1 15.50 9.04 -1.09
C GLY A 1 14.78 8.05 -1.96
N HIS A 2 15.41 7.65 -3.04
CA HIS A 2 14.80 6.76 -3.98
C HIS A 2 15.17 5.33 -3.63
N MET A 3 14.20 4.48 -3.58
CA MET A 3 14.42 3.09 -3.26
C MET A 3 13.83 2.23 -4.36
N ALA A 4 14.11 0.96 -4.27
CA ALA A 4 13.43 -0.01 -5.08
C ALA A 4 12.13 -0.29 -4.33
N PRO A 5 11.03 -0.63 -5.00
CA PRO A 5 9.71 -0.73 -4.35
C PRO A 5 9.68 -1.72 -3.18
N ASN A 6 9.60 -1.17 -1.99
CA ASN A 6 9.57 -1.95 -0.78
C ASN A 6 8.56 -1.40 0.16
N LEU A 7 7.98 -2.27 0.89
CA LEU A 7 6.98 -1.95 1.89
C LEU A 7 7.51 -2.48 3.20
N ALA A 8 7.84 -1.57 4.12
CA ALA A 8 8.50 -1.90 5.41
C ALA A 8 9.87 -2.58 5.16
N GLY A 9 10.33 -2.44 3.95
CA GLY A 9 11.59 -3.00 3.51
C GLY A 9 11.38 -4.26 2.66
N ALA A 10 10.15 -4.70 2.56
CA ALA A 10 9.82 -5.90 1.78
C ALA A 10 9.65 -5.55 0.32
N VAL A 11 10.51 -6.08 -0.51
CA VAL A 11 10.44 -5.83 -1.93
C VAL A 11 9.56 -6.89 -2.59
N GLU A 12 9.81 -8.16 -2.25
CA GLU A 12 9.04 -9.29 -2.77
C GLU A 12 7.56 -9.13 -2.48
N PHE A 13 6.74 -9.27 -3.51
CA PHE A 13 5.31 -9.09 -3.38
C PHE A 13 4.72 -10.12 -2.41
N ASN A 14 5.22 -11.35 -2.44
CA ASN A 14 4.80 -12.38 -1.47
C ASN A 14 4.94 -11.89 -0.01
N ASP A 15 6.05 -11.23 0.27
CA ASP A 15 6.33 -10.72 1.62
C ASP A 15 5.46 -9.51 1.88
N VAL A 16 5.22 -8.73 0.83
CA VAL A 16 4.33 -7.58 0.86
C VAL A 16 2.91 -8.00 1.21
N LYS A 17 2.43 -9.06 0.56
CA LYS A 17 1.09 -9.58 0.80
C LYS A 17 0.96 -10.04 2.23
N THR A 18 1.97 -10.73 2.70
CA THR A 18 2.08 -11.15 4.08
C THR A 18 1.90 -9.95 5.05
N LEU A 19 2.45 -8.81 4.67
CA LEU A 19 2.41 -7.63 5.51
C LEU A 19 1.04 -6.98 5.42
N LEU A 20 0.55 -6.81 4.20
CA LEU A 20 -0.74 -6.17 3.95
C LEU A 20 -1.85 -6.94 4.61
N ARG A 21 -1.85 -8.24 4.42
CA ARG A 21 -2.90 -9.07 4.95
C ARG A 21 -2.84 -9.17 6.45
N GLU A 22 -1.65 -9.13 7.01
CA GLU A 22 -1.53 -9.22 8.44
C GLU A 22 -2.05 -7.92 9.03
N TRP A 23 -1.69 -6.83 8.39
CA TRP A 23 -2.13 -5.49 8.77
C TRP A 23 -3.66 -5.41 8.77
N ILE A 24 -4.25 -5.81 7.68
CA ILE A 24 -5.69 -5.65 7.51
C ILE A 24 -6.49 -6.67 8.34
N THR A 25 -5.84 -7.69 8.83
CA THR A 25 -6.55 -8.65 9.65
C THR A 25 -6.35 -8.40 11.14
N THR A 26 -5.16 -7.93 11.52
CA THR A 26 -4.86 -7.73 12.93
C THR A 26 -5.24 -6.33 13.38
N ILE A 27 -5.22 -5.41 12.45
CA ILE A 27 -5.53 -4.05 12.73
C ILE A 27 -6.95 -3.78 12.25
N SER A 28 -7.79 -3.34 13.13
CA SER A 28 -9.18 -3.07 12.82
C SER A 28 -9.37 -1.68 12.19
N ASP A 29 -8.44 -0.79 12.48
CA ASP A 29 -8.52 0.58 12.02
C ASP A 29 -7.13 1.07 11.61
N PRO A 30 -6.94 1.40 10.33
CA PRO A 30 -5.64 1.83 9.80
C PRO A 30 -5.23 3.23 10.28
N MET A 31 -3.97 3.39 10.63
CA MET A 31 -3.45 4.66 11.06
C MET A 31 -3.01 5.40 9.81
N GLU A 32 -3.16 6.74 9.79
CA GLU A 32 -2.79 7.55 8.62
C GLU A 32 -1.37 7.25 8.14
N GLU A 33 -0.42 7.13 9.07
CA GLU A 33 0.95 6.75 8.73
C GLU A 33 1.04 5.46 7.91
N ASP A 34 0.25 4.46 8.27
CA ASP A 34 0.26 3.20 7.52
C ASP A 34 -0.35 3.39 6.16
N ILE A 35 -1.42 4.17 6.12
CA ILE A 35 -2.14 4.46 4.89
C ILE A 35 -1.21 5.19 3.91
N LEU A 36 -0.52 6.19 4.42
CA LEU A 36 0.41 7.00 3.64
C LEU A 36 1.57 6.15 3.12
N GLN A 37 1.96 5.18 3.88
CA GLN A 37 3.02 4.26 3.49
C GLN A 37 2.59 3.39 2.34
N VAL A 38 1.33 2.95 2.37
CA VAL A 38 0.76 2.19 1.28
C VAL A 38 0.69 3.09 0.04
N VAL A 39 0.33 4.34 0.28
CA VAL A 39 0.29 5.39 -0.73
C VAL A 39 1.65 5.54 -1.40
N LYS A 40 2.68 5.76 -0.59
CA LYS A 40 4.04 5.95 -1.05
C LYS A 40 4.56 4.70 -1.76
N TYR A 41 4.04 3.55 -1.38
CA TYR A 41 4.42 2.31 -2.02
C TYR A 41 3.83 2.24 -3.41
N CYS A 42 2.55 2.53 -3.55
CA CYS A 42 1.87 2.45 -4.83
C CYS A 42 2.48 3.44 -5.82
N THR A 43 2.78 4.63 -5.37
CA THR A 43 3.39 5.63 -6.20
C THR A 43 4.84 5.25 -6.56
N ASP A 44 5.45 4.48 -5.68
CA ASP A 44 6.82 3.99 -5.85
C ASP A 44 6.88 3.01 -7.01
N LEU A 45 5.87 2.13 -7.09
CA LEU A 45 5.75 1.16 -8.18
C LEU A 45 5.57 1.87 -9.51
N ILE A 46 4.89 2.99 -9.46
CA ILE A 46 4.66 3.82 -10.63
C ILE A 46 5.99 4.35 -11.15
N GLU A 47 6.76 4.95 -10.27
CA GLU A 47 8.05 5.55 -10.62
C GLU A 47 9.04 4.50 -11.11
N GLU A 48 9.06 3.37 -10.44
CA GLU A 48 9.94 2.27 -10.82
C GLU A 48 9.38 1.48 -12.01
N LYS A 49 8.24 1.93 -12.52
CA LYS A 49 7.61 1.43 -13.73
C LYS A 49 7.15 -0.01 -13.62
N ASP A 50 7.04 -0.50 -12.41
CA ASP A 50 6.62 -1.87 -12.24
C ASP A 50 5.14 -1.87 -11.95
N LEU A 51 4.39 -1.72 -13.00
CA LEU A 51 2.95 -1.64 -12.92
C LEU A 51 2.35 -3.01 -12.78
N GLU A 52 3.17 -4.01 -13.02
CA GLU A 52 2.81 -5.38 -12.87
C GLU A 52 2.51 -5.65 -11.41
N LYS A 53 3.46 -5.29 -10.55
CA LYS A 53 3.28 -5.48 -9.13
C LYS A 53 2.22 -4.53 -8.62
N LEU A 54 2.22 -3.29 -9.12
CA LEU A 54 1.21 -2.28 -8.73
C LEU A 54 -0.21 -2.85 -8.89
N ASP A 55 -0.51 -3.34 -10.09
CA ASP A 55 -1.82 -3.97 -10.41
C ASP A 55 -2.15 -5.08 -9.40
N LEU A 56 -1.14 -5.88 -9.09
CA LEU A 56 -1.31 -6.99 -8.16
C LEU A 56 -1.57 -6.51 -6.73
N VAL A 57 -0.85 -5.46 -6.31
CA VAL A 57 -1.00 -4.88 -4.96
C VAL A 57 -2.39 -4.28 -4.81
N ILE A 58 -2.80 -3.51 -5.81
CA ILE A 58 -4.09 -2.83 -5.82
C ILE A 58 -5.22 -3.84 -5.63
N LYS A 59 -5.22 -4.87 -6.47
CA LYS A 59 -6.24 -5.90 -6.42
C LYS A 59 -6.18 -6.69 -5.12
N TYR A 60 -4.99 -6.86 -4.58
CA TYR A 60 -4.83 -7.61 -3.37
C TYR A 60 -5.42 -6.83 -2.20
N MET A 61 -5.14 -5.54 -2.16
CA MET A 61 -5.66 -4.67 -1.13
C MET A 61 -7.16 -4.57 -1.22
N LYS A 62 -7.68 -4.56 -2.44
CA LYS A 62 -9.12 -4.55 -2.68
C LYS A 62 -9.77 -5.74 -1.97
N ARG A 63 -9.17 -6.89 -2.16
CA ARG A 63 -9.64 -8.14 -1.59
C ARG A 63 -9.71 -8.04 -0.07
N LEU A 64 -8.67 -7.50 0.52
CA LEU A 64 -8.55 -7.43 1.97
C LEU A 64 -9.40 -6.28 2.56
N MET A 65 -9.26 -5.10 1.99
CA MET A 65 -9.95 -3.93 2.49
C MET A 65 -11.45 -4.04 2.37
N GLN A 66 -11.93 -4.62 1.30
CA GLN A 66 -13.35 -4.73 1.11
C GLN A 66 -13.92 -5.98 1.76
N GLN A 67 -13.05 -6.91 2.16
CA GLN A 67 -13.53 -8.11 2.87
C GLN A 67 -13.73 -7.72 4.33
N SER A 68 -13.09 -6.64 4.72
CA SER A 68 -13.22 -6.10 6.05
C SER A 68 -14.38 -5.11 6.08
N VAL A 69 -14.93 -4.88 4.87
CA VAL A 69 -16.10 -4.01 4.47
C VAL A 69 -16.21 -2.59 5.08
N GLU A 70 -15.57 -2.35 6.17
CA GLU A 70 -15.74 -1.12 6.89
C GLU A 70 -15.22 0.09 6.13
N SER A 71 -15.92 1.19 6.30
CA SER A 71 -15.68 2.43 5.61
C SER A 71 -14.22 2.89 5.70
N VAL A 72 -13.61 2.77 6.88
CA VAL A 72 -12.21 3.15 7.04
C VAL A 72 -11.30 2.45 6.03
N TRP A 73 -11.57 1.18 5.74
CA TRP A 73 -10.77 0.42 4.81
C TRP A 73 -11.17 0.75 3.38
N ASN A 74 -12.46 0.86 3.16
CA ASN A 74 -13.00 1.19 1.82
C ASN A 74 -12.48 2.56 1.36
N MET A 75 -12.61 3.57 2.23
CA MET A 75 -12.13 4.93 1.94
C MET A 75 -10.67 4.96 1.76
N ALA A 76 -9.99 4.17 2.56
CA ALA A 76 -8.53 4.04 2.48
C ALA A 76 -8.14 3.57 1.09
N PHE A 77 -8.75 2.49 0.63
CA PHE A 77 -8.47 1.95 -0.68
C PHE A 77 -8.71 3.00 -1.78
N ASP A 78 -9.85 3.68 -1.70
CA ASP A 78 -10.19 4.73 -2.68
C ASP A 78 -9.15 5.85 -2.66
N PHE A 79 -8.78 6.27 -1.45
CA PHE A 79 -7.74 7.26 -1.24
C PHE A 79 -6.44 6.84 -1.95
N ILE A 80 -5.99 5.61 -1.70
CA ILE A 80 -4.81 5.08 -2.38
C ILE A 80 -4.97 5.13 -3.90
N LEU A 81 -6.12 4.69 -4.38
CA LEU A 81 -6.46 4.70 -5.80
C LEU A 81 -6.27 6.07 -6.41
N ASP A 82 -6.81 7.09 -5.73
CA ASP A 82 -6.68 8.50 -6.15
C ASP A 82 -5.24 8.86 -6.43
N ASN A 83 -4.38 8.56 -5.46
CA ASN A 83 -2.94 8.79 -5.59
C ASN A 83 -2.43 8.15 -6.85
N VAL A 84 -2.72 6.87 -7.01
CA VAL A 84 -2.30 6.09 -8.17
C VAL A 84 -2.78 6.75 -9.47
N GLN A 85 -4.05 7.10 -9.52
CA GLN A 85 -4.65 7.72 -10.71
C GLN A 85 -3.93 9.01 -11.09
N VAL A 86 -3.92 9.95 -10.17
CA VAL A 86 -3.29 11.26 -10.37
C VAL A 86 -1.81 11.13 -10.74
N VAL A 87 -1.08 10.37 -9.94
CA VAL A 87 0.35 10.17 -10.18
C VAL A 87 0.62 9.50 -11.53
N LEU A 88 -0.21 8.53 -11.93
CA LEU A 88 -0.08 7.89 -13.25
C LEU A 88 -0.29 8.90 -14.36
N GLN A 89 -1.22 9.81 -14.15
CA GLN A 89 -1.50 10.84 -15.10
C GLN A 89 -0.34 11.85 -15.19
N GLN A 90 0.19 12.23 -14.03
CA GLN A 90 1.39 13.10 -13.96
C GLN A 90 2.54 12.52 -14.77
N THR A 91 2.78 11.25 -14.56
CA THR A 91 3.92 10.58 -15.13
C THR A 91 3.74 10.14 -16.58
N TYR A 92 2.77 9.29 -16.82
CA TYR A 92 2.61 8.69 -18.13
C TYR A 92 1.39 9.21 -18.84
N GLY A 93 0.47 9.82 -18.09
CA GLY A 93 -0.80 10.24 -18.67
C GLY A 93 -1.68 9.06 -18.99
N SER A 94 -1.34 7.93 -18.42
CA SER A 94 -2.03 6.70 -18.67
C SER A 94 -2.36 6.07 -17.33
N THR A 95 -3.62 5.87 -17.06
CA THR A 95 -4.04 5.33 -15.81
C THR A 95 -4.49 3.90 -15.94
N LEU A 96 -4.66 3.28 -14.82
CA LEU A 96 -5.18 1.95 -14.76
C LEU A 96 -6.59 2.03 -14.29
N LYS A 97 -7.45 1.35 -14.97
CA LYS A 97 -8.84 1.31 -14.62
C LYS A 97 -9.00 0.34 -13.47
N VAL A 98 -9.25 0.87 -12.32
CA VAL A 98 -9.42 0.06 -11.17
C VAL A 98 -10.88 -0.22 -10.93
N THR A 99 -11.25 -1.43 -11.20
CA THR A 99 -12.55 -1.93 -10.94
C THR A 99 -12.38 -3.36 -10.46
N GLY B 1 5.19 3.70 21.78
CA GLY B 1 6.33 4.27 22.51
C GLY B 1 7.63 4.00 21.80
N SER B 2 8.24 2.85 22.08
CA SER B 2 9.49 2.44 21.45
C SER B 2 9.27 2.26 19.94
N HIS B 3 8.14 1.69 19.59
CA HIS B 3 7.72 1.60 18.22
C HIS B 3 6.44 2.37 18.08
N LYS B 4 6.14 2.83 16.91
CA LYS B 4 4.96 3.62 16.72
C LYS B 4 3.72 2.77 16.61
N LYS B 5 2.60 3.41 16.44
CA LYS B 5 1.31 2.73 16.30
C LYS B 5 1.11 2.26 14.86
N SER B 6 2.09 2.56 14.05
CA SER B 6 2.08 2.19 12.67
C SER B 6 2.57 0.76 12.52
N PHE B 7 1.82 -0.01 11.80
CA PHE B 7 2.12 -1.39 11.52
C PHE B 7 3.40 -1.48 10.68
N PHE B 8 3.47 -0.68 9.64
CA PHE B 8 4.60 -0.73 8.74
C PHE B 8 5.85 -0.15 9.38
N ASP B 9 5.68 0.88 10.21
CA ASP B 9 6.81 1.41 10.99
C ASP B 9 7.40 0.32 11.85
N LYS B 10 6.53 -0.45 12.49
CA LYS B 10 6.91 -1.55 13.33
C LYS B 10 7.69 -2.57 12.51
N LYS B 11 7.12 -2.98 11.39
CA LYS B 11 7.74 -3.94 10.49
C LYS B 11 9.11 -3.49 9.99
N ARG B 12 9.24 -2.22 9.61
CA ARG B 12 10.51 -1.67 9.12
C ARG B 12 11.56 -1.66 10.25
N SER B 13 11.09 -1.47 11.46
CA SER B 13 11.95 -1.39 12.61
C SER B 13 12.41 -2.77 13.08
N GLU B 14 11.53 -3.75 12.95
CA GLU B 14 11.84 -5.12 13.38
C GLU B 14 12.75 -5.80 12.37
N ARG B 15 12.83 -5.26 11.20
CA ARG B 15 13.68 -5.79 10.17
C ARG B 15 14.98 -5.04 10.18
N LYS B 16 15.86 -5.47 11.04
CA LYS B 16 17.14 -4.82 11.21
C LYS B 16 18.15 -5.39 10.24
N TRP B 17 17.82 -5.31 8.99
CA TRP B 17 18.62 -5.88 7.95
C TRP B 17 19.28 -4.74 7.22
N GLY A 1 10.91 10.53 -0.64
CA GLY A 1 11.92 10.39 -1.67
C GLY A 1 11.76 9.07 -2.37
N HIS A 2 12.44 8.88 -3.47
CA HIS A 2 12.34 7.67 -4.23
C HIS A 2 13.45 6.72 -3.87
N MET A 3 13.06 5.58 -3.43
CA MET A 3 13.93 4.50 -3.08
C MET A 3 13.25 3.33 -3.73
N ALA A 4 13.96 2.26 -4.03
CA ALA A 4 13.36 1.12 -4.68
C ALA A 4 12.18 0.63 -3.87
N PRO A 5 11.00 0.53 -4.52
CA PRO A 5 9.73 0.29 -3.86
C PRO A 5 9.76 -0.86 -2.89
N ASN A 6 9.65 -0.53 -1.65
CA ASN A 6 9.63 -1.48 -0.59
C ASN A 6 8.61 -1.09 0.41
N LEU A 7 8.04 -2.04 1.00
CA LEU A 7 7.04 -1.85 2.00
C LEU A 7 7.64 -2.39 3.27
N ALA A 8 7.98 -1.49 4.19
CA ALA A 8 8.68 -1.81 5.46
C ALA A 8 10.07 -2.46 5.21
N GLY A 9 10.48 -2.43 3.97
CA GLY A 9 11.73 -3.01 3.55
C GLY A 9 11.53 -4.18 2.60
N ALA A 10 10.30 -4.64 2.51
CA ALA A 10 9.97 -5.76 1.65
C ALA A 10 9.77 -5.27 0.23
N VAL A 11 10.63 -5.71 -0.64
CA VAL A 11 10.55 -5.34 -2.04
C VAL A 11 9.76 -6.39 -2.79
N GLU A 12 10.06 -7.65 -2.52
CA GLU A 12 9.38 -8.77 -3.14
C GLU A 12 7.93 -8.83 -2.68
N PHE A 13 7.04 -8.97 -3.65
CA PHE A 13 5.61 -8.91 -3.43
C PHE A 13 5.13 -9.98 -2.44
N ASN A 14 5.75 -11.15 -2.49
CA ASN A 14 5.46 -12.23 -1.54
C ASN A 14 5.47 -11.76 -0.07
N ASP A 15 6.53 -11.09 0.35
CA ASP A 15 6.64 -10.64 1.76
C ASP A 15 5.71 -9.44 1.99
N VAL A 16 5.49 -8.70 0.91
CA VAL A 16 4.58 -7.54 0.89
C VAL A 16 3.15 -7.99 1.21
N LYS A 17 2.69 -9.03 0.53
CA LYS A 17 1.36 -9.58 0.74
C LYS A 17 1.18 -9.99 2.18
N THR A 18 2.16 -10.72 2.68
CA THR A 18 2.23 -11.16 4.05
C THR A 18 2.06 -9.97 5.06
N LEU A 19 2.62 -8.82 4.70
CA LEU A 19 2.55 -7.64 5.56
C LEU A 19 1.15 -7.04 5.48
N LEU A 20 0.66 -6.90 4.25
CA LEU A 20 -0.64 -6.29 3.97
C LEU A 20 -1.74 -7.10 4.62
N ARG A 21 -1.72 -8.38 4.38
CA ARG A 21 -2.74 -9.28 4.86
C ARG A 21 -2.81 -9.35 6.36
N GLU A 22 -1.67 -9.30 7.02
CA GLU A 22 -1.71 -9.38 8.46
C GLU A 22 -2.23 -8.08 9.03
N TRP A 23 -1.89 -6.99 8.39
CA TRP A 23 -2.35 -5.66 8.75
C TRP A 23 -3.87 -5.60 8.69
N ILE A 24 -4.41 -6.09 7.61
CA ILE A 24 -5.83 -5.96 7.34
C ILE A 24 -6.65 -7.00 8.11
N THR A 25 -6.00 -7.99 8.66
CA THR A 25 -6.69 -8.96 9.47
C THR A 25 -6.56 -8.67 10.97
N THR A 26 -5.46 -8.07 11.39
CA THR A 26 -5.26 -7.85 12.82
C THR A 26 -5.55 -6.41 13.25
N ILE A 27 -5.48 -5.48 12.34
CA ILE A 27 -5.73 -4.09 12.65
C ILE A 27 -7.13 -3.72 12.18
N SER A 28 -7.93 -3.21 13.07
CA SER A 28 -9.30 -2.84 12.74
C SER A 28 -9.41 -1.41 12.20
N ASP A 29 -8.49 -0.55 12.62
CA ASP A 29 -8.51 0.84 12.19
C ASP A 29 -7.13 1.22 11.71
N PRO A 30 -6.97 1.43 10.40
CA PRO A 30 -5.67 1.73 9.80
C PRO A 30 -5.16 3.11 10.20
N MET A 31 -3.88 3.20 10.47
CA MET A 31 -3.31 4.45 10.88
C MET A 31 -2.86 5.18 9.64
N GLU A 32 -2.91 6.53 9.66
CA GLU A 32 -2.46 7.37 8.54
C GLU A 32 -1.16 6.89 7.96
N GLU A 33 -0.18 6.72 8.82
CA GLU A 33 1.16 6.28 8.45
C GLU A 33 1.16 4.96 7.65
N ASP A 34 0.27 4.04 7.99
CA ASP A 34 0.19 2.76 7.27
C ASP A 34 -0.34 2.99 5.87
N ILE A 35 -1.34 3.84 5.80
CA ILE A 35 -1.98 4.18 4.55
C ILE A 35 -1.00 4.94 3.67
N LEU A 36 -0.27 5.84 4.27
CA LEU A 36 0.70 6.65 3.56
C LEU A 36 1.86 5.81 3.03
N GLN A 37 2.21 4.74 3.75
CA GLN A 37 3.26 3.83 3.28
C GLN A 37 2.80 3.04 2.08
N VAL A 38 1.57 2.50 2.11
CA VAL A 38 1.07 1.77 0.94
C VAL A 38 0.85 2.71 -0.23
N VAL A 39 0.51 3.94 0.08
CA VAL A 39 0.44 5.03 -0.88
C VAL A 39 1.80 5.23 -1.54
N LYS A 40 2.84 5.30 -0.72
CA LYS A 40 4.21 5.43 -1.20
C LYS A 40 4.62 4.24 -2.01
N TYR A 41 4.21 3.07 -1.59
CA TYR A 41 4.59 1.86 -2.26
C TYR A 41 4.03 1.84 -3.67
N CYS A 42 2.74 2.14 -3.79
CA CYS A 42 2.07 2.15 -5.08
C CYS A 42 2.67 3.20 -6.02
N THR A 43 2.96 4.35 -5.47
CA THR A 43 3.51 5.43 -6.26
C THR A 43 4.98 5.17 -6.64
N ASP A 44 5.73 4.55 -5.74
CA ASP A 44 7.12 4.17 -6.02
C ASP A 44 7.17 3.08 -7.11
N LEU A 45 6.15 2.19 -7.13
CA LEU A 45 6.02 1.19 -8.19
C LEU A 45 5.87 1.87 -9.54
N ILE A 46 5.14 2.96 -9.56
CA ILE A 46 4.92 3.74 -10.76
C ILE A 46 6.23 4.35 -11.22
N GLU A 47 6.98 4.91 -10.28
CA GLU A 47 8.25 5.54 -10.57
C GLU A 47 9.29 4.54 -11.06
N GLU A 48 9.20 3.31 -10.57
CA GLU A 48 10.06 2.23 -11.03
C GLU A 48 9.50 1.56 -12.28
N LYS A 49 8.34 2.04 -12.73
CA LYS A 49 7.67 1.62 -13.95
C LYS A 49 7.14 0.21 -13.88
N ASP A 50 7.02 -0.32 -12.68
CA ASP A 50 6.54 -1.66 -12.52
C ASP A 50 5.07 -1.64 -12.23
N LEU A 51 4.31 -1.50 -13.27
CA LEU A 51 2.87 -1.43 -13.15
C LEU A 51 2.28 -2.79 -12.95
N GLU A 52 3.08 -3.80 -13.22
CA GLU A 52 2.69 -5.17 -13.06
C GLU A 52 2.48 -5.46 -11.59
N LYS A 53 3.48 -5.14 -10.76
CA LYS A 53 3.37 -5.39 -9.35
C LYS A 53 2.35 -4.42 -8.76
N LEU A 54 2.35 -3.17 -9.26
CA LEU A 54 1.36 -2.16 -8.84
C LEU A 54 -0.06 -2.70 -8.92
N ASP A 55 -0.44 -3.16 -10.11
CA ASP A 55 -1.76 -3.76 -10.36
C ASP A 55 -2.06 -4.90 -9.39
N LEU A 56 -1.04 -5.70 -9.12
CA LEU A 56 -1.19 -6.84 -8.22
C LEU A 56 -1.43 -6.37 -6.78
N VAL A 57 -0.69 -5.35 -6.35
CA VAL A 57 -0.83 -4.81 -4.98
C VAL A 57 -2.20 -4.22 -4.79
N ILE A 58 -2.62 -3.42 -5.77
CA ILE A 58 -3.92 -2.75 -5.73
C ILE A 58 -5.05 -3.76 -5.59
N LYS A 59 -5.03 -4.76 -6.44
CA LYS A 59 -6.04 -5.77 -6.42
C LYS A 59 -5.96 -6.66 -5.20
N TYR A 60 -4.75 -6.89 -4.71
CA TYR A 60 -4.55 -7.70 -3.51
C TYR A 60 -5.10 -6.96 -2.30
N MET A 61 -4.82 -5.66 -2.23
CA MET A 61 -5.34 -4.84 -1.15
C MET A 61 -6.83 -4.77 -1.22
N LYS A 62 -7.39 -4.76 -2.42
CA LYS A 62 -8.84 -4.77 -2.63
C LYS A 62 -9.45 -6.01 -1.98
N ARG A 63 -8.86 -7.17 -2.29
CA ARG A 63 -9.30 -8.47 -1.77
C ARG A 63 -9.41 -8.43 -0.26
N LEU A 64 -8.45 -7.80 0.35
CA LEU A 64 -8.39 -7.68 1.78
C LEU A 64 -9.32 -6.57 2.30
N MET A 65 -9.17 -5.37 1.76
CA MET A 65 -9.90 -4.18 2.23
C MET A 65 -11.40 -4.29 2.02
N GLN A 66 -11.83 -5.06 1.05
CA GLN A 66 -13.26 -5.21 0.80
C GLN A 66 -13.90 -6.20 1.76
N GLN A 67 -13.08 -6.84 2.58
CA GLN A 67 -13.61 -7.71 3.63
C GLN A 67 -13.91 -6.87 4.85
N SER A 68 -13.26 -5.74 4.92
CA SER A 68 -13.49 -4.80 5.96
C SER A 68 -14.48 -3.76 5.43
N VAL A 69 -15.70 -3.84 5.87
CA VAL A 69 -16.74 -2.97 5.35
C VAL A 69 -16.81 -1.65 6.11
N GLU A 70 -15.84 -1.44 6.97
CA GLU A 70 -15.74 -0.23 7.73
C GLU A 70 -15.32 0.91 6.81
N SER A 71 -15.90 2.07 7.04
CA SER A 71 -15.72 3.24 6.20
C SER A 71 -14.24 3.62 6.06
N VAL A 72 -13.50 3.52 7.15
CA VAL A 72 -12.07 3.82 7.15
C VAL A 72 -11.27 3.04 6.08
N TRP A 73 -11.57 1.77 5.88
CA TRP A 73 -10.86 0.96 4.90
C TRP A 73 -11.33 1.28 3.49
N ASN A 74 -12.61 1.57 3.36
CA ASN A 74 -13.19 1.92 2.07
C ASN A 74 -12.60 3.24 1.59
N MET A 75 -12.53 4.21 2.51
CA MET A 75 -11.92 5.52 2.23
C MET A 75 -10.46 5.38 1.94
N ALA A 76 -9.83 4.50 2.67
CA ALA A 76 -8.40 4.23 2.52
C ALA A 76 -8.08 3.78 1.12
N PHE A 77 -8.74 2.70 0.68
CA PHE A 77 -8.54 2.14 -0.66
C PHE A 77 -8.76 3.20 -1.76
N ASP A 78 -9.78 4.03 -1.58
CA ASP A 78 -10.07 5.09 -2.54
C ASP A 78 -8.94 6.11 -2.56
N PHE A 79 -8.49 6.47 -1.37
CA PHE A 79 -7.38 7.40 -1.20
C PHE A 79 -6.14 6.91 -1.93
N ILE A 80 -5.81 5.65 -1.74
CA ILE A 80 -4.67 5.04 -2.40
C ILE A 80 -4.83 5.11 -3.91
N LEU A 81 -6.01 4.73 -4.40
CA LEU A 81 -6.32 4.78 -5.83
C LEU A 81 -6.05 6.16 -6.41
N ASP A 82 -6.51 7.21 -5.70
CA ASP A 82 -6.30 8.61 -6.13
C ASP A 82 -4.84 8.89 -6.41
N ASN A 83 -3.99 8.54 -5.45
CA ASN A 83 -2.53 8.72 -5.59
C ASN A 83 -2.03 8.07 -6.85
N VAL A 84 -2.42 6.81 -7.03
CA VAL A 84 -2.05 6.04 -8.20
C VAL A 84 -2.53 6.73 -9.48
N GLN A 85 -3.78 7.18 -9.49
CA GLN A 85 -4.36 7.86 -10.66
C GLN A 85 -3.53 9.08 -11.03
N VAL A 86 -3.38 9.98 -10.08
CA VAL A 86 -2.64 11.22 -10.26
C VAL A 86 -1.22 10.96 -10.76
N VAL A 87 -0.49 10.14 -10.03
CA VAL A 87 0.90 9.85 -10.38
C VAL A 87 1.01 9.16 -11.76
N LEU A 88 0.12 8.20 -12.05
CA LEU A 88 0.11 7.56 -13.39
C LEU A 88 -0.16 8.56 -14.48
N GLN A 89 -1.05 9.48 -14.22
CA GLN A 89 -1.38 10.50 -15.17
C GLN A 89 -0.20 11.47 -15.36
N GLN A 90 0.45 11.85 -14.27
CA GLN A 90 1.65 12.69 -14.36
C GLN A 90 2.79 12.01 -15.14
N THR A 91 2.93 10.71 -14.97
CA THR A 91 4.02 9.97 -15.59
C THR A 91 3.67 9.42 -16.98
N TYR A 92 2.68 8.56 -17.04
CA TYR A 92 2.28 7.88 -18.26
C TYR A 92 1.20 8.61 -18.99
N GLY A 93 0.39 9.34 -18.25
CA GLY A 93 -0.81 9.91 -18.83
C GLY A 93 -1.80 8.80 -19.15
N SER A 94 -1.71 7.73 -18.41
CA SER A 94 -2.53 6.57 -18.63
C SER A 94 -2.80 5.89 -17.29
N THR A 95 -4.04 5.70 -16.98
CA THR A 95 -4.43 5.11 -15.72
C THR A 95 -5.15 3.80 -15.96
N LEU A 96 -5.38 3.05 -14.91
CA LEU A 96 -6.17 1.86 -14.98
C LEU A 96 -7.41 2.14 -14.22
N LYS A 97 -8.45 1.42 -14.51
CA LYS A 97 -9.67 1.63 -13.83
C LYS A 97 -9.87 0.48 -12.89
N VAL A 98 -9.71 0.76 -11.64
CA VAL A 98 -9.77 -0.24 -10.64
C VAL A 98 -11.20 -0.45 -10.20
N THR A 99 -11.73 -1.57 -10.58
CA THR A 99 -13.06 -1.92 -10.24
C THR A 99 -13.00 -3.12 -9.31
N GLY B 1 11.80 -4.01 17.14
CA GLY B 1 11.24 -3.05 18.07
C GLY B 1 9.99 -2.44 17.50
N SER B 2 9.19 -1.83 18.33
CA SER B 2 7.99 -1.20 17.86
C SER B 2 8.19 0.31 17.81
N HIS B 3 7.57 0.94 16.86
CA HIS B 3 7.63 2.37 16.70
C HIS B 3 6.33 2.77 16.06
N LYS B 4 5.67 3.77 16.66
CA LYS B 4 4.37 4.27 16.19
C LYS B 4 3.26 3.23 16.38
N LYS B 5 2.08 3.56 15.92
CA LYS B 5 0.93 2.68 15.97
C LYS B 5 0.72 2.10 14.58
N SER B 6 1.68 2.38 13.74
CA SER B 6 1.70 1.93 12.40
C SER B 6 2.21 0.51 12.38
N PHE B 7 1.41 -0.35 11.83
CA PHE B 7 1.72 -1.74 11.69
C PHE B 7 2.95 -1.92 10.83
N PHE B 8 3.01 -1.17 9.75
CA PHE B 8 4.11 -1.28 8.82
C PHE B 8 5.39 -0.68 9.37
N ASP B 9 5.28 0.45 10.06
CA ASP B 9 6.46 1.06 10.68
C ASP B 9 6.98 0.15 11.79
N LYS B 10 6.06 -0.56 12.45
CA LYS B 10 6.42 -1.59 13.41
C LYS B 10 7.20 -2.68 12.71
N LYS B 11 6.61 -3.28 11.66
CA LYS B 11 7.24 -4.38 10.89
C LYS B 11 8.65 -4.02 10.41
N ARG B 12 8.85 -2.78 9.99
CA ARG B 12 10.15 -2.31 9.51
C ARG B 12 11.14 -2.22 10.68
N SER B 13 10.64 -1.89 11.84
CA SER B 13 11.44 -1.78 13.03
C SER B 13 11.67 -3.18 13.63
N GLU B 14 10.77 -4.09 13.36
CA GLU B 14 10.86 -5.47 13.78
C GLU B 14 11.89 -6.23 12.94
N ARG B 15 12.18 -5.71 11.78
CA ARG B 15 13.14 -6.34 10.89
C ARG B 15 14.49 -5.61 10.91
N LYS B 16 14.77 -4.91 12.01
CA LYS B 16 16.05 -4.24 12.20
C LYS B 16 17.08 -5.19 12.81
N TRP B 17 16.79 -6.47 12.73
CA TRP B 17 17.66 -7.55 13.17
C TRP B 17 19.06 -7.45 12.58
N GLY A 1 16.02 10.08 -9.46
CA GLY A 1 16.20 8.65 -9.30
C GLY A 1 15.41 8.16 -8.13
N HIS A 2 15.06 6.91 -8.11
CA HIS A 2 14.27 6.36 -7.02
C HIS A 2 14.96 5.22 -6.34
N MET A 3 14.67 5.07 -5.07
CA MET A 3 15.11 3.92 -4.34
C MET A 3 14.02 2.88 -4.55
N ALA A 4 14.34 1.62 -4.43
CA ALA A 4 13.41 0.57 -4.79
C ALA A 4 12.17 0.58 -3.91
N PRO A 5 10.99 0.37 -4.49
CA PRO A 5 9.74 0.37 -3.74
C PRO A 5 9.69 -0.80 -2.78
N ASN A 6 9.59 -0.51 -1.52
CA ASN A 6 9.56 -1.53 -0.51
C ASN A 6 8.61 -1.17 0.58
N LEU A 7 8.04 -2.19 1.14
CA LEU A 7 7.09 -2.05 2.21
C LEU A 7 7.70 -2.70 3.43
N ALA A 8 8.05 -1.88 4.41
CA ALA A 8 8.80 -2.30 5.62
C ALA A 8 10.16 -2.95 5.23
N GLY A 9 10.57 -2.66 4.01
CA GLY A 9 11.82 -3.13 3.47
C GLY A 9 11.63 -4.32 2.53
N ALA A 10 10.38 -4.76 2.40
CA ALA A 10 10.05 -5.89 1.56
C ALA A 10 9.78 -5.45 0.13
N VAL A 11 10.52 -6.00 -0.79
CA VAL A 11 10.35 -5.73 -2.21
C VAL A 11 9.50 -6.83 -2.87
N GLU A 12 9.76 -8.08 -2.49
CA GLU A 12 8.99 -9.23 -3.00
C GLU A 12 7.53 -9.08 -2.66
N PHE A 13 6.67 -9.21 -3.66
CA PHE A 13 5.24 -9.04 -3.49
C PHE A 13 4.68 -10.07 -2.51
N ASN A 14 5.18 -11.28 -2.57
CA ASN A 14 4.74 -12.35 -1.64
C ASN A 14 4.93 -11.94 -0.18
N ASP A 15 6.05 -11.32 0.11
CA ASP A 15 6.38 -10.88 1.47
C ASP A 15 5.49 -9.70 1.83
N VAL A 16 5.24 -8.88 0.82
CA VAL A 16 4.34 -7.73 0.90
C VAL A 16 2.92 -8.18 1.26
N LYS A 17 2.47 -9.28 0.65
CA LYS A 17 1.15 -9.82 0.90
C LYS A 17 0.97 -10.20 2.36
N THR A 18 1.96 -10.88 2.90
CA THR A 18 1.96 -11.25 4.30
C THR A 18 1.91 -9.99 5.22
N LEU A 19 2.52 -8.92 4.78
CA LEU A 19 2.51 -7.70 5.55
C LEU A 19 1.14 -7.05 5.46
N LEU A 20 0.62 -6.96 4.23
CA LEU A 20 -0.69 -6.37 3.97
C LEU A 20 -1.80 -7.15 4.66
N ARG A 21 -1.77 -8.46 4.54
CA ARG A 21 -2.83 -9.26 5.11
C ARG A 21 -2.71 -9.37 6.62
N GLU A 22 -1.52 -9.29 7.16
CA GLU A 22 -1.38 -9.39 8.61
C GLU A 22 -1.94 -8.11 9.21
N TRP A 23 -1.66 -7.01 8.52
CA TRP A 23 -2.18 -5.70 8.84
C TRP A 23 -3.70 -5.75 8.88
N ILE A 24 -4.28 -6.24 7.81
CA ILE A 24 -5.73 -6.22 7.68
C ILE A 24 -6.43 -7.32 8.53
N THR A 25 -5.69 -8.31 8.97
CA THR A 25 -6.28 -9.36 9.78
C THR A 25 -6.37 -8.98 11.26
N THR A 26 -5.37 -8.29 11.77
CA THR A 26 -5.36 -7.98 13.18
C THR A 26 -5.59 -6.51 13.48
N ILE A 27 -5.42 -5.67 12.50
CA ILE A 27 -5.65 -4.25 12.68
C ILE A 27 -7.05 -3.94 12.19
N SER A 28 -7.88 -3.49 13.09
CA SER A 28 -9.25 -3.15 12.77
C SER A 28 -9.33 -1.69 12.29
N ASP A 29 -8.41 -0.89 12.77
CA ASP A 29 -8.40 0.53 12.44
C ASP A 29 -6.98 0.94 12.05
N PRO A 30 -6.76 1.20 10.75
CA PRO A 30 -5.44 1.56 10.23
C PRO A 30 -5.02 2.97 10.64
N MET A 31 -3.74 3.18 10.72
CA MET A 31 -3.21 4.47 11.09
C MET A 31 -2.93 5.23 9.81
N GLU A 32 -3.06 6.57 9.82
CA GLU A 32 -2.72 7.38 8.64
C GLU A 32 -1.39 7.00 8.06
N GLU A 33 -0.42 6.82 8.94
CA GLU A 33 0.93 6.39 8.55
C GLU A 33 0.88 5.19 7.60
N ASP A 34 0.07 4.17 7.93
CA ASP A 34 -0.03 2.94 7.12
C ASP A 34 -0.57 3.29 5.76
N ILE A 35 -1.63 4.06 5.78
CA ILE A 35 -2.34 4.48 4.59
C ILE A 35 -1.41 5.27 3.68
N LEU A 36 -0.68 6.19 4.27
CA LEU A 36 0.22 7.06 3.57
C LEU A 36 1.47 6.30 3.06
N GLN A 37 1.73 5.17 3.66
CA GLN A 37 2.84 4.30 3.24
C GLN A 37 2.40 3.43 2.11
N VAL A 38 1.14 3.02 2.12
CA VAL A 38 0.58 2.31 1.00
C VAL A 38 0.56 3.26 -0.20
N VAL A 39 0.27 4.53 0.10
CA VAL A 39 0.35 5.60 -0.87
C VAL A 39 1.77 5.72 -1.42
N LYS A 40 2.73 5.78 -0.52
CA LYS A 40 4.12 5.85 -0.84
C LYS A 40 4.53 4.66 -1.72
N TYR A 41 4.10 3.49 -1.33
CA TYR A 41 4.47 2.26 -2.00
C TYR A 41 3.93 2.27 -3.42
N CYS A 42 2.65 2.56 -3.58
CA CYS A 42 2.01 2.55 -4.87
C CYS A 42 2.63 3.58 -5.81
N THR A 43 2.91 4.76 -5.30
CA THR A 43 3.51 5.79 -6.09
C THR A 43 4.96 5.43 -6.49
N ASP A 44 5.66 4.72 -5.62
CA ASP A 44 7.01 4.25 -5.92
C ASP A 44 6.99 3.20 -7.02
N LEU A 45 5.96 2.33 -7.03
CA LEU A 45 5.82 1.35 -8.12
C LEU A 45 5.58 2.06 -9.44
N ILE A 46 4.83 3.14 -9.39
CA ILE A 46 4.57 3.95 -10.56
C ILE A 46 5.86 4.53 -11.11
N GLU A 47 6.56 5.26 -10.27
CA GLU A 47 7.77 5.97 -10.65
C GLU A 47 8.95 5.04 -10.99
N GLU A 48 8.91 3.82 -10.48
CA GLU A 48 9.89 2.81 -10.82
C GLU A 48 9.41 1.91 -11.95
N LYS A 49 8.29 2.31 -12.56
CA LYS A 49 7.71 1.71 -13.78
C LYS A 49 7.25 0.28 -13.58
N ASP A 50 7.05 -0.13 -12.36
CA ASP A 50 6.66 -1.49 -12.14
C ASP A 50 5.17 -1.56 -11.86
N LEU A 51 4.42 -1.38 -12.91
CA LEU A 51 2.98 -1.29 -12.82
C LEU A 51 2.34 -2.65 -12.70
N GLU A 52 3.10 -3.68 -12.97
CA GLU A 52 2.57 -5.01 -12.87
C GLU A 52 2.37 -5.33 -11.41
N LYS A 53 3.36 -5.00 -10.59
CA LYS A 53 3.27 -5.27 -9.18
C LYS A 53 2.24 -4.32 -8.59
N LEU A 54 2.22 -3.07 -9.07
CA LEU A 54 1.24 -2.08 -8.65
C LEU A 54 -0.18 -2.64 -8.74
N ASP A 55 -0.59 -3.08 -9.93
CA ASP A 55 -1.93 -3.64 -10.13
C ASP A 55 -2.18 -4.84 -9.20
N LEU A 56 -1.15 -5.64 -8.98
CA LEU A 56 -1.24 -6.83 -8.12
C LEU A 56 -1.58 -6.44 -6.69
N VAL A 57 -0.89 -5.41 -6.20
CA VAL A 57 -1.09 -4.89 -4.85
C VAL A 57 -2.51 -4.35 -4.72
N ILE A 58 -2.91 -3.56 -5.71
CA ILE A 58 -4.25 -2.95 -5.75
C ILE A 58 -5.32 -4.04 -5.65
N LYS A 59 -5.23 -5.04 -6.52
CA LYS A 59 -6.18 -6.15 -6.55
C LYS A 59 -6.21 -6.88 -5.21
N TYR A 60 -5.03 -7.10 -4.63
CA TYR A 60 -4.90 -7.85 -3.40
C TYR A 60 -5.49 -7.08 -2.21
N MET A 61 -5.19 -5.78 -2.14
CA MET A 61 -5.71 -4.95 -1.08
C MET A 61 -7.21 -4.84 -1.16
N LYS A 62 -7.74 -4.72 -2.37
CA LYS A 62 -9.18 -4.64 -2.58
C LYS A 62 -9.87 -5.84 -1.96
N ARG A 63 -9.38 -7.03 -2.32
CA ARG A 63 -9.87 -8.30 -1.80
C ARG A 63 -9.98 -8.26 -0.27
N LEU A 64 -8.94 -7.76 0.37
CA LEU A 64 -8.88 -7.73 1.83
C LEU A 64 -9.71 -6.59 2.44
N MET A 65 -9.56 -5.40 1.89
CA MET A 65 -10.23 -4.19 2.41
C MET A 65 -11.75 -4.26 2.33
N GLN A 66 -12.26 -4.98 1.34
CA GLN A 66 -13.69 -5.16 1.23
C GLN A 66 -14.22 -6.17 2.25
N GLN A 67 -13.34 -7.01 2.79
CA GLN A 67 -13.74 -8.01 3.80
C GLN A 67 -14.04 -7.31 5.10
N SER A 68 -13.25 -6.30 5.39
CA SER A 68 -13.41 -5.53 6.60
C SER A 68 -14.58 -4.58 6.46
N VAL A 69 -14.93 -4.32 5.20
CA VAL A 69 -16.01 -3.40 4.67
C VAL A 69 -16.20 -2.02 5.37
N GLU A 70 -15.56 -1.80 6.47
CA GLU A 70 -15.74 -0.61 7.23
C GLU A 70 -15.12 0.59 6.54
N SER A 71 -15.68 1.77 6.82
CA SER A 71 -15.32 3.01 6.17
C SER A 71 -13.83 3.28 6.14
N VAL A 72 -13.16 3.05 7.28
CA VAL A 72 -11.72 3.25 7.39
C VAL A 72 -10.91 2.52 6.31
N TRP A 73 -11.33 1.31 5.96
CA TRP A 73 -10.63 0.54 4.96
C TRP A 73 -11.07 0.92 3.56
N ASN A 74 -12.30 1.33 3.44
CA ASN A 74 -12.84 1.74 2.15
C ASN A 74 -12.27 3.07 1.75
N MET A 75 -12.25 4.02 2.68
CA MET A 75 -11.68 5.34 2.46
C MET A 75 -10.19 5.23 2.19
N ALA A 76 -9.53 4.28 2.87
CA ALA A 76 -8.12 4.02 2.65
C ALA A 76 -7.88 3.63 1.21
N PHE A 77 -8.54 2.57 0.77
CA PHE A 77 -8.39 2.07 -0.59
C PHE A 77 -8.72 3.15 -1.63
N ASP A 78 -9.84 3.85 -1.42
CA ASP A 78 -10.27 4.95 -2.31
C ASP A 78 -9.18 6.00 -2.43
N PHE A 79 -8.67 6.43 -1.28
CA PHE A 79 -7.59 7.40 -1.20
C PHE A 79 -6.38 6.92 -1.98
N ILE A 80 -5.94 5.69 -1.71
CA ILE A 80 -4.79 5.13 -2.40
C ILE A 80 -4.97 5.12 -3.91
N LEU A 81 -6.12 4.62 -4.36
CA LEU A 81 -6.45 4.59 -5.79
C LEU A 81 -6.29 5.96 -6.41
N ASP A 82 -6.83 6.96 -5.75
CA ASP A 82 -6.73 8.37 -6.17
C ASP A 82 -5.30 8.78 -6.40
N ASN A 83 -4.46 8.52 -5.39
CA ASN A 83 -3.03 8.86 -5.47
C ASN A 83 -2.40 8.17 -6.65
N VAL A 84 -2.70 6.89 -6.82
CA VAL A 84 -2.17 6.12 -7.93
C VAL A 84 -2.58 6.75 -9.24
N GLN A 85 -3.87 6.91 -9.42
CA GLN A 85 -4.44 7.44 -10.62
C GLN A 85 -3.89 8.83 -11.00
N VAL A 86 -3.88 9.76 -10.05
CA VAL A 86 -3.33 11.08 -10.34
C VAL A 86 -1.82 11.05 -10.63
N VAL A 87 -1.04 10.36 -9.79
CA VAL A 87 0.41 10.27 -9.97
C VAL A 87 0.78 9.52 -11.28
N LEU A 88 0.06 8.46 -11.59
CA LEU A 88 0.28 7.67 -12.80
C LEU A 88 0.00 8.52 -14.04
N GLN A 89 -0.93 9.43 -13.92
CA GLN A 89 -1.25 10.38 -14.97
C GLN A 89 -0.16 11.43 -15.07
N GLN A 90 0.22 11.98 -13.94
CA GLN A 90 1.29 12.97 -13.87
C GLN A 90 2.59 12.46 -14.46
N THR A 91 2.85 11.20 -14.28
CA THR A 91 4.06 10.61 -14.78
C THR A 91 3.96 10.15 -16.24
N TYR A 92 3.09 9.21 -16.52
CA TYR A 92 3.04 8.60 -17.85
C TYR A 92 1.80 8.99 -18.63
N GLY A 93 0.85 9.61 -17.96
CA GLY A 93 -0.42 9.98 -18.60
C GLY A 93 -1.16 8.79 -19.16
N SER A 94 -0.88 7.64 -18.60
CA SER A 94 -1.45 6.41 -19.03
C SER A 94 -1.76 5.60 -17.77
N THR A 95 -3.00 5.48 -17.45
CA THR A 95 -3.40 4.82 -16.25
C THR A 95 -3.97 3.44 -16.52
N LEU A 96 -4.10 2.66 -15.47
CA LEU A 96 -4.75 1.39 -15.56
C LEU A 96 -6.14 1.58 -15.07
N LYS A 97 -7.00 0.68 -15.35
CA LYS A 97 -8.35 0.85 -14.98
C LYS A 97 -8.68 -0.03 -13.80
N VAL A 98 -8.88 0.59 -12.68
CA VAL A 98 -9.25 -0.10 -11.50
C VAL A 98 -10.74 0.00 -11.30
N THR A 99 -11.37 -1.11 -11.17
CA THR A 99 -12.78 -1.18 -10.93
C THR A 99 -13.01 -2.33 -9.95
N GLY B 1 -2.99 0.64 14.92
CA GLY B 1 -4.09 -0.17 15.41
C GLY B 1 -4.74 0.49 16.59
N SER B 2 -5.14 -0.30 17.58
CA SER B 2 -5.83 0.22 18.75
C SER B 2 -4.92 1.06 19.66
N HIS B 3 -3.64 1.02 19.43
CA HIS B 3 -2.70 1.84 20.19
C HIS B 3 -2.01 2.83 19.27
N LYS B 4 -2.57 2.99 18.08
CA LYS B 4 -2.05 3.87 17.04
C LYS B 4 -0.64 3.51 16.57
N LYS B 5 -0.16 4.29 15.60
CA LYS B 5 1.11 4.07 14.90
C LYS B 5 1.06 2.88 13.96
N SER B 6 1.58 3.10 12.79
CA SER B 6 1.59 2.19 11.69
C SER B 6 2.12 0.80 12.01
N PHE B 7 1.36 -0.15 11.54
CA PHE B 7 1.72 -1.54 11.53
C PHE B 7 3.00 -1.71 10.73
N PHE B 8 3.00 -1.13 9.52
CA PHE B 8 4.15 -1.26 8.62
C PHE B 8 5.37 -0.57 9.17
N ASP B 9 5.17 0.58 9.78
CA ASP B 9 6.27 1.33 10.41
C ASP B 9 6.88 0.47 11.50
N LYS B 10 6.03 -0.21 12.24
CA LYS B 10 6.44 -1.10 13.30
C LYS B 10 7.19 -2.28 12.70
N LYS B 11 6.59 -2.90 11.66
CA LYS B 11 7.23 -4.01 10.95
C LYS B 11 8.58 -3.57 10.37
N ARG B 12 8.70 -2.31 9.97
CA ARG B 12 9.94 -1.80 9.41
C ARG B 12 10.95 -1.53 10.53
N SER B 13 10.46 -1.33 11.73
CA SER B 13 11.31 -1.14 12.89
C SER B 13 11.86 -2.50 13.32
N GLU B 14 11.07 -3.54 13.06
CA GLU B 14 11.45 -4.91 13.34
C GLU B 14 12.34 -5.42 12.21
N ARG B 15 12.30 -4.72 11.10
CA ARG B 15 13.05 -5.07 9.94
C ARG B 15 14.02 -3.99 9.63
N LYS B 16 15.03 -3.90 10.42
CA LYS B 16 16.07 -2.97 10.14
C LYS B 16 17.08 -3.65 9.27
N TRP B 17 16.72 -3.76 8.01
CA TRP B 17 17.57 -4.34 6.99
C TRP B 17 18.90 -3.63 6.99
N GLY A 1 16.82 9.57 -0.56
CA GLY A 1 17.16 8.22 -0.12
C GLY A 1 16.21 7.23 -0.71
N HIS A 2 16.39 6.90 -1.97
CA HIS A 2 15.49 6.04 -2.68
C HIS A 2 15.98 4.61 -2.70
N MET A 3 15.25 3.76 -2.04
CA MET A 3 15.49 2.34 -2.12
C MET A 3 14.55 1.80 -3.13
N ALA A 4 14.78 0.60 -3.57
CA ALA A 4 13.91 -0.02 -4.57
C ALA A 4 12.56 -0.28 -3.93
N PRO A 5 11.44 -0.09 -4.68
CA PRO A 5 10.07 -0.18 -4.16
C PRO A 5 9.84 -1.34 -3.21
N ASN A 6 9.68 -1.00 -1.98
CA ASN A 6 9.52 -1.95 -0.93
C ASN A 6 8.53 -1.45 0.08
N LEU A 7 7.96 -2.36 0.78
CA LEU A 7 7.02 -2.08 1.82
C LEU A 7 7.61 -2.65 3.08
N ALA A 8 8.02 -1.79 4.01
CA ALA A 8 8.70 -2.18 5.27
C ALA A 8 10.00 -2.97 5.01
N GLY A 9 10.44 -2.92 3.78
CA GLY A 9 11.65 -3.59 3.36
C GLY A 9 11.35 -4.77 2.44
N ALA A 10 10.09 -5.09 2.28
CA ALA A 10 9.69 -6.20 1.42
C ALA A 10 9.59 -5.72 0.00
N VAL A 11 10.44 -6.25 -0.84
CA VAL A 11 10.45 -5.87 -2.23
C VAL A 11 9.56 -6.85 -3.01
N GLU A 12 9.76 -8.15 -2.75
CA GLU A 12 8.98 -9.21 -3.37
C GLU A 12 7.51 -9.08 -3.01
N PHE A 13 6.64 -9.18 -4.01
CA PHE A 13 5.21 -9.02 -3.81
C PHE A 13 4.66 -10.05 -2.82
N ASN A 14 5.18 -11.26 -2.87
CA ASN A 14 4.81 -12.33 -1.92
C ASN A 14 4.98 -11.88 -0.45
N ASP A 15 6.11 -11.27 -0.13
CA ASP A 15 6.40 -10.82 1.24
C ASP A 15 5.48 -9.63 1.58
N VAL A 16 5.25 -8.82 0.55
CA VAL A 16 4.36 -7.64 0.63
C VAL A 16 2.94 -8.05 1.02
N LYS A 17 2.43 -9.10 0.39
CA LYS A 17 1.10 -9.60 0.66
C LYS A 17 0.94 -10.00 2.10
N THR A 18 1.91 -10.74 2.61
CA THR A 18 1.96 -11.14 4.01
C THR A 18 1.91 -9.91 4.96
N LEU A 19 2.51 -8.81 4.55
CA LEU A 19 2.52 -7.61 5.35
C LEU A 19 1.15 -6.93 5.30
N LEU A 20 0.63 -6.76 4.09
CA LEU A 20 -0.67 -6.12 3.87
C LEU A 20 -1.76 -6.90 4.58
N ARG A 21 -1.74 -8.20 4.38
CA ARG A 21 -2.74 -9.08 4.92
C ARG A 21 -2.75 -9.09 6.41
N GLU A 22 -1.58 -9.02 7.02
CA GLU A 22 -1.53 -9.06 8.47
C GLU A 22 -2.04 -7.75 9.03
N TRP A 23 -1.69 -6.68 8.35
CA TRP A 23 -2.13 -5.34 8.68
C TRP A 23 -3.66 -5.28 8.67
N ILE A 24 -4.25 -5.79 7.65
CA ILE A 24 -5.70 -5.70 7.47
C ILE A 24 -6.46 -6.73 8.35
N THR A 25 -5.76 -7.74 8.83
CA THR A 25 -6.41 -8.74 9.65
C THR A 25 -6.46 -8.37 11.12
N THR A 26 -5.38 -7.86 11.65
CA THR A 26 -5.33 -7.62 13.09
C THR A 26 -5.52 -6.14 13.45
N ILE A 27 -5.34 -5.27 12.51
CA ILE A 27 -5.53 -3.86 12.75
C ILE A 27 -6.97 -3.50 12.40
N SER A 28 -7.73 -3.09 13.39
CA SER A 28 -9.12 -2.74 13.17
C SER A 28 -9.26 -1.32 12.60
N ASP A 29 -8.33 -0.47 12.93
CA ASP A 29 -8.35 0.91 12.51
C ASP A 29 -6.97 1.32 12.03
N PRO A 30 -6.82 1.57 10.72
CA PRO A 30 -5.53 1.89 10.11
C PRO A 30 -5.01 3.27 10.53
N MET A 31 -3.72 3.35 10.74
CA MET A 31 -3.08 4.57 11.12
C MET A 31 -2.76 5.34 9.86
N GLU A 32 -2.82 6.68 9.95
CA GLU A 32 -2.47 7.56 8.81
C GLU A 32 -1.18 7.15 8.19
N GLU A 33 -0.17 6.96 9.01
CA GLU A 33 1.16 6.56 8.56
C GLU A 33 1.14 5.32 7.67
N ASP A 34 0.27 4.36 7.96
CA ASP A 34 0.17 3.13 7.15
C ASP A 34 -0.47 3.44 5.84
N ILE A 35 -1.52 4.24 5.89
CA ILE A 35 -2.27 4.64 4.72
C ILE A 35 -1.36 5.44 3.79
N LEU A 36 -0.61 6.34 4.37
CA LEU A 36 0.33 7.18 3.64
C LEU A 36 1.44 6.33 3.02
N GLN A 37 1.83 5.29 3.72
CA GLN A 37 2.88 4.39 3.25
C GLN A 37 2.43 3.52 2.12
N VAL A 38 1.22 3.01 2.18
CA VAL A 38 0.71 2.24 1.04
C VAL A 38 0.49 3.15 -0.15
N VAL A 39 0.10 4.38 0.14
CA VAL A 39 -0.01 5.45 -0.85
C VAL A 39 1.35 5.67 -1.53
N LYS A 40 2.35 5.94 -0.72
CA LYS A 40 3.69 6.23 -1.20
C LYS A 40 4.36 5.00 -1.81
N TYR A 41 3.87 3.82 -1.43
CA TYR A 41 4.33 2.59 -2.02
C TYR A 41 3.78 2.47 -3.43
N CYS A 42 2.49 2.70 -3.57
CA CYS A 42 1.83 2.60 -4.86
C CYS A 42 2.43 3.61 -5.83
N THR A 43 2.65 4.82 -5.37
CA THR A 43 3.23 5.83 -6.20
C THR A 43 4.71 5.51 -6.52
N ASP A 44 5.36 4.80 -5.61
CA ASP A 44 6.77 4.42 -5.77
C ASP A 44 6.90 3.40 -6.90
N LEU A 45 5.93 2.47 -6.95
CA LEU A 45 5.87 1.48 -8.04
C LEU A 45 5.64 2.16 -9.38
N ILE A 46 4.89 3.24 -9.35
CA ILE A 46 4.63 4.04 -10.55
C ILE A 46 5.94 4.61 -11.06
N GLU A 47 6.64 5.32 -10.18
CA GLU A 47 7.88 6.00 -10.53
C GLU A 47 8.97 5.01 -10.99
N GLU A 48 8.97 3.81 -10.43
CA GLU A 48 9.96 2.81 -10.83
C GLU A 48 9.45 1.91 -11.97
N LYS A 49 8.34 2.33 -12.58
CA LYS A 49 7.78 1.73 -13.81
C LYS A 49 7.23 0.33 -13.62
N ASP A 50 7.01 -0.09 -12.40
CA ASP A 50 6.51 -1.43 -12.18
C ASP A 50 5.03 -1.34 -11.92
N LEU A 51 4.30 -1.19 -13.00
CA LEU A 51 2.89 -1.00 -12.92
C LEU A 51 2.17 -2.32 -12.80
N GLU A 52 2.89 -3.38 -13.06
CA GLU A 52 2.30 -4.68 -12.98
C GLU A 52 2.12 -5.05 -11.54
N LYS A 53 3.16 -4.78 -10.72
CA LYS A 53 3.08 -5.07 -9.31
C LYS A 53 2.12 -4.08 -8.67
N LEU A 54 2.18 -2.82 -9.14
CA LEU A 54 1.24 -1.77 -8.70
C LEU A 54 -0.19 -2.27 -8.78
N ASP A 55 -0.61 -2.66 -9.99
CA ASP A 55 -1.96 -3.19 -10.21
C ASP A 55 -2.25 -4.39 -9.30
N LEU A 56 -1.26 -5.26 -9.11
CA LEU A 56 -1.41 -6.45 -8.27
C LEU A 56 -1.70 -6.06 -6.82
N VAL A 57 -0.95 -5.09 -6.31
CA VAL A 57 -1.11 -4.59 -4.94
C VAL A 57 -2.51 -4.02 -4.76
N ILE A 58 -2.95 -3.27 -5.76
CA ILE A 58 -4.28 -2.66 -5.76
C ILE A 58 -5.35 -3.75 -5.69
N LYS A 59 -5.24 -4.74 -6.56
CA LYS A 59 -6.18 -5.85 -6.62
C LYS A 59 -6.20 -6.63 -5.30
N TYR A 60 -5.03 -6.80 -4.72
CA TYR A 60 -4.91 -7.55 -3.49
C TYR A 60 -5.48 -6.77 -2.31
N MET A 61 -5.16 -5.49 -2.22
CA MET A 61 -5.68 -4.64 -1.14
C MET A 61 -7.17 -4.54 -1.22
N LYS A 62 -7.69 -4.48 -2.46
CA LYS A 62 -9.13 -4.44 -2.72
C LYS A 62 -9.81 -5.58 -1.99
N ARG A 63 -9.38 -6.79 -2.31
CA ARG A 63 -9.88 -8.03 -1.73
C ARG A 63 -9.96 -7.94 -0.21
N LEU A 64 -8.88 -7.53 0.42
CA LEU A 64 -8.78 -7.51 1.87
C LEU A 64 -9.60 -6.38 2.48
N MET A 65 -9.48 -5.19 1.92
CA MET A 65 -10.16 -4.00 2.43
C MET A 65 -11.67 -4.11 2.37
N GLN A 66 -12.17 -4.90 1.43
CA GLN A 66 -13.60 -5.12 1.35
C GLN A 66 -14.04 -6.09 2.44
N GLN A 67 -13.15 -7.00 2.83
CA GLN A 67 -13.45 -8.02 3.87
C GLN A 67 -13.64 -7.37 5.21
N SER A 68 -12.81 -6.37 5.48
CA SER A 68 -12.87 -5.67 6.75
C SER A 68 -14.07 -4.71 6.79
N VAL A 69 -14.72 -4.58 5.62
CA VAL A 69 -15.98 -3.80 5.29
C VAL A 69 -16.11 -2.34 5.81
N GLU A 70 -15.49 -2.05 6.89
CA GLU A 70 -15.62 -0.78 7.58
C GLU A 70 -15.19 0.40 6.70
N SER A 71 -15.89 1.51 6.90
CA SER A 71 -15.70 2.73 6.12
C SER A 71 -14.23 3.14 6.05
N VAL A 72 -13.50 3.03 7.17
CA VAL A 72 -12.08 3.36 7.19
C VAL A 72 -11.25 2.58 6.16
N TRP A 73 -11.58 1.32 5.95
CA TRP A 73 -10.83 0.50 5.01
C TRP A 73 -11.32 0.73 3.59
N ASN A 74 -12.60 0.98 3.47
CA ASN A 74 -13.19 1.25 2.17
C ASN A 74 -12.74 2.60 1.63
N MET A 75 -12.75 3.63 2.49
CA MET A 75 -12.26 4.95 2.11
C MET A 75 -10.77 4.91 1.84
N ALA A 76 -10.06 4.06 2.59
CA ALA A 76 -8.62 3.91 2.43
C ALA A 76 -8.30 3.47 1.02
N PHE A 77 -8.92 2.39 0.58
CA PHE A 77 -8.71 1.86 -0.76
C PHE A 77 -9.02 2.92 -1.81
N ASP A 78 -10.15 3.61 -1.61
CA ASP A 78 -10.61 4.65 -2.53
C ASP A 78 -9.58 5.78 -2.62
N PHE A 79 -9.12 6.22 -1.45
CA PHE A 79 -8.08 7.22 -1.31
C PHE A 79 -6.82 6.80 -2.05
N ILE A 80 -6.35 5.58 -1.80
CA ILE A 80 -5.17 5.06 -2.49
C ILE A 80 -5.33 5.11 -3.99
N LEU A 81 -6.50 4.67 -4.48
CA LEU A 81 -6.81 4.72 -5.91
C LEU A 81 -6.57 6.08 -6.50
N ASP A 82 -7.10 7.11 -5.86
CA ASP A 82 -6.95 8.51 -6.30
C ASP A 82 -5.50 8.88 -6.47
N ASN A 83 -4.69 8.59 -5.44
CA ASN A 83 -3.25 8.86 -5.47
C ASN A 83 -2.61 8.20 -6.66
N VAL A 84 -2.89 6.92 -6.83
CA VAL A 84 -2.35 6.15 -7.93
C VAL A 84 -2.75 6.78 -9.25
N GLN A 85 -4.04 6.99 -9.41
CA GLN A 85 -4.59 7.53 -10.64
C GLN A 85 -3.95 8.86 -11.03
N VAL A 86 -3.99 9.82 -10.12
CA VAL A 86 -3.43 11.13 -10.41
C VAL A 86 -1.92 11.08 -10.69
N VAL A 87 -1.16 10.40 -9.85
CA VAL A 87 0.29 10.29 -10.02
C VAL A 87 0.65 9.56 -11.31
N LEU A 88 -0.06 8.49 -11.60
CA LEU A 88 0.17 7.67 -12.78
C LEU A 88 -0.15 8.45 -14.06
N GLN A 89 -1.14 9.31 -13.97
CA GLN A 89 -1.52 10.16 -15.07
C GLN A 89 -0.48 11.27 -15.23
N GLN A 90 -0.06 11.86 -14.11
CA GLN A 90 0.98 12.89 -14.12
C GLN A 90 2.28 12.40 -14.73
N THR A 91 2.61 11.16 -14.46
CA THR A 91 3.84 10.58 -14.96
C THR A 91 3.74 10.03 -16.39
N TYR A 92 2.89 9.04 -16.59
CA TYR A 92 2.83 8.37 -17.88
C TYR A 92 1.55 8.69 -18.64
N GLY A 93 0.58 9.22 -17.94
CA GLY A 93 -0.72 9.52 -18.57
C GLY A 93 -1.53 8.28 -18.85
N SER A 94 -1.05 7.16 -18.42
CA SER A 94 -1.68 5.90 -18.66
C SER A 94 -2.07 5.26 -17.35
N THR A 95 -3.33 5.27 -17.03
CA THR A 95 -3.78 4.73 -15.79
C THR A 95 -4.21 3.29 -15.93
N LEU A 96 -4.11 2.53 -14.87
CA LEU A 96 -4.61 1.19 -14.88
C LEU A 96 -6.03 1.22 -14.49
N LYS A 97 -6.86 0.63 -15.28
CA LYS A 97 -8.25 0.59 -15.01
C LYS A 97 -8.46 -0.37 -13.87
N VAL A 98 -8.77 0.17 -12.76
CA VAL A 98 -8.98 -0.61 -11.58
C VAL A 98 -10.39 -1.18 -11.54
N THR A 99 -10.46 -2.47 -11.65
CA THR A 99 -11.68 -3.17 -11.55
C THR A 99 -11.56 -4.18 -10.41
N GLY B 1 -3.62 1.03 21.06
CA GLY B 1 -2.87 1.97 21.87
C GLY B 1 -3.06 3.37 21.36
N SER B 2 -2.82 4.36 22.19
CA SER B 2 -3.06 5.74 21.83
C SER B 2 -2.03 6.28 20.82
N HIS B 3 -0.83 5.74 20.83
CA HIS B 3 0.18 6.18 19.86
C HIS B 3 -0.07 5.51 18.52
N LYS B 4 -0.66 4.30 18.58
CA LYS B 4 -1.03 3.47 17.44
C LYS B 4 0.11 2.93 16.65
N LYS B 5 0.86 3.82 16.13
CA LYS B 5 1.96 3.58 15.23
C LYS B 5 1.58 2.91 13.95
N SER B 6 2.46 2.99 13.04
CA SER B 6 2.32 2.35 11.80
C SER B 6 2.72 0.89 11.94
N PHE B 7 1.87 0.05 11.42
CA PHE B 7 2.11 -1.36 11.34
C PHE B 7 3.33 -1.59 10.46
N PHE B 8 3.41 -0.84 9.36
CA PHE B 8 4.52 -0.99 8.45
C PHE B 8 5.79 -0.41 9.03
N ASP B 9 5.68 0.68 9.80
CA ASP B 9 6.83 1.24 10.53
C ASP B 9 7.38 0.21 11.49
N LYS B 10 6.46 -0.43 12.20
CA LYS B 10 6.79 -1.45 13.18
C LYS B 10 7.53 -2.57 12.46
N LYS B 11 6.94 -3.05 11.37
CA LYS B 11 7.56 -4.09 10.52
C LYS B 11 8.94 -3.67 10.02
N ARG B 12 9.08 -2.43 9.60
CA ARG B 12 10.32 -1.95 9.03
C ARG B 12 11.38 -1.78 10.12
N SER B 13 10.92 -1.65 11.35
CA SER B 13 11.82 -1.51 12.47
C SER B 13 12.29 -2.89 12.97
N GLU B 14 11.42 -3.90 12.86
CA GLU B 14 11.76 -5.26 13.28
C GLU B 14 12.66 -5.95 12.25
N ARG B 15 12.70 -5.41 11.07
CA ARG B 15 13.46 -6.02 10.01
C ARG B 15 14.74 -5.31 9.82
N LYS B 16 15.74 -5.81 10.47
CA LYS B 16 17.02 -5.22 10.38
C LYS B 16 17.87 -5.97 9.38
N TRP B 17 17.50 -5.80 8.14
CA TRP B 17 18.23 -6.32 7.00
C TRP B 17 19.68 -5.83 7.07
N GLY A 1 17.78 8.70 -4.69
CA GLY A 1 18.41 7.45 -5.06
C GLY A 1 17.38 6.44 -5.44
N HIS A 2 17.71 5.52 -6.33
CA HIS A 2 16.73 4.56 -6.78
C HIS A 2 16.74 3.31 -5.93
N MET A 3 15.84 3.26 -5.00
CA MET A 3 15.64 2.06 -4.20
C MET A 3 14.59 1.22 -4.86
N ALA A 4 14.51 -0.01 -4.52
CA ALA A 4 13.49 -0.86 -5.06
C ALA A 4 12.21 -0.59 -4.30
N PRO A 5 11.06 -0.58 -4.97
CA PRO A 5 9.77 -0.36 -4.32
C PRO A 5 9.57 -1.38 -3.23
N ASN A 6 9.41 -0.92 -2.02
CA ASN A 6 9.33 -1.78 -0.90
C ASN A 6 8.33 -1.28 0.10
N LEU A 7 7.88 -2.17 0.91
CA LEU A 7 6.94 -1.90 1.98
C LEU A 7 7.58 -2.41 3.25
N ALA A 8 7.93 -1.48 4.14
CA ALA A 8 8.69 -1.78 5.39
C ALA A 8 10.05 -2.43 5.05
N GLY A 9 10.44 -2.24 3.81
CA GLY A 9 11.68 -2.73 3.29
C GLY A 9 11.50 -3.98 2.44
N ALA A 10 10.31 -4.56 2.49
CA ALA A 10 10.01 -5.78 1.76
C ALA A 10 9.69 -5.44 0.32
N VAL A 11 10.47 -5.99 -0.56
CA VAL A 11 10.34 -5.74 -1.98
C VAL A 11 9.48 -6.81 -2.63
N GLU A 12 9.76 -8.07 -2.30
CA GLU A 12 9.04 -9.19 -2.88
C GLU A 12 7.57 -9.18 -2.51
N PHE A 13 6.73 -9.35 -3.50
CA PHE A 13 5.29 -9.26 -3.35
C PHE A 13 4.77 -10.29 -2.36
N ASN A 14 5.34 -11.49 -2.36
CA ASN A 14 4.99 -12.54 -1.38
C ASN A 14 5.11 -12.06 0.05
N ASP A 15 6.18 -11.34 0.35
CA ASP A 15 6.39 -10.85 1.70
C ASP A 15 5.46 -9.68 1.96
N VAL A 16 5.25 -8.88 0.91
CA VAL A 16 4.35 -7.73 0.94
C VAL A 16 2.91 -8.15 1.27
N LYS A 17 2.46 -9.21 0.62
CA LYS A 17 1.13 -9.76 0.87
C LYS A 17 0.97 -10.16 2.31
N THR A 18 1.96 -10.84 2.84
CA THR A 18 2.01 -11.24 4.24
C THR A 18 1.91 -9.99 5.18
N LEU A 19 2.45 -8.88 4.74
CA LEU A 19 2.41 -7.66 5.52
C LEU A 19 1.01 -7.05 5.42
N LEU A 20 0.53 -6.91 4.20
CA LEU A 20 -0.78 -6.32 3.93
C LEU A 20 -1.88 -7.11 4.59
N ARG A 21 -1.84 -8.41 4.43
CA ARG A 21 -2.87 -9.27 4.96
C ARG A 21 -2.85 -9.33 6.47
N GLU A 22 -1.67 -9.23 7.08
CA GLU A 22 -1.62 -9.26 8.53
C GLU A 22 -2.18 -7.95 9.04
N TRP A 23 -1.83 -6.88 8.35
CA TRP A 23 -2.30 -5.54 8.65
C TRP A 23 -3.82 -5.49 8.63
N ILE A 24 -4.38 -5.99 7.57
CA ILE A 24 -5.83 -5.88 7.37
C ILE A 24 -6.60 -6.90 8.24
N THR A 25 -5.92 -7.86 8.81
CA THR A 25 -6.60 -8.81 9.67
C THR A 25 -6.40 -8.52 11.17
N THR A 26 -5.26 -7.95 11.52
CA THR A 26 -4.96 -7.71 12.93
C THR A 26 -5.35 -6.29 13.35
N ILE A 27 -5.22 -5.38 12.42
CA ILE A 27 -5.52 -3.99 12.68
C ILE A 27 -6.96 -3.75 12.27
N SER A 28 -7.77 -3.29 13.18
CA SER A 28 -9.17 -3.03 12.90
C SER A 28 -9.37 -1.69 12.19
N ASP A 29 -8.50 -0.76 12.44
CA ASP A 29 -8.60 0.58 11.88
C ASP A 29 -7.22 1.04 11.48
N PRO A 30 -6.97 1.20 10.17
CA PRO A 30 -5.64 1.58 9.67
C PRO A 30 -5.24 2.96 10.14
N MET A 31 -4.01 3.13 10.54
CA MET A 31 -3.55 4.38 11.05
C MET A 31 -3.13 5.23 9.86
N GLU A 32 -3.27 6.55 9.97
CA GLU A 32 -2.92 7.49 8.89
C GLU A 32 -1.53 7.21 8.30
N GLU A 33 -0.54 7.02 9.18
CA GLU A 33 0.81 6.67 8.78
C GLU A 33 0.84 5.43 7.90
N ASP A 34 0.03 4.43 8.23
CA ASP A 34 -0.03 3.18 7.44
C ASP A 34 -0.58 3.46 6.07
N ILE A 35 -1.60 4.29 6.04
CA ILE A 35 -2.28 4.65 4.82
C ILE A 35 -1.29 5.37 3.91
N LEU A 36 -0.56 6.31 4.47
CA LEU A 36 0.42 7.07 3.73
C LEU A 36 1.58 6.19 3.25
N GLN A 37 1.90 5.17 4.03
CA GLN A 37 2.95 4.23 3.67
C GLN A 37 2.56 3.36 2.50
N VAL A 38 1.33 2.85 2.49
CA VAL A 38 0.88 2.09 1.32
C VAL A 38 0.69 3.01 0.12
N VAL A 39 0.35 4.24 0.39
CA VAL A 39 0.32 5.30 -0.60
C VAL A 39 1.71 5.48 -1.23
N LYS A 40 2.70 5.69 -0.38
CA LYS A 40 4.08 5.89 -0.81
C LYS A 40 4.62 4.66 -1.50
N TYR A 41 4.09 3.52 -1.13
CA TYR A 41 4.44 2.30 -1.77
C TYR A 41 3.91 2.29 -3.20
N CYS A 42 2.62 2.54 -3.37
CA CYS A 42 1.98 2.49 -4.67
C CYS A 42 2.58 3.53 -5.62
N THR A 43 2.84 4.72 -5.12
CA THR A 43 3.40 5.76 -5.93
C THR A 43 4.86 5.43 -6.31
N ASP A 44 5.54 4.73 -5.42
CA ASP A 44 6.91 4.33 -5.64
C ASP A 44 6.99 3.24 -6.71
N LEU A 45 5.99 2.34 -6.73
CA LEU A 45 5.90 1.34 -7.81
C LEU A 45 5.77 2.04 -9.15
N ILE A 46 5.06 3.14 -9.17
CA ILE A 46 4.87 3.93 -10.37
C ILE A 46 6.21 4.56 -10.78
N GLU A 47 6.88 5.17 -9.81
CA GLU A 47 8.15 5.85 -10.05
C GLU A 47 9.23 4.90 -10.54
N GLU A 48 9.28 3.72 -9.97
CA GLU A 48 10.28 2.76 -10.36
C GLU A 48 9.81 1.89 -11.53
N LYS A 49 8.69 2.30 -12.15
CA LYS A 49 8.15 1.73 -13.40
C LYS A 49 7.60 0.32 -13.24
N ASP A 50 7.47 -0.15 -12.02
CA ASP A 50 7.02 -1.49 -11.76
C ASP A 50 5.52 -1.50 -11.60
N LEU A 51 4.86 -1.42 -12.72
CA LEU A 51 3.42 -1.38 -12.75
C LEU A 51 2.85 -2.77 -12.61
N GLU A 52 3.71 -3.77 -12.81
CA GLU A 52 3.33 -5.16 -12.64
C GLU A 52 2.90 -5.37 -11.21
N LYS A 53 3.79 -5.01 -10.29
CA LYS A 53 3.56 -5.22 -8.91
C LYS A 53 2.48 -4.28 -8.43
N LEU A 54 2.50 -3.02 -8.91
CA LEU A 54 1.47 -2.04 -8.58
C LEU A 54 0.07 -2.62 -8.78
N ASP A 55 -0.19 -3.07 -10.01
CA ASP A 55 -1.49 -3.67 -10.37
C ASP A 55 -1.86 -4.82 -9.45
N LEU A 56 -0.87 -5.64 -9.11
CA LEU A 56 -1.07 -6.79 -8.23
C LEU A 56 -1.44 -6.35 -6.81
N VAL A 57 -0.71 -5.38 -6.30
CA VAL A 57 -0.92 -4.86 -4.95
C VAL A 57 -2.30 -4.24 -4.81
N ILE A 58 -2.68 -3.44 -5.81
CA ILE A 58 -3.98 -2.78 -5.82
C ILE A 58 -5.11 -3.82 -5.74
N LYS A 59 -5.03 -4.81 -6.61
CA LYS A 59 -6.01 -5.89 -6.65
C LYS A 59 -6.03 -6.68 -5.35
N TYR A 60 -4.85 -6.91 -4.79
CA TYR A 60 -4.74 -7.69 -3.58
C TYR A 60 -5.34 -6.93 -2.40
N MET A 61 -5.02 -5.64 -2.30
CA MET A 61 -5.55 -4.81 -1.24
C MET A 61 -7.05 -4.73 -1.33
N LYS A 62 -7.57 -4.59 -2.55
CA LYS A 62 -9.01 -4.52 -2.80
C LYS A 62 -9.72 -5.73 -2.20
N ARG A 63 -9.13 -6.88 -2.45
CA ARG A 63 -9.66 -8.16 -1.99
C ARG A 63 -9.79 -8.16 -0.47
N LEU A 64 -8.81 -7.60 0.21
CA LEU A 64 -8.80 -7.57 1.68
C LEU A 64 -9.59 -6.36 2.25
N MET A 65 -9.55 -5.24 1.57
CA MET A 65 -10.28 -4.03 2.00
C MET A 65 -11.78 -4.29 1.97
N GLN A 66 -12.21 -5.03 0.97
CA GLN A 66 -13.63 -5.23 0.76
C GLN A 66 -14.06 -6.43 1.56
N GLN A 67 -13.06 -7.19 1.94
CA GLN A 67 -13.18 -8.37 2.73
C GLN A 67 -13.62 -7.96 4.13
N SER A 68 -13.11 -6.82 4.55
CA SER A 68 -13.42 -6.30 5.86
C SER A 68 -14.64 -5.39 5.79
N VAL A 69 -15.03 -5.08 4.56
CA VAL A 69 -16.15 -4.14 4.13
C VAL A 69 -16.33 -2.83 4.94
N GLU A 70 -15.54 -2.59 5.94
CA GLU A 70 -15.70 -1.43 6.77
C GLU A 70 -15.34 -0.16 6.02
N SER A 71 -15.93 0.93 6.43
CA SER A 71 -15.78 2.23 5.83
C SER A 71 -14.33 2.64 5.71
N VAL A 72 -13.62 2.61 6.83
CA VAL A 72 -12.22 3.00 6.91
C VAL A 72 -11.29 2.27 5.93
N TRP A 73 -11.55 1.01 5.67
CA TRP A 73 -10.72 0.27 4.73
C TRP A 73 -11.08 0.66 3.30
N ASN A 74 -12.36 0.85 3.06
CA ASN A 74 -12.83 1.31 1.76
C ASN A 74 -12.34 2.74 1.47
N MET A 75 -12.37 3.60 2.51
CA MET A 75 -11.80 4.95 2.45
C MET A 75 -10.36 4.91 2.07
N ALA A 76 -9.63 4.10 2.80
CA ALA A 76 -8.20 3.93 2.60
C ALA A 76 -7.91 3.50 1.18
N PHE A 77 -8.59 2.47 0.71
CA PHE A 77 -8.43 1.99 -0.65
C PHE A 77 -8.64 3.11 -1.68
N ASP A 78 -9.72 3.86 -1.51
CA ASP A 78 -10.04 4.99 -2.39
C ASP A 78 -8.95 6.05 -2.36
N PHE A 79 -8.51 6.37 -1.15
CA PHE A 79 -7.41 7.31 -0.93
C PHE A 79 -6.22 6.88 -1.78
N ILE A 80 -5.81 5.63 -1.62
CA ILE A 80 -4.70 5.08 -2.39
C ILE A 80 -4.95 5.19 -3.89
N LEU A 81 -6.14 4.79 -4.33
CA LEU A 81 -6.54 4.87 -5.73
C LEU A 81 -6.30 6.24 -6.30
N ASP A 82 -6.80 7.26 -5.61
CA ASP A 82 -6.64 8.67 -6.02
C ASP A 82 -5.21 8.99 -6.32
N ASN A 83 -4.32 8.67 -5.38
CA ASN A 83 -2.87 8.86 -5.54
C ASN A 83 -2.40 8.20 -6.80
N VAL A 84 -2.68 6.91 -6.94
CA VAL A 84 -2.29 6.13 -8.09
C VAL A 84 -2.80 6.74 -9.40
N GLN A 85 -4.08 7.12 -9.43
CA GLN A 85 -4.69 7.74 -10.62
C GLN A 85 -3.91 8.99 -11.01
N VAL A 86 -3.84 9.94 -10.10
CA VAL A 86 -3.16 11.21 -10.32
C VAL A 86 -1.71 10.99 -10.78
N VAL A 87 -0.97 10.24 -10.01
CA VAL A 87 0.44 9.98 -10.31
C VAL A 87 0.63 9.28 -11.65
N LEU A 88 -0.21 8.28 -11.97
CA LEU A 88 -0.15 7.59 -13.28
C LEU A 88 -0.38 8.57 -14.42
N GLN A 89 -1.28 9.48 -14.22
CA GLN A 89 -1.57 10.49 -15.21
C GLN A 89 -0.42 11.52 -15.32
N GLN A 90 0.16 11.85 -14.20
CA GLN A 90 1.34 12.72 -14.20
C GLN A 90 2.53 12.06 -14.92
N THR A 91 2.72 10.79 -14.71
CA THR A 91 3.85 10.11 -15.29
C THR A 91 3.58 9.58 -16.70
N TYR A 92 2.64 8.67 -16.82
CA TYR A 92 2.35 8.00 -18.07
C TYR A 92 1.24 8.68 -18.83
N GLY A 93 0.46 9.49 -18.15
CA GLY A 93 -0.69 10.10 -18.79
C GLY A 93 -1.75 9.09 -19.11
N SER A 94 -1.74 8.01 -18.35
CA SER A 94 -2.64 6.90 -18.56
C SER A 94 -2.93 6.25 -17.22
N THR A 95 -4.19 6.22 -16.86
CA THR A 95 -4.61 5.63 -15.62
C THR A 95 -5.23 4.28 -15.86
N LEU A 96 -5.31 3.47 -14.82
CA LEU A 96 -5.99 2.21 -14.92
C LEU A 96 -7.31 2.34 -14.26
N LYS A 97 -8.24 1.52 -14.64
CA LYS A 97 -9.55 1.58 -14.10
C LYS A 97 -9.69 0.51 -13.05
N VAL A 98 -9.71 0.93 -11.82
CA VAL A 98 -9.84 0.01 -10.71
C VAL A 98 -11.25 0.08 -10.17
N THR A 99 -12.06 -0.85 -10.58
CA THR A 99 -13.42 -0.89 -10.16
C THR A 99 -13.66 -2.25 -9.53
N GLY B 1 2.39 1.11 23.93
CA GLY B 1 2.75 -0.29 23.67
C GLY B 1 4.10 -0.39 23.01
N SER B 2 4.40 -1.52 22.45
CA SER B 2 5.65 -1.72 21.78
C SER B 2 5.52 -1.29 20.32
N HIS B 3 6.38 -0.36 19.90
CA HIS B 3 6.32 0.25 18.58
C HIS B 3 5.07 1.11 18.44
N LYS B 4 4.82 1.61 17.26
CA LYS B 4 3.64 2.41 17.02
C LYS B 4 2.41 1.56 16.79
N LYS B 5 1.31 2.22 16.53
CA LYS B 5 0.06 1.57 16.19
C LYS B 5 -0.03 1.46 14.68
N SER B 6 0.99 2.00 14.06
CA SER B 6 1.19 1.92 12.67
C SER B 6 1.89 0.62 12.41
N PHE B 7 1.23 -0.21 11.69
CA PHE B 7 1.69 -1.52 11.37
C PHE B 7 2.98 -1.47 10.55
N PHE B 8 3.02 -0.62 9.55
CA PHE B 8 4.15 -0.59 8.64
C PHE B 8 5.36 0.07 9.25
N ASP B 9 5.15 1.12 10.03
CA ASP B 9 6.26 1.77 10.76
C ASP B 9 6.91 0.76 11.68
N LYS B 10 6.07 -0.06 12.31
CA LYS B 10 6.51 -1.14 13.18
C LYS B 10 7.40 -2.10 12.42
N LYS B 11 6.87 -2.63 11.33
CA LYS B 11 7.58 -3.58 10.50
C LYS B 11 8.89 -2.99 9.96
N ARG B 12 8.89 -1.69 9.66
CA ARG B 12 10.07 -1.03 9.10
C ARG B 12 11.14 -0.83 10.18
N SER B 13 10.71 -0.77 11.42
CA SER B 13 11.63 -0.60 12.53
C SER B 13 12.29 -1.95 12.87
N GLU B 14 11.57 -3.02 12.63
CA GLU B 14 12.07 -4.38 12.90
C GLU B 14 12.91 -4.86 11.75
N ARG B 15 12.75 -4.23 10.62
CA ARG B 15 13.39 -4.67 9.42
C ARG B 15 14.34 -3.66 8.92
N LYS B 16 15.52 -3.75 9.38
CA LYS B 16 16.56 -2.91 8.91
C LYS B 16 17.42 -3.70 7.95
N TRP B 17 16.84 -3.89 6.78
CA TRP B 17 17.44 -4.61 5.66
C TRP B 17 18.79 -4.03 5.30
N GLY A 1 13.14 10.88 -2.73
CA GLY A 1 14.14 10.01 -3.34
C GLY A 1 13.49 8.72 -3.75
N HIS A 2 14.21 7.87 -4.46
CA HIS A 2 13.66 6.61 -4.92
C HIS A 2 14.31 5.42 -4.29
N MET A 3 13.59 4.33 -4.29
CA MET A 3 14.04 3.07 -3.78
C MET A 3 13.57 2.03 -4.74
N ALA A 4 13.98 0.83 -4.54
CA ALA A 4 13.37 -0.24 -5.24
C ALA A 4 12.08 -0.47 -4.50
N PRO A 5 10.95 -0.52 -5.20
CA PRO A 5 9.62 -0.53 -4.58
C PRO A 5 9.49 -1.55 -3.46
N ASN A 6 9.37 -1.03 -2.27
CA ASN A 6 9.33 -1.85 -1.10
C ASN A 6 8.34 -1.32 -0.11
N LEU A 7 7.87 -2.20 0.70
CA LEU A 7 6.94 -1.88 1.75
C LEU A 7 7.56 -2.30 3.07
N ALA A 8 7.98 -1.31 3.86
CA ALA A 8 8.67 -1.52 5.16
C ALA A 8 10.03 -2.19 4.94
N GLY A 9 10.45 -2.18 3.70
CA GLY A 9 11.69 -2.75 3.27
C GLY A 9 11.50 -4.03 2.49
N ALA A 10 10.26 -4.47 2.35
CA ALA A 10 9.94 -5.70 1.64
C ALA A 10 9.77 -5.46 0.16
N VAL A 11 10.59 -6.09 -0.63
CA VAL A 11 10.51 -5.98 -2.06
C VAL A 11 9.69 -7.12 -2.68
N GLU A 12 9.96 -8.35 -2.26
CA GLU A 12 9.22 -9.54 -2.71
C GLU A 12 7.74 -9.39 -2.47
N PHE A 13 6.96 -9.57 -3.51
CA PHE A 13 5.52 -9.45 -3.44
C PHE A 13 4.95 -10.43 -2.42
N ASN A 14 5.54 -11.63 -2.34
CA ASN A 14 5.19 -12.62 -1.31
C ASN A 14 5.16 -12.02 0.08
N ASP A 15 6.23 -11.34 0.44
CA ASP A 15 6.35 -10.80 1.78
C ASP A 15 5.45 -9.59 1.93
N VAL A 16 5.28 -8.86 0.84
CA VAL A 16 4.39 -7.71 0.77
C VAL A 16 2.94 -8.15 1.07
N LYS A 17 2.53 -9.23 0.43
CA LYS A 17 1.20 -9.80 0.62
C LYS A 17 1.00 -10.26 2.05
N THR A 18 2.08 -10.67 2.65
CA THR A 18 2.04 -11.16 4.00
C THR A 18 1.88 -9.97 4.97
N LEU A 19 2.45 -8.84 4.58
CA LEU A 19 2.41 -7.63 5.38
C LEU A 19 1.04 -7.01 5.26
N LEU A 20 0.57 -6.90 4.02
CA LEU A 20 -0.71 -6.30 3.72
C LEU A 20 -1.83 -7.07 4.38
N ARG A 21 -1.84 -8.38 4.19
CA ARG A 21 -2.89 -9.19 4.75
C ARG A 21 -2.83 -9.23 6.26
N GLU A 22 -1.65 -9.16 6.81
CA GLU A 22 -1.53 -9.21 8.25
C GLU A 22 -2.07 -7.92 8.83
N TRP A 23 -1.74 -6.82 8.18
CA TRP A 23 -2.20 -5.50 8.52
C TRP A 23 -3.72 -5.46 8.51
N ILE A 24 -4.28 -5.89 7.43
CA ILE A 24 -5.73 -5.77 7.21
C ILE A 24 -6.53 -6.79 8.04
N THR A 25 -5.86 -7.79 8.56
CA THR A 25 -6.56 -8.75 9.37
C THR A 25 -6.39 -8.49 10.86
N THR A 26 -5.22 -8.01 11.27
CA THR A 26 -4.94 -7.81 12.69
C THR A 26 -5.32 -6.39 13.13
N ILE A 27 -5.32 -5.48 12.20
CA ILE A 27 -5.61 -4.10 12.47
C ILE A 27 -7.05 -3.84 12.07
N SER A 28 -7.83 -3.37 13.00
CA SER A 28 -9.22 -3.09 12.76
C SER A 28 -9.40 -1.67 12.20
N ASP A 29 -8.47 -0.77 12.52
CA ASP A 29 -8.54 0.61 12.07
C ASP A 29 -7.19 1.06 11.61
N PRO A 30 -7.02 1.39 10.34
CA PRO A 30 -5.74 1.82 9.79
C PRO A 30 -5.38 3.23 10.27
N MET A 31 -4.13 3.44 10.61
CA MET A 31 -3.71 4.74 11.02
C MET A 31 -3.13 5.48 9.83
N GLU A 32 -3.20 6.81 9.88
CA GLU A 32 -2.70 7.70 8.83
C GLU A 32 -1.33 7.29 8.32
N GLU A 33 -0.37 7.09 9.24
CA GLU A 33 0.99 6.66 8.88
C GLU A 33 0.98 5.43 7.97
N ASP A 34 0.17 4.43 8.28
CA ASP A 34 0.10 3.21 7.44
C ASP A 34 -0.51 3.50 6.11
N ILE A 35 -1.50 4.35 6.11
CA ILE A 35 -2.17 4.75 4.88
C ILE A 35 -1.18 5.46 3.96
N LEU A 36 -0.41 6.36 4.53
CA LEU A 36 0.61 7.09 3.81
C LEU A 36 1.67 6.14 3.26
N GLN A 37 2.01 5.16 4.05
CA GLN A 37 3.02 4.16 3.71
C GLN A 37 2.60 3.27 2.56
N VAL A 38 1.35 2.82 2.53
CA VAL A 38 0.87 2.05 1.38
C VAL A 38 0.74 2.93 0.15
N VAL A 39 0.39 4.18 0.39
CA VAL A 39 0.37 5.21 -0.63
C VAL A 39 1.75 5.34 -1.28
N LYS A 40 2.77 5.54 -0.44
CA LYS A 40 4.15 5.69 -0.91
C LYS A 40 4.59 4.47 -1.69
N TYR A 41 4.17 3.31 -1.24
CA TYR A 41 4.52 2.08 -1.88
C TYR A 41 3.94 2.05 -3.29
N CYS A 42 2.64 2.30 -3.41
CA CYS A 42 1.95 2.27 -4.69
C CYS A 42 2.56 3.29 -5.67
N THR A 43 2.86 4.48 -5.17
CA THR A 43 3.44 5.52 -6.01
C THR A 43 4.85 5.14 -6.50
N ASP A 44 5.58 4.42 -5.65
CA ASP A 44 6.94 4.03 -5.94
C ASP A 44 6.96 2.95 -7.02
N LEU A 45 5.93 2.09 -7.01
CA LEU A 45 5.76 1.08 -8.07
C LEU A 45 5.56 1.77 -9.40
N ILE A 46 4.78 2.83 -9.39
CA ILE A 46 4.48 3.61 -10.57
C ILE A 46 5.74 4.19 -11.15
N GLU A 47 6.44 4.95 -10.32
CA GLU A 47 7.63 5.67 -10.73
C GLU A 47 8.77 4.74 -11.13
N GLU A 48 8.88 3.59 -10.47
CA GLU A 48 9.89 2.60 -10.84
C GLU A 48 9.41 1.67 -11.93
N LYS A 49 8.28 2.03 -12.53
CA LYS A 49 7.74 1.39 -13.73
C LYS A 49 7.29 -0.04 -13.54
N ASP A 50 7.11 -0.46 -12.30
CA ASP A 50 6.65 -1.81 -12.08
C ASP A 50 5.16 -1.77 -11.88
N LEU A 51 4.47 -1.68 -12.97
CA LEU A 51 3.04 -1.60 -12.95
C LEU A 51 2.42 -2.96 -12.82
N GLU A 52 3.23 -3.99 -13.00
CA GLU A 52 2.76 -5.34 -12.90
C GLU A 52 2.54 -5.67 -11.45
N LYS A 53 3.51 -5.30 -10.62
CA LYS A 53 3.38 -5.52 -9.20
C LYS A 53 2.32 -4.59 -8.66
N LEU A 54 2.32 -3.33 -9.15
CA LEU A 54 1.30 -2.34 -8.74
C LEU A 54 -0.10 -2.90 -8.93
N ASP A 55 -0.39 -3.32 -10.15
CA ASP A 55 -1.68 -3.91 -10.55
C ASP A 55 -2.06 -5.07 -9.60
N LEU A 56 -1.07 -5.89 -9.27
CA LEU A 56 -1.29 -7.04 -8.39
C LEU A 56 -1.57 -6.59 -6.95
N VAL A 57 -0.80 -5.61 -6.48
CA VAL A 57 -0.93 -5.08 -5.11
C VAL A 57 -2.28 -4.44 -4.93
N ILE A 58 -2.67 -3.60 -5.88
CA ILE A 58 -3.92 -2.87 -5.83
C ILE A 58 -5.10 -3.82 -5.67
N LYS A 59 -5.15 -4.81 -6.53
CA LYS A 59 -6.22 -5.78 -6.53
C LYS A 59 -6.15 -6.68 -5.30
N TYR A 60 -4.96 -6.94 -4.81
CA TYR A 60 -4.78 -7.77 -3.64
C TYR A 60 -5.26 -7.04 -2.39
N MET A 61 -4.90 -5.75 -2.29
CA MET A 61 -5.34 -4.92 -1.17
C MET A 61 -6.83 -4.79 -1.18
N LYS A 62 -7.40 -4.73 -2.37
CA LYS A 62 -8.84 -4.64 -2.55
C LYS A 62 -9.50 -5.82 -1.86
N ARG A 63 -9.08 -7.03 -2.24
CA ARG A 63 -9.58 -8.30 -1.70
C ARG A 63 -9.55 -8.28 -0.18
N LEU A 64 -8.51 -7.71 0.36
CA LEU A 64 -8.33 -7.63 1.78
C LEU A 64 -9.23 -6.56 2.41
N MET A 65 -9.14 -5.35 1.89
CA MET A 65 -9.86 -4.19 2.40
C MET A 65 -11.36 -4.36 2.35
N GLN A 66 -11.87 -5.06 1.32
CA GLN A 66 -13.30 -5.29 1.22
C GLN A 66 -13.79 -6.14 2.39
N GLN A 67 -12.93 -7.05 2.85
CA GLN A 67 -13.26 -7.96 3.93
C GLN A 67 -13.35 -7.23 5.25
N SER A 68 -12.69 -6.09 5.35
CA SER A 68 -12.73 -5.33 6.57
C SER A 68 -14.00 -4.49 6.66
N VAL A 69 -14.73 -4.43 5.55
CA VAL A 69 -16.08 -3.77 5.34
C VAL A 69 -16.29 -2.32 5.84
N GLU A 70 -15.60 -1.94 6.86
CA GLU A 70 -15.76 -0.67 7.49
C GLU A 70 -15.40 0.47 6.54
N SER A 71 -16.01 1.60 6.78
CA SER A 71 -15.88 2.75 5.94
C SER A 71 -14.43 3.19 5.78
N VAL A 72 -13.70 3.29 6.89
CA VAL A 72 -12.29 3.72 6.85
C VAL A 72 -11.42 2.86 5.95
N TRP A 73 -11.73 1.57 5.83
CA TRP A 73 -10.95 0.68 4.96
C TRP A 73 -11.32 0.88 3.51
N ASN A 74 -12.57 1.18 3.26
CA ASN A 74 -13.02 1.37 1.91
C ASN A 74 -12.56 2.73 1.39
N MET A 75 -12.61 3.72 2.30
CA MET A 75 -12.11 5.07 2.05
C MET A 75 -10.65 5.04 1.79
N ALA A 76 -9.97 4.26 2.57
CA ALA A 76 -8.51 4.09 2.46
C ALA A 76 -8.15 3.60 1.08
N PHE A 77 -8.79 2.49 0.65
CA PHE A 77 -8.56 1.94 -0.68
C PHE A 77 -8.79 3.00 -1.75
N ASP A 78 -9.91 3.72 -1.63
CA ASP A 78 -10.25 4.80 -2.55
C ASP A 78 -9.15 5.87 -2.59
N PHE A 79 -8.71 6.28 -1.41
CA PHE A 79 -7.62 7.24 -1.29
C PHE A 79 -6.36 6.73 -1.98
N ILE A 80 -5.96 5.50 -1.71
CA ILE A 80 -4.79 4.93 -2.35
C ILE A 80 -4.94 4.95 -3.87
N LEU A 81 -6.10 4.51 -4.36
CA LEU A 81 -6.42 4.53 -5.79
C LEU A 81 -6.18 5.89 -6.39
N ASP A 82 -6.70 6.91 -5.72
CA ASP A 82 -6.57 8.31 -6.15
C ASP A 82 -5.12 8.68 -6.35
N ASN A 83 -4.30 8.42 -5.34
CA ASN A 83 -2.85 8.72 -5.41
C ASN A 83 -2.25 8.06 -6.61
N VAL A 84 -2.59 6.80 -6.82
CA VAL A 84 -2.16 6.04 -7.96
C VAL A 84 -2.57 6.73 -9.27
N GLN A 85 -3.83 7.14 -9.35
CA GLN A 85 -4.37 7.83 -10.54
C GLN A 85 -3.54 9.08 -10.84
N VAL A 86 -3.45 9.96 -9.84
CA VAL A 86 -2.71 11.22 -9.92
C VAL A 86 -1.26 11.00 -10.37
N VAL A 87 -0.55 10.17 -9.65
CA VAL A 87 0.85 9.88 -9.94
C VAL A 87 1.02 9.23 -11.34
N LEU A 88 0.12 8.31 -11.71
CA LEU A 88 0.14 7.70 -13.06
C LEU A 88 -0.04 8.75 -14.14
N GLN A 89 -0.90 9.70 -13.88
CA GLN A 89 -1.16 10.78 -14.79
C GLN A 89 0.05 11.69 -14.91
N GLN A 90 0.64 12.04 -13.80
CA GLN A 90 1.87 12.83 -13.78
C GLN A 90 2.99 12.14 -14.55
N THR A 91 3.14 10.85 -14.35
CA THR A 91 4.22 10.11 -14.92
C THR A 91 4.00 9.73 -16.39
N TYR A 92 2.96 8.96 -16.65
CA TYR A 92 2.71 8.44 -17.97
C TYR A 92 1.53 9.09 -18.64
N GLY A 93 0.71 9.78 -17.86
CA GLY A 93 -0.52 10.32 -18.43
C GLY A 93 -1.48 9.22 -18.82
N SER A 94 -1.41 8.14 -18.09
CA SER A 94 -2.22 6.98 -18.33
C SER A 94 -2.53 6.36 -16.98
N THR A 95 -3.79 6.20 -16.68
CA THR A 95 -4.20 5.67 -15.43
C THR A 95 -4.55 4.19 -15.52
N LEU A 96 -4.69 3.56 -14.38
CA LEU A 96 -5.11 2.19 -14.31
C LEU A 96 -6.50 2.13 -13.84
N LYS A 97 -7.27 1.33 -14.49
CA LYS A 97 -8.66 1.21 -14.22
C LYS A 97 -8.88 0.20 -13.12
N VAL A 98 -9.22 0.70 -11.96
CA VAL A 98 -9.50 -0.15 -10.86
C VAL A 98 -10.99 -0.15 -10.61
N THR A 99 -11.64 -1.15 -11.11
CA THR A 99 -13.04 -1.30 -10.95
C THR A 99 -13.32 -2.80 -10.83
N GLY B 1 2.05 0.00 23.21
CA GLY B 1 2.74 -1.26 22.88
C GLY B 1 4.22 -1.04 22.90
N SER B 2 4.95 -1.91 22.23
CA SER B 2 6.40 -1.79 22.14
C SER B 2 6.77 -1.00 20.88
N HIS B 3 5.78 -0.76 20.06
CA HIS B 3 5.93 0.02 18.85
C HIS B 3 4.72 0.91 18.69
N LYS B 4 4.64 1.60 17.58
CA LYS B 4 3.52 2.48 17.26
C LYS B 4 2.25 1.69 16.96
N LYS B 5 1.24 2.42 16.52
CA LYS B 5 -0.01 1.82 16.07
C LYS B 5 0.09 1.53 14.59
N SER B 6 1.12 2.06 14.02
CA SER B 6 1.37 1.98 12.63
C SER B 6 2.13 0.71 12.31
N PHE B 7 1.47 -0.14 11.59
CA PHE B 7 1.90 -1.48 11.27
C PHE B 7 3.16 -1.52 10.41
N PHE B 8 3.19 -0.77 9.33
CA PHE B 8 4.34 -0.82 8.42
C PHE B 8 5.51 -0.04 8.98
N ASP B 9 5.17 0.83 9.90
CA ASP B 9 6.18 1.61 10.59
C ASP B 9 6.90 0.67 11.53
N LYS B 10 6.10 -0.14 12.19
CA LYS B 10 6.54 -1.17 13.09
C LYS B 10 7.38 -2.18 12.33
N LYS B 11 6.86 -2.66 11.20
CA LYS B 11 7.56 -3.61 10.35
C LYS B 11 8.91 -3.08 9.90
N ARG B 12 8.97 -1.80 9.54
CA ARG B 12 10.23 -1.18 9.11
C ARG B 12 11.20 -1.12 10.29
N SER B 13 10.67 -0.86 11.47
CA SER B 13 11.46 -0.75 12.68
C SER B 13 12.04 -2.12 13.07
N GLU B 14 11.31 -3.18 12.80
CA GLU B 14 11.77 -4.53 13.08
C GLU B 14 12.76 -5.01 12.03
N ARG B 15 12.76 -4.35 10.91
CA ARG B 15 13.57 -4.77 9.80
C ARG B 15 14.80 -3.95 9.64
N LYS B 16 15.87 -4.44 10.23
CA LYS B 16 17.16 -3.81 10.06
C LYS B 16 17.89 -4.44 8.89
N TRP B 17 17.46 -4.11 7.72
CA TRP B 17 18.08 -4.58 6.51
C TRP B 17 19.04 -3.52 6.01
N GLY A 1 21.39 4.99 -9.53
CA GLY A 1 20.97 3.61 -9.40
C GLY A 1 19.47 3.54 -9.24
N HIS A 2 18.99 2.54 -8.55
CA HIS A 2 17.57 2.42 -8.27
C HIS A 2 17.32 2.25 -6.81
N MET A 3 16.25 2.81 -6.36
CA MET A 3 15.75 2.57 -5.03
C MET A 3 14.49 1.79 -5.19
N ALA A 4 14.59 0.53 -4.90
CA ALA A 4 13.55 -0.42 -5.22
C ALA A 4 12.34 -0.22 -4.36
N PRO A 5 11.14 -0.30 -4.96
CA PRO A 5 9.88 -0.13 -4.23
C PRO A 5 9.77 -1.12 -3.09
N ASN A 6 9.71 -0.60 -1.90
CA ASN A 6 9.67 -1.44 -0.73
C ASN A 6 8.67 -0.95 0.27
N LEU A 7 8.13 -1.88 0.97
CA LEU A 7 7.17 -1.61 2.00
C LEU A 7 7.80 -2.08 3.29
N ALA A 8 8.24 -1.13 4.09
CA ALA A 8 8.98 -1.37 5.37
C ALA A 8 10.35 -2.04 5.10
N GLY A 9 10.68 -2.12 3.82
CA GLY A 9 11.89 -2.74 3.37
C GLY A 9 11.62 -3.93 2.47
N ALA A 10 10.40 -4.43 2.50
CA ALA A 10 10.01 -5.57 1.69
C ALA A 10 9.81 -5.15 0.25
N VAL A 11 10.64 -5.67 -0.62
CA VAL A 11 10.56 -5.38 -2.02
C VAL A 11 9.73 -6.41 -2.75
N GLU A 12 10.00 -7.67 -2.49
CA GLU A 12 9.27 -8.77 -3.11
C GLU A 12 7.82 -8.76 -2.69
N PHE A 13 6.94 -8.94 -3.67
CA PHE A 13 5.50 -8.86 -3.48
C PHE A 13 5.03 -9.87 -2.44
N ASN A 14 5.58 -11.06 -2.47
CA ASN A 14 5.29 -12.12 -1.49
C ASN A 14 5.42 -11.66 -0.05
N ASP A 15 6.49 -10.94 0.26
CA ASP A 15 6.71 -10.50 1.64
C ASP A 15 5.81 -9.29 1.92
N VAL A 16 5.55 -8.53 0.87
CA VAL A 16 4.64 -7.39 0.90
C VAL A 16 3.23 -7.85 1.26
N LYS A 17 2.81 -8.96 0.67
CA LYS A 17 1.50 -9.53 0.95
C LYS A 17 1.38 -9.92 2.40
N THR A 18 2.41 -10.57 2.92
CA THR A 18 2.48 -10.92 4.34
C THR A 18 2.26 -9.66 5.23
N LEU A 19 2.78 -8.54 4.77
CA LEU A 19 2.66 -7.29 5.51
C LEU A 19 1.25 -6.75 5.41
N LEU A 20 0.76 -6.64 4.19
CA LEU A 20 -0.55 -6.08 3.90
C LEU A 20 -1.64 -6.91 4.55
N ARG A 21 -1.56 -8.21 4.39
CA ARG A 21 -2.58 -9.09 4.87
C ARG A 21 -2.61 -9.14 6.37
N GLU A 22 -1.46 -9.05 7.02
CA GLU A 22 -1.44 -9.09 8.47
C GLU A 22 -2.04 -7.79 8.98
N TRP A 23 -1.70 -6.71 8.29
CA TRP A 23 -2.19 -5.38 8.60
C TRP A 23 -3.72 -5.34 8.55
N ILE A 24 -4.27 -5.87 7.50
CA ILE A 24 -5.71 -5.81 7.30
C ILE A 24 -6.46 -6.83 8.17
N THR A 25 -5.76 -7.81 8.68
CA THR A 25 -6.41 -8.80 9.51
C THR A 25 -6.23 -8.54 11.02
N THR A 26 -5.13 -7.90 11.40
CA THR A 26 -4.89 -7.65 12.82
C THR A 26 -5.32 -6.24 13.23
N ILE A 27 -5.29 -5.34 12.29
CA ILE A 27 -5.63 -3.97 12.53
C ILE A 27 -7.06 -3.75 12.08
N SER A 28 -7.90 -3.33 12.96
CA SER A 28 -9.28 -3.08 12.63
C SER A 28 -9.45 -1.63 12.16
N ASP A 29 -8.60 -0.77 12.66
CA ASP A 29 -8.64 0.65 12.36
C ASP A 29 -7.26 1.13 11.99
N PRO A 30 -7.01 1.31 10.69
CA PRO A 30 -5.69 1.67 10.17
C PRO A 30 -5.32 3.12 10.47
N MET A 31 -4.05 3.37 10.73
CA MET A 31 -3.59 4.72 10.93
C MET A 31 -3.34 5.37 9.64
N GLU A 32 -3.48 6.67 9.65
CA GLU A 32 -3.16 7.49 8.49
C GLU A 32 -1.78 7.16 8.03
N GLU A 33 -0.85 7.13 8.97
CA GLU A 33 0.53 6.77 8.72
C GLU A 33 0.67 5.47 7.91
N ASP A 34 -0.10 4.47 8.27
CA ASP A 34 -0.06 3.19 7.56
C ASP A 34 -0.65 3.33 6.18
N ILE A 35 -1.77 4.04 6.09
CA ILE A 35 -2.46 4.24 4.83
C ILE A 35 -1.58 5.04 3.88
N LEU A 36 -0.97 6.08 4.41
CA LEU A 36 -0.10 6.97 3.66
C LEU A 36 1.13 6.22 3.18
N GLN A 37 1.57 5.26 3.94
CA GLN A 37 2.70 4.42 3.56
C GLN A 37 2.34 3.48 2.44
N VAL A 38 1.11 3.01 2.45
CA VAL A 38 0.58 2.20 1.36
C VAL A 38 0.47 3.09 0.12
N VAL A 39 0.01 4.31 0.35
CA VAL A 39 -0.12 5.34 -0.66
C VAL A 39 1.23 5.59 -1.34
N LYS A 40 2.22 5.88 -0.52
CA LYS A 40 3.56 6.17 -0.98
C LYS A 40 4.22 4.96 -1.59
N TYR A 41 3.80 3.78 -1.16
CA TYR A 41 4.29 2.55 -1.73
C TYR A 41 3.77 2.42 -3.14
N CYS A 42 2.48 2.67 -3.33
CA CYS A 42 1.87 2.56 -4.63
C CYS A 42 2.49 3.55 -5.62
N THR A 43 2.73 4.76 -5.16
CA THR A 43 3.32 5.78 -5.99
C THR A 43 4.81 5.45 -6.26
N ASP A 44 5.41 4.73 -5.32
CA ASP A 44 6.79 4.27 -5.41
C ASP A 44 6.92 3.27 -6.55
N LEU A 45 5.93 2.37 -6.67
CA LEU A 45 5.86 1.43 -7.78
C LEU A 45 5.69 2.15 -9.11
N ILE A 46 4.93 3.25 -9.08
CA ILE A 46 4.68 4.02 -10.30
C ILE A 46 5.95 4.71 -10.78
N GLU A 47 6.62 5.41 -9.88
CA GLU A 47 7.83 6.14 -10.22
C GLU A 47 8.98 5.21 -10.60
N GLU A 48 9.02 4.02 -10.00
CA GLU A 48 10.03 3.01 -10.34
C GLU A 48 9.54 2.10 -11.49
N LYS A 49 8.38 2.46 -12.07
CA LYS A 49 7.82 1.81 -13.27
C LYS A 49 7.41 0.35 -13.10
N ASP A 50 7.23 -0.09 -11.89
CA ASP A 50 6.83 -1.46 -11.65
C ASP A 50 5.33 -1.52 -11.44
N LEU A 51 4.62 -1.38 -12.52
CA LEU A 51 3.17 -1.36 -12.51
C LEU A 51 2.63 -2.75 -12.39
N GLU A 52 3.45 -3.72 -12.76
CA GLU A 52 3.11 -5.12 -12.66
C GLU A 52 2.78 -5.44 -11.21
N LYS A 53 3.72 -5.11 -10.33
CA LYS A 53 3.54 -5.37 -8.93
C LYS A 53 2.44 -4.48 -8.39
N LEU A 54 2.41 -3.22 -8.85
CA LEU A 54 1.40 -2.25 -8.43
C LEU A 54 -0.02 -2.81 -8.61
N ASP A 55 -0.34 -3.25 -9.83
CA ASP A 55 -1.67 -3.79 -10.11
C ASP A 55 -1.99 -4.99 -9.24
N LEU A 56 -0.97 -5.80 -8.98
CA LEU A 56 -1.12 -6.97 -8.13
C LEU A 56 -1.44 -6.54 -6.70
N VAL A 57 -0.73 -5.52 -6.21
CA VAL A 57 -0.95 -4.97 -4.87
C VAL A 57 -2.37 -4.42 -4.76
N ILE A 58 -2.77 -3.64 -5.75
CA ILE A 58 -4.10 -3.03 -5.80
C ILE A 58 -5.18 -4.11 -5.67
N LYS A 59 -5.11 -5.12 -6.52
CA LYS A 59 -6.08 -6.21 -6.50
C LYS A 59 -6.03 -6.96 -5.19
N TYR A 60 -4.84 -7.18 -4.67
CA TYR A 60 -4.67 -7.95 -3.46
C TYR A 60 -5.27 -7.21 -2.27
N MET A 61 -5.01 -5.91 -2.20
CA MET A 61 -5.55 -5.08 -1.13
C MET A 61 -7.05 -5.00 -1.24
N LYS A 62 -7.52 -4.86 -2.47
CA LYS A 62 -8.95 -4.75 -2.78
C LYS A 62 -9.69 -5.94 -2.19
N ARG A 63 -9.22 -7.12 -2.55
CA ARG A 63 -9.75 -8.40 -2.05
C ARG A 63 -9.82 -8.43 -0.51
N LEU A 64 -8.77 -7.97 0.16
CA LEU A 64 -8.71 -7.98 1.63
C LEU A 64 -9.59 -6.87 2.22
N MET A 65 -9.56 -5.73 1.58
CA MET A 65 -10.34 -4.57 2.00
C MET A 65 -11.83 -4.78 1.85
N GLN A 66 -12.24 -5.75 1.04
CA GLN A 66 -13.65 -6.07 0.91
C GLN A 66 -14.07 -7.06 2.00
N GLN A 67 -13.10 -7.55 2.77
CA GLN A 67 -13.40 -8.40 3.90
C GLN A 67 -13.79 -7.48 5.05
N SER A 68 -13.04 -6.40 5.17
CA SER A 68 -13.29 -5.39 6.13
C SER A 68 -14.38 -4.47 5.58
N VAL A 69 -15.60 -4.64 6.03
CA VAL A 69 -16.73 -3.89 5.48
C VAL A 69 -16.82 -2.48 6.03
N GLU A 70 -15.90 -2.15 6.90
CA GLU A 70 -15.85 -0.85 7.50
C GLU A 70 -15.44 0.20 6.46
N SER A 71 -16.09 1.36 6.56
CA SER A 71 -15.87 2.44 5.64
C SER A 71 -14.42 2.90 5.63
N VAL A 72 -13.78 2.89 6.79
CA VAL A 72 -12.38 3.29 6.92
C VAL A 72 -11.45 2.57 5.91
N TRP A 73 -11.68 1.29 5.68
CA TRP A 73 -10.86 0.53 4.75
C TRP A 73 -11.29 0.79 3.33
N ASN A 74 -12.58 0.87 3.12
CA ASN A 74 -13.12 1.10 1.80
C ASN A 74 -12.73 2.47 1.24
N MET A 75 -12.87 3.50 2.08
CA MET A 75 -12.46 4.88 1.74
C MET A 75 -11.00 4.95 1.51
N ALA A 76 -10.27 4.25 2.35
CA ALA A 76 -8.81 4.20 2.27
C ALA A 76 -8.38 3.68 0.93
N PHE A 77 -8.98 2.58 0.48
CA PHE A 77 -8.67 1.99 -0.81
C PHE A 77 -8.87 3.02 -1.93
N ASP A 78 -10.00 3.72 -1.91
CA ASP A 78 -10.27 4.76 -2.92
C ASP A 78 -9.24 5.87 -2.82
N PHE A 79 -8.91 6.25 -1.59
CA PHE A 79 -7.87 7.23 -1.30
C PHE A 79 -6.58 6.86 -1.99
N ILE A 80 -6.15 5.64 -1.77
CA ILE A 80 -4.94 5.12 -2.40
C ILE A 80 -5.07 5.13 -3.91
N LEU A 81 -6.21 4.66 -4.43
CA LEU A 81 -6.46 4.64 -5.87
C LEU A 81 -6.29 6.00 -6.49
N ASP A 82 -6.83 7.03 -5.84
CA ASP A 82 -6.71 8.43 -6.31
C ASP A 82 -5.27 8.81 -6.51
N ASN A 83 -4.46 8.55 -5.49
CA ASN A 83 -3.02 8.82 -5.55
C ASN A 83 -2.41 8.14 -6.76
N VAL A 84 -2.75 6.87 -6.92
CA VAL A 84 -2.30 6.07 -8.04
C VAL A 84 -2.72 6.71 -9.36
N GLN A 85 -3.99 7.11 -9.47
CA GLN A 85 -4.52 7.77 -10.67
C GLN A 85 -3.69 9.00 -11.01
N VAL A 86 -3.65 9.93 -10.06
CA VAL A 86 -2.93 11.19 -10.21
C VAL A 86 -1.48 10.95 -10.63
N VAL A 87 -0.79 10.14 -9.88
CA VAL A 87 0.61 9.86 -10.16
C VAL A 87 0.81 9.12 -11.51
N LEU A 88 -0.04 8.14 -11.84
CA LEU A 88 0.03 7.44 -13.14
C LEU A 88 -0.15 8.42 -14.29
N GLN A 89 -1.03 9.34 -14.09
CA GLN A 89 -1.32 10.35 -15.06
C GLN A 89 -0.17 11.36 -15.18
N GLN A 90 0.40 11.75 -14.06
CA GLN A 90 1.58 12.61 -14.07
C GLN A 90 2.80 11.93 -14.71
N THR A 91 2.88 10.62 -14.60
CA THR A 91 4.00 9.89 -15.12
C THR A 91 3.80 9.43 -16.57
N TYR A 92 2.80 8.61 -16.79
CA TYR A 92 2.55 8.02 -18.10
C TYR A 92 1.46 8.77 -18.83
N GLY A 93 0.63 9.50 -18.09
CA GLY A 93 -0.54 10.09 -18.70
C GLY A 93 -1.56 9.03 -19.04
N SER A 94 -1.45 7.93 -18.36
CA SER A 94 -2.28 6.78 -18.59
C SER A 94 -2.65 6.22 -17.23
N THR A 95 -3.92 5.99 -17.02
CA THR A 95 -4.38 5.51 -15.74
C THR A 95 -5.15 4.22 -15.90
N LEU A 96 -5.20 3.44 -14.86
CA LEU A 96 -6.02 2.27 -14.85
C LEU A 96 -7.19 2.58 -14.01
N LYS A 97 -8.35 2.36 -14.52
CA LYS A 97 -9.53 2.69 -13.77
C LYS A 97 -9.91 1.48 -12.97
N VAL A 98 -9.68 1.55 -11.71
CA VAL A 98 -9.97 0.47 -10.83
C VAL A 98 -11.43 0.54 -10.42
N THR A 99 -12.23 -0.12 -11.20
CA THR A 99 -13.64 -0.21 -11.03
C THR A 99 -14.03 -1.50 -11.74
N GLY B 1 10.36 8.15 14.34
CA GLY B 1 11.11 6.96 13.96
C GLY B 1 10.16 5.84 13.66
N SER B 2 10.63 4.79 13.02
CA SER B 2 9.76 3.70 12.66
C SER B 2 9.45 2.80 13.85
N HIS B 3 8.46 3.19 14.61
CA HIS B 3 7.90 2.40 15.69
C HIS B 3 6.43 2.72 15.73
N LYS B 4 6.11 3.90 16.28
CA LYS B 4 4.75 4.47 16.32
C LYS B 4 3.72 3.45 16.80
N LYS B 5 2.50 3.64 16.39
CA LYS B 5 1.44 2.70 16.62
C LYS B 5 1.00 2.17 15.24
N SER B 6 1.80 2.54 14.26
CA SER B 6 1.62 2.17 12.92
C SER B 6 2.22 0.81 12.66
N PHE B 7 1.48 0.02 11.95
CA PHE B 7 1.84 -1.33 11.63
C PHE B 7 3.12 -1.40 10.79
N PHE B 8 3.17 -0.64 9.72
CA PHE B 8 4.29 -0.73 8.78
C PHE B 8 5.58 -0.22 9.37
N ASP B 9 5.50 0.84 10.14
CA ASP B 9 6.68 1.37 10.82
C ASP B 9 7.25 0.36 11.79
N LYS B 10 6.36 -0.30 12.49
CA LYS B 10 6.72 -1.30 13.47
C LYS B 10 7.33 -2.53 12.79
N LYS B 11 6.76 -2.93 11.68
CA LYS B 11 7.33 -4.00 10.87
C LYS B 11 8.75 -3.66 10.41
N ARG B 12 8.96 -2.42 10.04
CA ARG B 12 10.27 -1.96 9.58
C ARG B 12 11.30 -2.05 10.70
N SER B 13 10.92 -1.61 11.90
CA SER B 13 11.81 -1.69 13.06
C SER B 13 12.22 -3.13 13.39
N GLU B 14 11.33 -4.08 13.14
CA GLU B 14 11.62 -5.46 13.44
C GLU B 14 12.50 -6.09 12.38
N ARG B 15 12.47 -5.55 11.18
CA ARG B 15 13.21 -6.14 10.10
C ARG B 15 14.58 -5.50 9.92
N LYS B 16 15.31 -5.48 11.02
CA LYS B 16 16.68 -5.09 11.01
C LYS B 16 17.49 -6.35 11.12
N TRP B 17 17.65 -6.97 10.01
CA TRP B 17 18.34 -8.23 9.89
C TRP B 17 19.81 -8.03 10.18
N GLY A 1 16.47 10.21 -7.79
CA GLY A 1 16.43 8.77 -8.02
C GLY A 1 15.53 8.11 -7.01
N HIS A 2 15.16 6.89 -7.27
CA HIS A 2 14.35 6.15 -6.34
C HIS A 2 15.00 4.86 -5.95
N MET A 3 14.67 4.39 -4.78
CA MET A 3 15.12 3.10 -4.30
C MET A 3 14.15 2.06 -4.81
N ALA A 4 14.46 0.82 -4.62
CA ALA A 4 13.59 -0.24 -5.07
C ALA A 4 12.30 -0.20 -4.26
N PRO A 5 11.13 -0.48 -4.90
CA PRO A 5 9.84 -0.39 -4.22
C PRO A 5 9.74 -1.38 -3.09
N ASN A 6 9.55 -0.87 -1.90
CA ASN A 6 9.49 -1.71 -0.75
C ASN A 6 8.47 -1.21 0.23
N LEU A 7 7.93 -2.14 0.94
CA LEU A 7 6.93 -1.91 1.95
C LEU A 7 7.51 -2.46 3.22
N ALA A 8 7.74 -1.59 4.20
CA ALA A 8 8.40 -1.94 5.47
C ALA A 8 9.83 -2.49 5.23
N GLY A 9 10.33 -2.25 4.04
CA GLY A 9 11.65 -2.68 3.65
C GLY A 9 11.62 -3.99 2.89
N ALA A 10 10.43 -4.48 2.62
CA ALA A 10 10.25 -5.71 1.87
C ALA A 10 9.99 -5.39 0.42
N VAL A 11 10.80 -5.92 -0.46
CA VAL A 11 10.65 -5.68 -1.88
C VAL A 11 9.81 -6.81 -2.48
N GLU A 12 10.06 -8.01 -1.98
CA GLU A 12 9.34 -9.20 -2.39
C GLU A 12 7.85 -9.07 -2.18
N PHE A 13 7.10 -9.15 -3.27
CA PHE A 13 5.65 -9.04 -3.25
C PHE A 13 5.01 -10.15 -2.41
N ASN A 14 5.73 -11.23 -2.25
CA ASN A 14 5.22 -12.36 -1.50
C ASN A 14 5.14 -11.96 -0.03
N ASP A 15 6.19 -11.28 0.43
CA ASP A 15 6.25 -10.83 1.81
C ASP A 15 5.31 -9.64 2.01
N VAL A 16 5.17 -8.86 0.95
CA VAL A 16 4.28 -7.69 0.92
C VAL A 16 2.84 -8.11 1.19
N LYS A 17 2.42 -9.19 0.56
CA LYS A 17 1.09 -9.71 0.75
C LYS A 17 0.89 -10.13 2.20
N THR A 18 1.86 -10.83 2.74
CA THR A 18 1.85 -11.24 4.13
C THR A 18 1.78 -10.01 5.07
N LEU A 19 2.41 -8.91 4.67
CA LEU A 19 2.39 -7.67 5.45
C LEU A 19 1.00 -7.09 5.43
N LEU A 20 0.46 -6.94 4.23
CA LEU A 20 -0.86 -6.36 4.02
C LEU A 20 -1.93 -7.19 4.70
N ARG A 21 -1.91 -8.47 4.46
CA ARG A 21 -2.92 -9.37 4.96
C ARG A 21 -2.85 -9.51 6.47
N GLU A 22 -1.67 -9.43 7.05
CA GLU A 22 -1.55 -9.54 8.49
C GLU A 22 -2.05 -8.25 9.09
N TRP A 23 -1.68 -7.14 8.46
CA TRP A 23 -2.10 -5.81 8.83
C TRP A 23 -3.61 -5.75 8.92
N ILE A 24 -4.24 -6.17 7.88
CA ILE A 24 -5.68 -6.06 7.79
C ILE A 24 -6.40 -7.04 8.73
N THR A 25 -5.85 -8.23 8.91
CA THR A 25 -6.46 -9.19 9.82
C THR A 25 -6.23 -8.86 11.31
N THR A 26 -5.12 -8.22 11.64
CA THR A 26 -4.82 -7.93 13.04
C THR A 26 -5.22 -6.52 13.45
N ILE A 27 -5.11 -5.59 12.53
CA ILE A 27 -5.38 -4.20 12.81
C ILE A 27 -6.81 -3.90 12.37
N SER A 28 -7.62 -3.47 13.30
CA SER A 28 -9.02 -3.20 13.05
C SER A 28 -9.22 -1.90 12.24
N ASP A 29 -8.34 -0.94 12.44
CA ASP A 29 -8.45 0.36 11.79
C ASP A 29 -7.06 0.80 11.39
N PRO A 30 -6.85 1.13 10.12
CA PRO A 30 -5.53 1.53 9.62
C PRO A 30 -5.10 2.88 10.18
N MET A 31 -3.83 3.06 10.45
CA MET A 31 -3.37 4.34 10.93
C MET A 31 -3.06 5.21 9.73
N GLU A 32 -3.13 6.54 9.90
CA GLU A 32 -2.76 7.52 8.87
C GLU A 32 -1.46 7.11 8.19
N GLU A 33 -0.45 6.84 9.01
CA GLU A 33 0.84 6.45 8.55
C GLU A 33 0.82 5.17 7.71
N ASP A 34 -0.05 4.23 8.04
CA ASP A 34 -0.12 2.96 7.27
C ASP A 34 -0.67 3.26 5.91
N ILE A 35 -1.70 4.09 5.89
CA ILE A 35 -2.37 4.47 4.67
C ILE A 35 -1.39 5.21 3.78
N LEU A 36 -0.69 6.17 4.34
CA LEU A 36 0.28 6.95 3.61
C LEU A 36 1.46 6.09 3.13
N GLN A 37 1.81 5.07 3.89
CA GLN A 37 2.88 4.16 3.52
C GLN A 37 2.51 3.30 2.33
N VAL A 38 1.30 2.76 2.32
CA VAL A 38 0.85 1.99 1.16
C VAL A 38 0.63 2.90 -0.04
N VAL A 39 0.21 4.11 0.24
CA VAL A 39 0.10 5.18 -0.76
C VAL A 39 1.46 5.41 -1.41
N LYS A 40 2.46 5.66 -0.58
CA LYS A 40 3.81 5.89 -1.03
C LYS A 40 4.39 4.70 -1.74
N TYR A 41 3.97 3.52 -1.31
CA TYR A 41 4.39 2.28 -1.92
C TYR A 41 3.85 2.24 -3.34
N CYS A 42 2.56 2.50 -3.49
CA CYS A 42 1.91 2.49 -4.79
C CYS A 42 2.55 3.51 -5.74
N THR A 43 2.82 4.70 -5.25
CA THR A 43 3.45 5.72 -6.06
C THR A 43 4.90 5.32 -6.42
N ASP A 44 5.51 4.59 -5.50
CA ASP A 44 6.90 4.16 -5.64
C ASP A 44 7.00 3.14 -6.77
N LEU A 45 6.00 2.25 -6.87
CA LEU A 45 5.91 1.29 -7.96
C LEU A 45 5.81 2.01 -9.30
N ILE A 46 5.10 3.12 -9.30
CA ILE A 46 4.95 3.92 -10.49
C ILE A 46 6.29 4.56 -10.86
N GLU A 47 6.98 5.11 -9.86
CA GLU A 47 8.27 5.75 -10.05
C GLU A 47 9.29 4.76 -10.63
N GLU A 48 9.27 3.56 -10.12
CA GLU A 48 10.20 2.52 -10.54
C GLU A 48 9.70 1.74 -11.77
N LYS A 49 8.56 2.15 -12.30
CA LYS A 49 7.99 1.59 -13.55
C LYS A 49 7.53 0.14 -13.37
N ASP A 50 7.31 -0.28 -12.15
CA ASP A 50 6.89 -1.64 -11.94
C ASP A 50 5.38 -1.66 -11.73
N LEU A 51 4.68 -1.54 -12.83
CA LEU A 51 3.24 -1.49 -12.79
C LEU A 51 2.66 -2.87 -12.67
N GLU A 52 3.52 -3.85 -12.84
CA GLU A 52 3.21 -5.24 -12.68
C GLU A 52 2.85 -5.50 -11.22
N LYS A 53 3.75 -5.13 -10.32
CA LYS A 53 3.55 -5.33 -8.91
C LYS A 53 2.49 -4.35 -8.40
N LEU A 54 2.41 -3.17 -9.02
CA LEU A 54 1.37 -2.19 -8.68
C LEU A 54 -0.02 -2.79 -8.89
N ASP A 55 -0.27 -3.29 -10.10
CA ASP A 55 -1.57 -3.90 -10.46
C ASP A 55 -1.91 -5.02 -9.48
N LEU A 56 -0.90 -5.79 -9.12
CA LEU A 56 -1.05 -6.89 -8.21
C LEU A 56 -1.42 -6.43 -6.80
N VAL A 57 -0.68 -5.46 -6.26
CA VAL A 57 -0.92 -4.98 -4.90
C VAL A 57 -2.26 -4.29 -4.79
N ILE A 58 -2.64 -3.56 -5.84
CA ILE A 58 -3.88 -2.84 -5.85
C ILE A 58 -5.05 -3.81 -5.75
N LYS A 59 -5.05 -4.82 -6.59
CA LYS A 59 -6.11 -5.83 -6.59
C LYS A 59 -6.10 -6.64 -5.31
N TYR A 60 -4.92 -6.85 -4.75
CA TYR A 60 -4.78 -7.62 -3.53
C TYR A 60 -5.36 -6.83 -2.35
N MET A 61 -4.99 -5.55 -2.25
CA MET A 61 -5.50 -4.68 -1.20
C MET A 61 -6.99 -4.51 -1.35
N LYS A 62 -7.44 -4.43 -2.60
CA LYS A 62 -8.85 -4.31 -2.94
C LYS A 62 -9.63 -5.42 -2.27
N ARG A 63 -9.26 -6.65 -2.60
CA ARG A 63 -9.87 -7.85 -2.04
C ARG A 63 -9.97 -7.80 -0.52
N LEU A 64 -8.91 -7.36 0.12
CA LEU A 64 -8.85 -7.36 1.56
C LEU A 64 -9.63 -6.19 2.17
N MET A 65 -9.40 -5.00 1.65
CA MET A 65 -10.05 -3.80 2.19
C MET A 65 -11.53 -3.80 1.94
N GLN A 66 -11.96 -4.40 0.83
CA GLN A 66 -13.36 -4.46 0.52
C GLN A 66 -14.04 -5.50 1.41
N GLN A 67 -13.36 -6.63 1.67
CA GLN A 67 -13.95 -7.70 2.51
C GLN A 67 -13.97 -7.28 3.98
N SER A 68 -13.29 -6.17 4.28
CA SER A 68 -13.26 -5.65 5.62
C SER A 68 -14.47 -4.77 5.87
N VAL A 69 -15.16 -4.46 4.76
CA VAL A 69 -16.41 -3.63 4.61
C VAL A 69 -16.48 -2.28 5.38
N GLU A 70 -15.67 -2.10 6.36
CA GLU A 70 -15.73 -0.93 7.17
C GLU A 70 -15.28 0.29 6.40
N SER A 71 -15.94 1.39 6.64
CA SER A 71 -15.72 2.64 5.97
C SER A 71 -14.26 3.03 5.98
N VAL A 72 -13.61 2.90 7.14
CA VAL A 72 -12.18 3.21 7.27
C VAL A 72 -11.30 2.52 6.22
N TRP A 73 -11.60 1.28 5.89
CA TRP A 73 -10.82 0.53 4.90
C TRP A 73 -11.26 0.88 3.49
N ASN A 74 -12.55 1.08 3.33
CA ASN A 74 -13.11 1.43 2.02
C ASN A 74 -12.62 2.82 1.59
N MET A 75 -12.66 3.76 2.53
CA MET A 75 -12.12 5.12 2.34
C MET A 75 -10.67 5.07 2.00
N ALA A 76 -9.96 4.29 2.78
CA ALA A 76 -8.52 4.13 2.62
C ALA A 76 -8.16 3.70 1.22
N PHE A 77 -8.75 2.59 0.75
CA PHE A 77 -8.47 2.06 -0.58
C PHE A 77 -8.79 3.08 -1.66
N ASP A 78 -9.92 3.76 -1.50
CA ASP A 78 -10.34 4.81 -2.42
C ASP A 78 -9.28 5.91 -2.48
N PHE A 79 -8.85 6.33 -1.30
CA PHE A 79 -7.79 7.30 -1.14
C PHE A 79 -6.54 6.88 -1.90
N ILE A 80 -6.09 5.68 -1.66
CA ILE A 80 -4.91 5.14 -2.29
C ILE A 80 -5.03 5.18 -3.81
N LEU A 81 -6.17 4.71 -4.34
CA LEU A 81 -6.43 4.71 -5.77
C LEU A 81 -6.21 6.07 -6.41
N ASP A 82 -6.79 7.09 -5.79
CA ASP A 82 -6.64 8.50 -6.25
C ASP A 82 -5.18 8.88 -6.42
N ASN A 83 -4.39 8.60 -5.39
CA ASN A 83 -2.94 8.87 -5.43
C ASN A 83 -2.30 8.20 -6.62
N VAL A 84 -2.62 6.93 -6.81
CA VAL A 84 -2.10 6.13 -7.91
C VAL A 84 -2.50 6.77 -9.25
N GLN A 85 -3.77 7.14 -9.36
CA GLN A 85 -4.30 7.73 -10.58
C GLN A 85 -3.51 9.00 -10.96
N VAL A 86 -3.42 9.93 -10.01
CA VAL A 86 -2.67 11.18 -10.18
C VAL A 86 -1.26 10.91 -10.68
N VAL A 87 -0.53 10.12 -9.91
CA VAL A 87 0.87 9.84 -10.22
C VAL A 87 1.04 9.14 -11.59
N LEU A 88 0.16 8.20 -11.92
CA LEU A 88 0.16 7.53 -13.24
C LEU A 88 -0.05 8.53 -14.36
N GLN A 89 -0.90 9.47 -14.12
CA GLN A 89 -1.15 10.53 -15.06
C GLN A 89 0.08 11.45 -15.20
N GLN A 90 0.64 11.85 -14.07
CA GLN A 90 1.86 12.67 -14.04
C GLN A 90 3.01 12.01 -14.80
N THR A 91 3.08 10.70 -14.76
CA THR A 91 4.14 9.97 -15.40
C THR A 91 3.83 9.59 -16.85
N TYR A 92 2.79 8.79 -17.05
CA TYR A 92 2.51 8.24 -18.37
C TYR A 92 1.28 8.86 -18.99
N GLY A 93 0.48 9.52 -18.18
CA GLY A 93 -0.80 9.99 -18.67
C GLY A 93 -1.72 8.83 -18.94
N SER A 94 -1.60 7.79 -18.16
CA SER A 94 -2.38 6.59 -18.33
C SER A 94 -2.68 5.99 -16.96
N THR A 95 -3.92 6.00 -16.59
CA THR A 95 -4.35 5.52 -15.32
C THR A 95 -4.82 4.08 -15.38
N LEU A 96 -5.22 3.56 -14.26
CA LEU A 96 -5.68 2.21 -14.15
C LEU A 96 -7.06 2.21 -13.57
N LYS A 97 -7.97 1.64 -14.28
CA LYS A 97 -9.33 1.54 -13.84
C LYS A 97 -9.48 0.40 -12.85
N VAL A 98 -9.72 0.73 -11.63
CA VAL A 98 -9.95 -0.24 -10.61
C VAL A 98 -11.42 -0.26 -10.25
N THR A 99 -12.15 -1.16 -10.88
CA THR A 99 -13.56 -1.35 -10.64
C THR A 99 -13.89 -2.80 -11.00
N GLY B 1 5.20 9.12 18.40
CA GLY B 1 5.04 8.70 19.80
C GLY B 1 5.67 7.37 20.00
N SER B 2 5.69 6.90 21.23
CA SER B 2 6.26 5.63 21.57
C SER B 2 5.24 4.53 21.30
N HIS B 3 5.60 3.63 20.38
CA HIS B 3 4.73 2.55 19.90
C HIS B 3 3.54 3.12 19.14
N LYS B 4 3.66 3.13 17.84
CA LYS B 4 2.66 3.69 16.98
C LYS B 4 1.53 2.72 16.75
N LYS B 5 0.61 3.13 15.93
CA LYS B 5 -0.50 2.28 15.54
C LYS B 5 -0.23 1.73 14.16
N SER B 6 0.91 2.11 13.63
CA SER B 6 1.26 1.79 12.30
C SER B 6 1.95 0.47 12.26
N PHE B 7 1.32 -0.44 11.60
CA PHE B 7 1.79 -1.77 11.42
C PHE B 7 3.04 -1.76 10.56
N PHE B 8 3.03 -0.93 9.52
CA PHE B 8 4.15 -0.91 8.59
C PHE B 8 5.36 -0.25 9.19
N ASP B 9 5.16 0.86 9.88
CA ASP B 9 6.26 1.58 10.57
C ASP B 9 6.95 0.63 11.54
N LYS B 10 6.15 -0.13 12.21
CA LYS B 10 6.55 -1.13 13.18
C LYS B 10 7.42 -2.21 12.49
N LYS B 11 6.87 -2.82 11.44
CA LYS B 11 7.57 -3.85 10.66
C LYS B 11 8.84 -3.28 10.03
N ARG B 12 8.82 -2.01 9.67
CA ARG B 12 9.93 -1.36 9.03
C ARG B 12 11.02 -1.07 10.05
N SER B 13 10.62 -0.94 11.30
CA SER B 13 11.54 -0.69 12.38
C SER B 13 12.33 -1.95 12.67
N GLU B 14 11.72 -3.10 12.43
CA GLU B 14 12.40 -4.38 12.59
C GLU B 14 13.16 -4.76 11.32
N ARG B 15 12.97 -3.99 10.28
CA ARG B 15 13.58 -4.28 9.02
C ARG B 15 14.50 -3.20 8.55
N LYS B 16 15.67 -3.24 9.07
CA LYS B 16 16.71 -2.34 8.66
C LYS B 16 17.79 -3.15 7.96
N TRP B 17 17.44 -3.56 6.76
CA TRP B 17 18.26 -4.39 5.90
C TRP B 17 19.60 -3.74 5.59
N GLY A 1 11.80 9.17 0.53
CA GLY A 1 12.94 8.38 0.08
C GLY A 1 12.52 7.44 -1.01
N HIS A 2 13.26 7.41 -2.08
CA HIS A 2 12.91 6.56 -3.18
C HIS A 2 13.81 5.36 -3.25
N MET A 3 13.28 4.25 -2.86
CA MET A 3 13.92 2.97 -2.93
C MET A 3 13.13 2.14 -3.86
N ALA A 4 13.65 0.98 -4.19
CA ALA A 4 12.90 0.03 -4.95
C ALA A 4 11.66 -0.34 -4.14
N PRO A 5 10.49 -0.42 -4.80
CA PRO A 5 9.18 -0.65 -4.17
C PRO A 5 9.19 -1.68 -3.06
N ASN A 6 9.04 -1.19 -1.86
CA ASN A 6 9.07 -2.04 -0.70
C ASN A 6 8.16 -1.50 0.38
N LEU A 7 7.87 -2.34 1.30
CA LEU A 7 7.16 -1.98 2.51
C LEU A 7 7.99 -2.39 3.61
N ALA A 8 8.44 -1.42 4.39
CA ALA A 8 9.19 -1.70 5.60
C ALA A 8 10.56 -2.39 5.31
N GLY A 9 10.91 -2.42 4.03
CA GLY A 9 12.13 -3.04 3.57
C GLY A 9 11.87 -4.30 2.74
N ALA A 10 10.62 -4.74 2.68
CA ALA A 10 10.24 -5.92 1.92
C ALA A 10 9.91 -5.52 0.49
N VAL A 11 10.70 -5.99 -0.45
CA VAL A 11 10.54 -5.62 -1.86
C VAL A 11 9.68 -6.64 -2.60
N GLU A 12 9.92 -7.91 -2.32
CA GLU A 12 9.20 -9.00 -2.96
C GLU A 12 7.74 -8.97 -2.60
N PHE A 13 6.92 -9.11 -3.62
CA PHE A 13 5.48 -9.02 -3.49
C PHE A 13 4.96 -10.06 -2.49
N ASN A 14 5.55 -11.24 -2.50
CA ASN A 14 5.25 -12.28 -1.52
C ASN A 14 5.37 -11.76 -0.06
N ASP A 15 6.48 -11.11 0.26
CA ASP A 15 6.69 -10.64 1.63
C ASP A 15 5.78 -9.43 1.87
N VAL A 16 5.55 -8.66 0.79
CA VAL A 16 4.65 -7.50 0.78
C VAL A 16 3.22 -7.95 1.11
N LYS A 17 2.77 -9.01 0.46
CA LYS A 17 1.44 -9.58 0.67
C LYS A 17 1.27 -10.08 2.08
N THR A 18 2.36 -10.51 2.65
CA THR A 18 2.33 -11.03 3.98
C THR A 18 2.18 -9.85 4.97
N LEU A 19 2.70 -8.70 4.58
CA LEU A 19 2.61 -7.51 5.39
C LEU A 19 1.23 -6.90 5.24
N LEU A 20 0.75 -6.82 4.00
CA LEU A 20 -0.54 -6.25 3.70
C LEU A 20 -1.64 -7.07 4.32
N ARG A 21 -1.58 -8.37 4.11
CA ARG A 21 -2.61 -9.25 4.61
C ARG A 21 -2.65 -9.29 6.11
N GLU A 22 -1.49 -9.22 6.75
CA GLU A 22 -1.46 -9.25 8.19
C GLU A 22 -2.04 -7.95 8.71
N TRP A 23 -1.68 -6.87 8.05
CA TRP A 23 -2.16 -5.55 8.38
C TRP A 23 -3.69 -5.49 8.33
N ILE A 24 -4.24 -5.98 7.25
CA ILE A 24 -5.68 -5.88 7.04
C ILE A 24 -6.46 -6.90 7.90
N THR A 25 -5.79 -7.91 8.41
CA THR A 25 -6.48 -8.89 9.22
C THR A 25 -6.27 -8.68 10.73
N THR A 26 -5.11 -8.19 11.12
CA THR A 26 -4.82 -8.03 12.54
C THR A 26 -5.19 -6.65 13.03
N ILE A 27 -5.17 -5.69 12.12
CA ILE A 27 -5.48 -4.32 12.44
C ILE A 27 -6.93 -4.08 12.03
N SER A 28 -7.73 -3.66 12.97
CA SER A 28 -9.12 -3.40 12.69
C SER A 28 -9.32 -1.94 12.31
N ASP A 29 -8.46 -1.09 12.82
CA ASP A 29 -8.52 0.34 12.56
C ASP A 29 -7.14 0.82 12.13
N PRO A 30 -6.94 1.05 10.83
CA PRO A 30 -5.62 1.40 10.27
C PRO A 30 -5.21 2.81 10.63
N MET A 31 -3.93 3.06 10.68
CA MET A 31 -3.45 4.36 10.98
C MET A 31 -3.23 5.11 9.69
N GLU A 32 -3.43 6.41 9.70
CA GLU A 32 -3.20 7.26 8.52
C GLU A 32 -1.80 7.02 7.94
N GLU A 33 -0.79 6.88 8.81
CA GLU A 33 0.56 6.57 8.36
C GLU A 33 0.64 5.26 7.57
N ASP A 34 -0.16 4.27 7.95
CA ASP A 34 -0.20 2.98 7.21
C ASP A 34 -0.67 3.25 5.82
N ILE A 35 -1.70 4.06 5.75
CA ILE A 35 -2.34 4.41 4.52
C ILE A 35 -1.37 5.20 3.65
N LEU A 36 -0.66 6.15 4.27
CA LEU A 36 0.30 6.98 3.57
C LEU A 36 1.47 6.16 3.04
N GLN A 37 1.87 5.14 3.79
CA GLN A 37 2.95 4.27 3.36
C GLN A 37 2.54 3.45 2.16
N VAL A 38 1.28 2.98 2.17
CA VAL A 38 0.71 2.25 1.04
C VAL A 38 0.65 3.19 -0.16
N VAL A 39 0.27 4.43 0.11
CA VAL A 39 0.23 5.50 -0.88
C VAL A 39 1.59 5.69 -1.52
N LYS A 40 2.60 5.90 -0.69
CA LYS A 40 3.96 6.11 -1.15
C LYS A 40 4.50 4.88 -1.83
N TYR A 41 4.05 3.73 -1.40
CA TYR A 41 4.44 2.49 -1.99
C TYR A 41 3.96 2.44 -3.43
N CYS A 42 2.68 2.68 -3.63
CA CYS A 42 2.07 2.61 -4.94
C CYS A 42 2.68 3.63 -5.91
N THR A 43 2.93 4.82 -5.42
CA THR A 43 3.52 5.85 -6.25
C THR A 43 4.97 5.50 -6.62
N ASP A 44 5.65 4.84 -5.69
CA ASP A 44 7.01 4.36 -5.90
C ASP A 44 7.06 3.25 -6.96
N LEU A 45 6.01 2.40 -7.01
CA LEU A 45 5.88 1.38 -8.08
C LEU A 45 5.85 2.03 -9.45
N ILE A 46 5.12 3.12 -9.53
CA ILE A 46 4.94 3.85 -10.77
C ILE A 46 6.27 4.44 -11.27
N GLU A 47 7.03 5.01 -10.34
CA GLU A 47 8.29 5.63 -10.70
C GLU A 47 9.29 4.57 -11.17
N GLU A 48 9.29 3.43 -10.49
CA GLU A 48 10.15 2.34 -10.86
C GLU A 48 9.62 1.53 -12.03
N LYS A 49 8.49 2.00 -12.60
CA LYS A 49 7.92 1.46 -13.83
C LYS A 49 7.41 0.05 -13.65
N ASP A 50 7.14 -0.32 -12.42
CA ASP A 50 6.71 -1.65 -12.15
C ASP A 50 5.22 -1.64 -11.90
N LEU A 51 4.49 -1.55 -12.97
CA LEU A 51 3.06 -1.52 -12.91
C LEU A 51 2.52 -2.91 -12.79
N GLU A 52 3.38 -3.87 -13.05
CA GLU A 52 3.12 -5.26 -12.88
C GLU A 52 2.78 -5.54 -11.41
N LYS A 53 3.70 -5.14 -10.53
CA LYS A 53 3.51 -5.33 -9.11
C LYS A 53 2.41 -4.40 -8.62
N LEU A 54 2.40 -3.17 -9.14
CA LEU A 54 1.38 -2.16 -8.81
C LEU A 54 -0.04 -2.75 -8.96
N ASP A 55 -0.34 -3.23 -10.15
CA ASP A 55 -1.64 -3.86 -10.47
C ASP A 55 -1.96 -5.02 -9.52
N LEU A 56 -0.94 -5.83 -9.22
CA LEU A 56 -1.09 -6.97 -8.33
C LEU A 56 -1.43 -6.52 -6.91
N VAL A 57 -0.72 -5.53 -6.42
CA VAL A 57 -0.91 -4.99 -5.07
C VAL A 57 -2.31 -4.41 -4.94
N ILE A 58 -2.70 -3.61 -5.92
CA ILE A 58 -4.01 -2.97 -5.94
C ILE A 58 -5.12 -4.01 -5.84
N LYS A 59 -5.05 -5.03 -6.68
CA LYS A 59 -6.04 -6.10 -6.69
C LYS A 59 -6.03 -6.88 -5.38
N TYR A 60 -4.87 -7.11 -4.84
CA TYR A 60 -4.72 -7.87 -3.62
C TYR A 60 -5.31 -7.10 -2.43
N MET A 61 -5.02 -5.81 -2.38
CA MET A 61 -5.54 -4.96 -1.34
C MET A 61 -7.03 -4.85 -1.45
N LYS A 62 -7.54 -4.76 -2.70
CA LYS A 62 -8.97 -4.71 -2.95
C LYS A 62 -9.65 -5.88 -2.28
N ARG A 63 -9.19 -7.09 -2.64
CA ARG A 63 -9.70 -8.36 -2.11
C ARG A 63 -9.88 -8.30 -0.59
N LEU A 64 -8.85 -7.85 0.10
CA LEU A 64 -8.85 -7.82 1.55
C LEU A 64 -9.69 -6.65 2.09
N MET A 65 -9.62 -5.53 1.42
CA MET A 65 -10.36 -4.35 1.85
C MET A 65 -11.85 -4.49 1.58
N GLN A 66 -12.23 -5.40 0.69
CA GLN A 66 -13.65 -5.63 0.44
C GLN A 66 -14.27 -6.45 1.57
N GLN A 67 -13.40 -7.09 2.36
CA GLN A 67 -13.83 -7.85 3.53
C GLN A 67 -14.13 -6.86 4.65
N SER A 68 -13.42 -5.77 4.61
CA SER A 68 -13.53 -4.73 5.59
C SER A 68 -14.63 -3.76 5.20
N VAL A 69 -15.76 -3.84 5.88
CA VAL A 69 -16.92 -3.04 5.54
C VAL A 69 -16.89 -1.65 6.15
N GLU A 70 -15.95 -1.43 7.06
CA GLU A 70 -15.85 -0.17 7.77
C GLU A 70 -15.34 0.94 6.85
N SER A 71 -15.84 2.14 7.07
CA SER A 71 -15.56 3.29 6.26
C SER A 71 -14.07 3.62 6.20
N VAL A 72 -13.36 3.44 7.32
CA VAL A 72 -11.91 3.68 7.37
C VAL A 72 -11.12 2.92 6.29
N TRP A 73 -11.49 1.69 6.04
CA TRP A 73 -10.81 0.89 5.03
C TRP A 73 -11.27 1.27 3.64
N ASN A 74 -12.54 1.60 3.54
CA ASN A 74 -13.13 1.99 2.26
C ASN A 74 -12.54 3.28 1.75
N MET A 75 -12.51 4.29 2.61
CA MET A 75 -11.92 5.59 2.27
C MET A 75 -10.44 5.47 2.04
N ALA A 76 -9.80 4.56 2.77
CA ALA A 76 -8.38 4.29 2.59
C ALA A 76 -8.10 3.82 1.18
N PHE A 77 -8.79 2.77 0.76
CA PHE A 77 -8.65 2.22 -0.59
C PHE A 77 -8.87 3.30 -1.64
N ASP A 78 -9.91 4.10 -1.45
CA ASP A 78 -10.25 5.21 -2.36
C ASP A 78 -9.09 6.20 -2.44
N PHE A 79 -8.59 6.58 -1.25
CA PHE A 79 -7.46 7.49 -1.10
C PHE A 79 -6.25 6.99 -1.87
N ILE A 80 -5.89 5.75 -1.66
CA ILE A 80 -4.76 5.16 -2.32
C ILE A 80 -4.94 5.16 -3.83
N LEU A 81 -6.11 4.73 -4.31
CA LEU A 81 -6.42 4.73 -5.74
C LEU A 81 -6.17 6.09 -6.36
N ASP A 82 -6.69 7.13 -5.72
CA ASP A 82 -6.52 8.54 -6.15
C ASP A 82 -5.08 8.88 -6.44
N ASN A 83 -4.23 8.61 -5.46
CA ASN A 83 -2.80 8.86 -5.58
C ASN A 83 -2.23 8.17 -6.78
N VAL A 84 -2.60 6.92 -6.97
CA VAL A 84 -2.14 6.12 -8.10
C VAL A 84 -2.62 6.75 -9.41
N GLN A 85 -3.89 7.15 -9.46
CA GLN A 85 -4.49 7.77 -10.66
C GLN A 85 -3.69 9.01 -11.08
N VAL A 86 -3.57 9.95 -10.15
CA VAL A 86 -2.83 11.20 -10.37
C VAL A 86 -1.40 10.96 -10.82
N VAL A 87 -0.67 10.16 -10.07
CA VAL A 87 0.71 9.89 -10.39
C VAL A 87 0.87 9.16 -11.74
N LEU A 88 -0.01 8.20 -12.05
CA LEU A 88 -0.01 7.52 -13.36
C LEU A 88 -0.22 8.52 -14.49
N GLN A 89 -1.08 9.48 -14.25
CA GLN A 89 -1.33 10.53 -15.22
C GLN A 89 -0.09 11.41 -15.41
N GLN A 90 0.51 11.83 -14.31
CA GLN A 90 1.76 12.62 -14.34
C GLN A 90 2.87 11.92 -15.11
N THR A 91 2.96 10.62 -14.95
CA THR A 91 4.03 9.89 -15.55
C THR A 91 3.73 9.38 -16.97
N TYR A 92 2.72 8.55 -17.08
CA TYR A 92 2.41 7.90 -18.34
C TYR A 92 1.25 8.57 -19.04
N GLY A 93 0.41 9.26 -18.28
CA GLY A 93 -0.83 9.77 -18.85
C GLY A 93 -1.77 8.63 -19.14
N SER A 94 -1.58 7.54 -18.43
CA SER A 94 -2.33 6.33 -18.61
C SER A 94 -2.65 5.78 -17.23
N THR A 95 -3.91 5.68 -16.91
CA THR A 95 -4.31 5.20 -15.63
C THR A 95 -4.88 3.78 -15.71
N LEU A 96 -5.09 3.18 -14.58
CA LEU A 96 -5.73 1.90 -14.50
C LEU A 96 -7.06 2.10 -13.88
N LYS A 97 -8.00 1.30 -14.25
CA LYS A 97 -9.31 1.45 -13.76
C LYS A 97 -9.57 0.42 -12.71
N VAL A 98 -9.63 0.85 -11.51
CA VAL A 98 -9.86 -0.02 -10.42
C VAL A 98 -11.30 0.06 -9.99
N THR A 99 -12.06 -0.90 -10.39
CA THR A 99 -13.42 -1.02 -9.99
C THR A 99 -13.68 -2.48 -9.71
N GLY B 1 0.01 2.89 23.51
CA GLY B 1 -0.31 4.32 23.62
C GLY B 1 -1.60 4.62 22.90
N SER B 2 -2.13 5.82 23.12
CA SER B 2 -3.37 6.23 22.48
C SER B 2 -3.12 6.54 21.01
N HIS B 3 -1.96 7.11 20.73
CA HIS B 3 -1.55 7.36 19.37
C HIS B 3 -0.91 6.10 18.84
N LYS B 4 -1.35 5.67 17.70
CA LYS B 4 -0.82 4.47 17.11
C LYS B 4 0.53 4.69 16.49
N LYS B 5 1.06 3.62 16.00
CA LYS B 5 2.23 3.59 15.20
C LYS B 5 1.88 2.76 14.02
N SER B 6 2.44 3.07 12.89
CA SER B 6 2.14 2.38 11.68
C SER B 6 2.58 0.92 11.78
N PHE B 7 1.74 0.05 11.28
CA PHE B 7 1.99 -1.37 11.23
C PHE B 7 3.28 -1.63 10.48
N PHE B 8 3.42 -0.99 9.35
CA PHE B 8 4.58 -1.16 8.52
C PHE B 8 5.80 -0.55 9.21
N ASP B 9 5.59 0.55 9.93
CA ASP B 9 6.67 1.16 10.72
C ASP B 9 7.14 0.20 11.80
N LYS B 10 6.20 -0.48 12.45
CA LYS B 10 6.51 -1.50 13.47
C LYS B 10 7.39 -2.58 12.84
N LYS B 11 6.91 -3.12 11.72
CA LYS B 11 7.64 -4.14 10.95
C LYS B 11 9.03 -3.65 10.57
N ARG B 12 9.11 -2.44 10.06
CA ARG B 12 10.35 -1.77 9.66
C ARG B 12 11.34 -1.66 10.82
N SER B 13 10.81 -1.33 11.98
CA SER B 13 11.61 -1.16 13.19
C SER B 13 12.25 -2.50 13.61
N GLU B 14 11.53 -3.58 13.38
CA GLU B 14 12.03 -4.92 13.69
C GLU B 14 13.13 -5.32 12.71
N ARG B 15 13.12 -4.71 11.54
CA ARG B 15 14.03 -5.10 10.50
C ARG B 15 15.24 -4.22 10.54
N LYS B 16 16.15 -4.59 11.40
CA LYS B 16 17.37 -3.81 11.61
C LYS B 16 18.47 -4.33 10.70
N TRP B 17 18.05 -5.21 9.86
CA TRP B 17 18.81 -5.90 8.90
C TRP B 17 18.27 -5.51 7.54
N GLY A 1 11.52 9.18 -0.49
CA GLY A 1 12.57 9.56 -1.44
C GLY A 1 12.57 8.64 -2.63
N HIS A 2 13.73 8.33 -3.15
CA HIS A 2 13.84 7.43 -4.28
C HIS A 2 14.46 6.13 -3.82
N MET A 3 13.73 5.08 -3.88
CA MET A 3 14.19 3.79 -3.42
C MET A 3 13.74 2.72 -4.37
N ALA A 4 14.21 1.54 -4.18
CA ALA A 4 13.66 0.42 -4.88
C ALA A 4 12.42 0.06 -4.10
N PRO A 5 11.26 -0.07 -4.77
CA PRO A 5 9.97 -0.19 -4.10
C PRO A 5 9.91 -1.33 -3.09
N ASN A 6 9.73 -0.94 -1.86
CA ASN A 6 9.66 -1.88 -0.76
C ASN A 6 8.68 -1.40 0.28
N LEU A 7 8.21 -2.32 1.05
CA LEU A 7 7.27 -2.05 2.11
C LEU A 7 7.90 -2.57 3.38
N ALA A 8 8.23 -1.67 4.30
CA ALA A 8 8.96 -1.97 5.58
C ALA A 8 10.35 -2.61 5.33
N GLY A 9 10.71 -2.67 4.07
CA GLY A 9 11.96 -3.24 3.65
C GLY A 9 11.75 -4.43 2.72
N ALA A 10 10.52 -4.86 2.56
CA ALA A 10 10.18 -6.00 1.74
C ALA A 10 9.97 -5.57 0.30
N VAL A 11 10.80 -6.06 -0.58
CA VAL A 11 10.71 -5.77 -2.00
C VAL A 11 9.82 -6.83 -2.66
N GLU A 12 10.00 -8.06 -2.22
CA GLU A 12 9.25 -9.22 -2.69
C GLU A 12 7.76 -9.01 -2.48
N PHE A 13 6.97 -9.14 -3.54
CA PHE A 13 5.55 -8.92 -3.46
C PHE A 13 4.90 -9.96 -2.56
N ASN A 14 5.34 -11.19 -2.67
CA ASN A 14 4.88 -12.27 -1.80
C ASN A 14 5.00 -11.90 -0.31
N ASP A 15 6.12 -11.31 0.03
CA ASP A 15 6.39 -10.94 1.42
C ASP A 15 5.57 -9.70 1.80
N VAL A 16 5.35 -8.85 0.80
CA VAL A 16 4.50 -7.67 0.90
C VAL A 16 3.06 -8.08 1.22
N LYS A 17 2.61 -9.13 0.55
CA LYS A 17 1.28 -9.67 0.78
C LYS A 17 1.11 -10.11 2.21
N THR A 18 2.11 -10.80 2.74
CA THR A 18 2.13 -11.21 4.14
C THR A 18 1.96 -9.98 5.06
N LEU A 19 2.58 -8.87 4.67
CA LEU A 19 2.54 -7.65 5.46
C LEU A 19 1.16 -7.00 5.36
N LEU A 20 0.64 -6.86 4.15
CA LEU A 20 -0.65 -6.22 3.90
C LEU A 20 -1.77 -7.01 4.57
N ARG A 21 -1.72 -8.32 4.43
CA ARG A 21 -2.74 -9.17 5.01
C ARG A 21 -2.66 -9.21 6.52
N GLU A 22 -1.48 -9.08 7.06
CA GLU A 22 -1.34 -9.14 8.49
C GLU A 22 -1.85 -7.82 9.07
N TRP A 23 -1.60 -6.75 8.35
CA TRP A 23 -2.11 -5.45 8.68
C TRP A 23 -3.64 -5.47 8.72
N ILE A 24 -4.23 -6.04 7.71
CA ILE A 24 -5.69 -6.06 7.58
C ILE A 24 -6.34 -7.11 8.50
N THR A 25 -5.55 -7.97 9.08
CA THR A 25 -6.08 -8.93 10.01
C THR A 25 -5.88 -8.48 11.46
N THR A 26 -4.78 -7.81 11.73
CA THR A 26 -4.47 -7.42 13.10
C THR A 26 -4.92 -5.99 13.40
N ILE A 27 -4.87 -5.13 12.41
CA ILE A 27 -5.23 -3.76 12.60
C ILE A 27 -6.65 -3.56 12.12
N SER A 28 -7.50 -3.20 13.01
CA SER A 28 -8.89 -3.01 12.72
C SER A 28 -9.16 -1.58 12.28
N ASP A 29 -8.34 -0.67 12.74
CA ASP A 29 -8.48 0.74 12.42
C ASP A 29 -7.13 1.30 11.96
N PRO A 30 -6.97 1.50 10.64
CA PRO A 30 -5.71 1.97 10.04
C PRO A 30 -5.46 3.46 10.29
N MET A 31 -4.23 3.83 10.43
CA MET A 31 -3.88 5.21 10.66
C MET A 31 -3.35 5.85 9.41
N GLU A 32 -3.14 7.17 9.51
CA GLU A 32 -2.51 8.02 8.48
C GLU A 32 -1.34 7.28 7.87
N GLU A 33 -0.38 7.03 8.71
CA GLU A 33 0.88 6.47 8.34
C GLU A 33 0.77 5.10 7.70
N ASP A 34 -0.23 4.30 8.06
CA ASP A 34 -0.34 2.97 7.41
C ASP A 34 -0.79 3.18 5.99
N ILE A 35 -1.83 3.98 5.87
CA ILE A 35 -2.44 4.29 4.61
C ILE A 35 -1.45 4.99 3.71
N LEU A 36 -0.75 5.95 4.27
CA LEU A 36 0.22 6.74 3.55
C LEU A 36 1.43 5.91 3.10
N GLN A 37 1.74 4.85 3.83
CA GLN A 37 2.85 3.98 3.44
C GLN A 37 2.44 3.09 2.29
N VAL A 38 1.18 2.68 2.28
CA VAL A 38 0.65 1.93 1.15
C VAL A 38 0.65 2.85 -0.06
N VAL A 39 0.31 4.10 0.19
CA VAL A 39 0.32 5.17 -0.80
C VAL A 39 1.72 5.33 -1.39
N LYS A 40 2.71 5.53 -0.52
CA LYS A 40 4.10 5.71 -0.93
C LYS A 40 4.61 4.52 -1.67
N TYR A 41 4.14 3.35 -1.28
CA TYR A 41 4.54 2.14 -1.94
C TYR A 41 4.03 2.15 -3.38
N CYS A 42 2.74 2.39 -3.53
CA CYS A 42 2.11 2.36 -4.83
C CYS A 42 2.72 3.38 -5.80
N THR A 43 2.94 4.58 -5.30
CA THR A 43 3.49 5.63 -6.11
C THR A 43 4.97 5.36 -6.48
N ASP A 44 5.67 4.69 -5.56
CA ASP A 44 7.08 4.33 -5.76
C ASP A 44 7.20 3.26 -6.85
N LEU A 45 6.23 2.32 -6.89
CA LEU A 45 6.17 1.30 -7.95
C LEU A 45 6.04 1.96 -9.31
N ILE A 46 5.26 3.02 -9.36
CA ILE A 46 5.00 3.74 -10.60
C ILE A 46 6.27 4.43 -11.10
N GLU A 47 7.00 5.06 -10.19
CA GLU A 47 8.19 5.79 -10.57
C GLU A 47 9.31 4.85 -11.02
N GLU A 48 9.34 3.66 -10.43
CA GLU A 48 10.31 2.65 -10.84
C GLU A 48 9.77 1.77 -11.96
N LYS A 49 8.61 2.16 -12.48
CA LYS A 49 7.99 1.55 -13.67
C LYS A 49 7.56 0.11 -13.46
N ASP A 50 7.42 -0.29 -12.22
CA ASP A 50 7.02 -1.64 -11.92
C ASP A 50 5.51 -1.63 -11.68
N LEU A 51 4.78 -1.45 -12.76
CA LEU A 51 3.34 -1.37 -12.72
C LEU A 51 2.73 -2.72 -12.59
N GLU A 52 3.52 -3.71 -12.87
CA GLU A 52 3.09 -5.08 -12.79
C GLU A 52 2.86 -5.43 -11.33
N LYS A 53 3.82 -5.09 -10.48
CA LYS A 53 3.69 -5.36 -9.07
C LYS A 53 2.62 -4.44 -8.49
N LEU A 54 2.59 -3.19 -8.97
CA LEU A 54 1.58 -2.19 -8.58
C LEU A 54 0.17 -2.77 -8.80
N ASP A 55 -0.08 -3.24 -10.01
CA ASP A 55 -1.34 -3.88 -10.41
C ASP A 55 -1.72 -5.00 -9.46
N LEU A 56 -0.73 -5.79 -9.07
CA LEU A 56 -0.93 -6.91 -8.18
C LEU A 56 -1.30 -6.43 -6.78
N VAL A 57 -0.63 -5.37 -6.31
CA VAL A 57 -0.88 -4.78 -4.98
C VAL A 57 -2.30 -4.28 -4.90
N ILE A 58 -2.69 -3.50 -5.89
CA ILE A 58 -4.01 -2.89 -5.97
C ILE A 58 -5.11 -3.95 -5.86
N LYS A 59 -4.99 -4.97 -6.67
CA LYS A 59 -5.95 -6.07 -6.66
C LYS A 59 -5.94 -6.83 -5.35
N TYR A 60 -4.77 -6.98 -4.76
CA TYR A 60 -4.62 -7.70 -3.51
C TYR A 60 -5.26 -6.92 -2.36
N MET A 61 -5.04 -5.60 -2.37
CA MET A 61 -5.67 -4.69 -1.41
C MET A 61 -7.17 -4.82 -1.52
N LYS A 62 -7.65 -4.81 -2.76
CA LYS A 62 -9.07 -4.92 -3.02
C LYS A 62 -9.63 -6.20 -2.44
N ARG A 63 -8.96 -7.32 -2.70
CA ARG A 63 -9.37 -8.64 -2.19
C ARG A 63 -9.59 -8.60 -0.69
N LEU A 64 -8.63 -8.03 0.02
CA LEU A 64 -8.70 -7.93 1.47
C LEU A 64 -9.71 -6.88 1.94
N MET A 65 -9.59 -5.68 1.40
CA MET A 65 -10.43 -4.54 1.80
C MET A 65 -11.88 -4.68 1.41
N GLN A 66 -12.16 -5.57 0.46
CA GLN A 66 -13.53 -5.82 0.03
C GLN A 66 -14.28 -6.53 1.16
N GLN A 67 -13.51 -7.23 1.99
CA GLN A 67 -14.06 -7.96 3.10
C GLN A 67 -14.32 -7.00 4.24
N SER A 68 -13.55 -5.94 4.26
CA SER A 68 -13.62 -4.89 5.23
C SER A 68 -14.82 -3.97 4.89
N VAL A 69 -15.88 -4.07 5.67
CA VAL A 69 -17.09 -3.33 5.38
C VAL A 69 -17.08 -1.94 5.99
N GLU A 70 -16.12 -1.67 6.83
CA GLU A 70 -16.08 -0.40 7.51
C GLU A 70 -15.59 0.71 6.59
N SER A 71 -16.18 1.86 6.78
CA SER A 71 -15.97 3.02 5.96
C SER A 71 -14.49 3.39 5.81
N VAL A 72 -13.75 3.40 6.91
CA VAL A 72 -12.32 3.75 6.89
C VAL A 72 -11.50 2.91 5.88
N TRP A 73 -11.78 1.62 5.80
CA TRP A 73 -11.07 0.75 4.87
C TRP A 73 -11.49 1.03 3.44
N ASN A 74 -12.75 1.36 3.28
CA ASN A 74 -13.29 1.70 2.00
C ASN A 74 -12.66 2.99 1.49
N MET A 75 -12.57 3.97 2.39
CA MET A 75 -11.94 5.27 2.11
C MET A 75 -10.50 5.07 1.75
N ALA A 76 -9.85 4.23 2.52
CA ALA A 76 -8.43 3.94 2.36
C ALA A 76 -8.13 3.44 0.95
N PHE A 77 -8.78 2.36 0.55
CA PHE A 77 -8.57 1.78 -0.78
C PHE A 77 -8.79 2.80 -1.88
N ASP A 78 -9.85 3.58 -1.77
CA ASP A 78 -10.19 4.56 -2.79
C ASP A 78 -9.16 5.68 -2.82
N PHE A 79 -8.74 6.12 -1.64
CA PHE A 79 -7.69 7.11 -1.49
C PHE A 79 -6.41 6.66 -2.18
N ILE A 80 -5.98 5.41 -1.92
CA ILE A 80 -4.79 4.87 -2.58
C ILE A 80 -4.93 4.93 -4.10
N LEU A 81 -6.08 4.48 -4.60
CA LEU A 81 -6.39 4.50 -6.03
C LEU A 81 -6.15 5.88 -6.63
N ASP A 82 -6.68 6.90 -5.96
CA ASP A 82 -6.54 8.31 -6.36
C ASP A 82 -5.08 8.70 -6.55
N ASN A 83 -4.26 8.41 -5.54
CA ASN A 83 -2.81 8.69 -5.60
C ASN A 83 -2.21 8.06 -6.82
N VAL A 84 -2.54 6.79 -7.03
CA VAL A 84 -2.08 6.04 -8.17
C VAL A 84 -2.50 6.71 -9.47
N GLN A 85 -3.75 7.17 -9.54
CA GLN A 85 -4.28 7.84 -10.73
C GLN A 85 -3.43 9.05 -11.10
N VAL A 86 -3.32 9.96 -10.16
CA VAL A 86 -2.55 11.20 -10.32
C VAL A 86 -1.12 10.93 -10.78
N VAL A 87 -0.45 10.07 -10.06
CA VAL A 87 0.94 9.73 -10.39
C VAL A 87 1.04 9.00 -11.75
N LEU A 88 0.10 8.11 -12.06
CA LEU A 88 0.05 7.47 -13.39
C LEU A 88 -0.14 8.50 -14.48
N GLN A 89 -0.98 9.47 -14.23
CA GLN A 89 -1.20 10.55 -15.17
C GLN A 89 0.07 11.37 -15.38
N GLN A 90 0.77 11.63 -14.30
CA GLN A 90 2.07 12.30 -14.35
C GLN A 90 3.08 11.54 -15.20
N THR A 91 3.12 10.25 -15.06
CA THR A 91 4.10 9.45 -15.74
C THR A 91 3.65 8.95 -17.12
N TYR A 92 2.60 8.18 -17.14
CA TYR A 92 2.13 7.52 -18.34
C TYR A 92 0.98 8.26 -18.99
N GLY A 93 0.32 9.12 -18.24
CA GLY A 93 -0.87 9.78 -18.77
C GLY A 93 -1.95 8.77 -19.06
N SER A 94 -2.06 7.80 -18.20
CA SER A 94 -3.01 6.72 -18.37
C SER A 94 -3.40 6.19 -17.01
N THR A 95 -4.64 6.39 -16.65
CA THR A 95 -5.11 5.94 -15.38
C THR A 95 -5.94 4.68 -15.55
N LEU A 96 -6.07 3.94 -14.50
CA LEU A 96 -6.88 2.76 -14.49
C LEU A 96 -7.92 2.90 -13.44
N LYS A 97 -9.16 2.82 -13.85
CA LYS A 97 -10.25 2.93 -12.93
C LYS A 97 -10.43 1.60 -12.26
N VAL A 98 -10.07 1.54 -11.02
CA VAL A 98 -10.11 0.31 -10.32
C VAL A 98 -11.44 0.14 -9.62
N THR A 99 -12.30 -0.60 -10.24
CA THR A 99 -13.55 -0.94 -9.69
C THR A 99 -13.48 -2.42 -9.34
N GLY B 1 -7.16 5.70 12.53
CA GLY B 1 -5.96 5.95 13.30
C GLY B 1 -6.27 6.33 14.70
N SER B 2 -6.55 5.34 15.50
CA SER B 2 -6.85 5.55 16.89
C SER B 2 -5.55 5.70 17.68
N HIS B 3 -4.48 5.17 17.10
CA HIS B 3 -3.18 5.21 17.73
C HIS B 3 -2.14 5.61 16.71
N LYS B 4 -0.91 5.73 17.14
CA LYS B 4 0.20 6.08 16.25
C LYS B 4 1.14 4.90 16.16
N LYS B 5 2.22 5.04 15.39
CA LYS B 5 3.14 3.93 15.09
C LYS B 5 2.49 2.92 14.18
N SER B 6 2.66 3.17 12.92
CA SER B 6 2.12 2.39 11.83
C SER B 6 2.55 0.93 11.92
N PHE B 7 1.69 0.04 11.42
CA PHE B 7 1.95 -1.38 11.37
C PHE B 7 3.21 -1.62 10.56
N PHE B 8 3.31 -0.93 9.45
CA PHE B 8 4.44 -1.08 8.58
C PHE B 8 5.70 -0.52 9.23
N ASP B 9 5.54 0.53 10.03
CA ASP B 9 6.68 1.09 10.77
C ASP B 9 7.13 0.13 11.87
N LYS B 10 6.17 -0.60 12.45
CA LYS B 10 6.48 -1.67 13.42
C LYS B 10 7.37 -2.68 12.72
N LYS B 11 6.87 -3.16 11.58
CA LYS B 11 7.59 -4.13 10.75
C LYS B 11 8.94 -3.61 10.32
N ARG B 12 9.01 -2.35 9.98
CA ARG B 12 10.24 -1.66 9.59
C ARG B 12 11.29 -1.74 10.71
N SER B 13 10.81 -1.73 11.93
CA SER B 13 11.64 -1.76 13.11
C SER B 13 11.96 -3.21 13.54
N GLU B 14 11.08 -4.14 13.18
CA GLU B 14 11.29 -5.54 13.52
C GLU B 14 12.25 -6.19 12.55
N ARG B 15 12.27 -5.68 11.36
CA ARG B 15 13.10 -6.19 10.30
C ARG B 15 14.43 -5.51 10.34
N LYS B 16 15.36 -6.15 10.96
CA LYS B 16 16.69 -5.62 11.05
C LYS B 16 17.61 -6.50 10.24
N TRP B 17 17.37 -6.51 8.96
CA TRP B 17 18.10 -7.32 8.01
C TRP B 17 19.34 -6.58 7.59
N GLY A 1 7.75 8.47 -4.83
CA GLY A 1 9.04 9.11 -5.03
C GLY A 1 9.93 8.20 -5.80
N HIS A 2 11.22 8.31 -5.58
CA HIS A 2 12.12 7.41 -6.22
C HIS A 2 12.90 6.61 -5.22
N MET A 3 12.30 5.56 -4.79
CA MET A 3 12.88 4.62 -3.89
C MET A 3 12.43 3.28 -4.37
N ALA A 4 13.20 2.25 -4.09
CA ALA A 4 12.80 0.92 -4.47
C ALA A 4 11.56 0.58 -3.66
N PRO A 5 10.43 0.30 -4.32
CA PRO A 5 9.14 0.15 -3.65
C PRO A 5 9.11 -1.00 -2.65
N ASN A 6 8.93 -0.65 -1.39
CA ASN A 6 8.90 -1.62 -0.32
C ASN A 6 8.04 -1.15 0.83
N LEU A 7 7.77 -2.08 1.73
CA LEU A 7 7.12 -1.82 3.00
C LEU A 7 7.99 -2.45 3.99
N ALA A 8 8.43 -1.70 4.98
CA ALA A 8 9.26 -2.23 6.05
C ALA A 8 10.62 -2.83 5.54
N GLY A 9 10.89 -2.61 4.27
CA GLY A 9 12.09 -3.14 3.64
C GLY A 9 11.78 -4.30 2.70
N ALA A 10 10.54 -4.76 2.73
CA ALA A 10 10.10 -5.88 1.91
C ALA A 10 9.83 -5.44 0.50
N VAL A 11 10.62 -5.95 -0.41
CA VAL A 11 10.50 -5.64 -1.82
C VAL A 11 9.69 -6.72 -2.54
N GLU A 12 9.93 -7.99 -2.20
CA GLU A 12 9.19 -9.10 -2.81
C GLU A 12 7.72 -8.97 -2.53
N PHE A 13 6.92 -9.15 -3.56
CA PHE A 13 5.51 -8.96 -3.46
C PHE A 13 4.86 -9.93 -2.47
N ASN A 14 5.32 -11.18 -2.42
CA ASN A 14 4.77 -12.14 -1.44
C ASN A 14 5.05 -11.69 -0.01
N ASP A 15 6.22 -11.11 0.18
CA ASP A 15 6.67 -10.63 1.48
C ASP A 15 5.79 -9.42 1.85
N VAL A 16 5.54 -8.60 0.83
CA VAL A 16 4.65 -7.46 0.90
C VAL A 16 3.22 -7.91 1.24
N LYS A 17 2.73 -8.92 0.53
CA LYS A 17 1.39 -9.46 0.76
C LYS A 17 1.23 -9.94 2.19
N THR A 18 2.21 -10.69 2.65
CA THR A 18 2.25 -11.17 4.03
C THR A 18 2.12 -9.97 5.04
N LEU A 19 2.71 -8.83 4.68
CA LEU A 19 2.65 -7.65 5.52
C LEU A 19 1.26 -7.02 5.44
N LEU A 20 0.78 -6.87 4.21
CA LEU A 20 -0.52 -6.24 3.94
C LEU A 20 -1.64 -7.03 4.55
N ARG A 21 -1.64 -8.32 4.34
CA ARG A 21 -2.72 -9.14 4.82
C ARG A 21 -2.69 -9.28 6.31
N GLU A 22 -1.52 -9.23 6.94
CA GLU A 22 -1.49 -9.33 8.38
C GLU A 22 -2.04 -8.03 8.95
N TRP A 23 -1.69 -6.94 8.31
CA TRP A 23 -2.16 -5.61 8.65
C TRP A 23 -3.68 -5.57 8.63
N ILE A 24 -4.26 -6.09 7.59
CA ILE A 24 -5.71 -6.00 7.41
C ILE A 24 -6.46 -7.08 8.22
N THR A 25 -5.75 -8.08 8.72
CA THR A 25 -6.38 -9.09 9.52
C THR A 25 -6.23 -8.82 11.02
N THR A 26 -5.13 -8.18 11.41
CA THR A 26 -4.89 -7.93 12.82
C THR A 26 -5.28 -6.51 13.26
N ILE A 27 -5.33 -5.60 12.32
CA ILE A 27 -5.67 -4.23 12.63
C ILE A 27 -7.08 -3.95 12.14
N SER A 28 -7.94 -3.51 13.03
CA SER A 28 -9.31 -3.18 12.65
C SER A 28 -9.42 -1.71 12.23
N ASP A 29 -8.54 -0.89 12.76
CA ASP A 29 -8.50 0.54 12.47
C ASP A 29 -7.07 0.98 12.30
N PRO A 30 -6.62 1.17 11.06
CA PRO A 30 -5.23 1.51 10.75
C PRO A 30 -4.82 2.89 11.22
N MET A 31 -3.58 3.20 11.05
CA MET A 31 -3.08 4.50 11.37
C MET A 31 -2.89 5.26 10.06
N GLU A 32 -3.05 6.57 10.11
CA GLU A 32 -2.80 7.46 8.98
C GLU A 32 -1.49 7.10 8.27
N GLU A 33 -0.43 6.89 9.06
CA GLU A 33 0.87 6.52 8.52
C GLU A 33 0.83 5.23 7.71
N ASP A 34 0.00 4.27 8.10
CA ASP A 34 -0.08 2.99 7.38
C ASP A 34 -0.64 3.25 6.01
N ILE A 35 -1.66 4.08 5.99
CA ILE A 35 -2.34 4.45 4.77
C ILE A 35 -1.38 5.23 3.86
N LEU A 36 -0.64 6.14 4.45
CA LEU A 36 0.30 6.95 3.70
C LEU A 36 1.46 6.11 3.15
N GLN A 37 1.82 5.07 3.86
CA GLN A 37 2.88 4.18 3.43
C GLN A 37 2.47 3.33 2.26
N VAL A 38 1.24 2.84 2.27
CA VAL A 38 0.74 2.09 1.12
C VAL A 38 0.52 3.02 -0.07
N VAL A 39 0.17 4.25 0.24
CA VAL A 39 0.09 5.35 -0.75
C VAL A 39 1.47 5.52 -1.41
N LYS A 40 2.48 5.72 -0.58
CA LYS A 40 3.85 5.88 -1.03
C LYS A 40 4.31 4.70 -1.82
N TYR A 41 3.93 3.53 -1.35
CA TYR A 41 4.32 2.30 -1.99
C TYR A 41 3.82 2.29 -3.41
N CYS A 42 2.54 2.53 -3.59
CA CYS A 42 1.92 2.51 -4.89
C CYS A 42 2.52 3.56 -5.83
N THR A 43 2.79 4.74 -5.31
CA THR A 43 3.37 5.78 -6.11
C THR A 43 4.81 5.43 -6.52
N ASP A 44 5.52 4.78 -5.61
CA ASP A 44 6.89 4.35 -5.85
C ASP A 44 6.92 3.30 -6.96
N LEU A 45 5.91 2.39 -7.00
CA LEU A 45 5.82 1.41 -8.09
C LEU A 45 5.72 2.11 -9.44
N ILE A 46 4.93 3.16 -9.49
CA ILE A 46 4.69 3.89 -10.72
C ILE A 46 5.97 4.57 -11.20
N GLU A 47 6.58 5.28 -10.30
CA GLU A 47 7.75 6.06 -10.60
C GLU A 47 8.98 5.17 -10.86
N GLU A 48 8.99 3.99 -10.27
CA GLU A 48 10.07 3.05 -10.51
C GLU A 48 9.74 2.09 -11.67
N LYS A 49 8.65 2.40 -12.39
CA LYS A 49 8.21 1.66 -13.61
C LYS A 49 7.83 0.19 -13.34
N ASP A 50 7.47 -0.11 -12.12
CA ASP A 50 7.07 -1.46 -11.79
C ASP A 50 5.56 -1.50 -11.68
N LEU A 51 4.91 -1.40 -12.82
CA LEU A 51 3.46 -1.36 -12.88
C LEU A 51 2.88 -2.73 -12.74
N GLU A 52 3.73 -3.73 -12.92
CA GLU A 52 3.34 -5.10 -12.75
C GLU A 52 2.95 -5.32 -11.30
N LYS A 53 3.86 -4.95 -10.39
CA LYS A 53 3.63 -5.13 -8.99
C LYS A 53 2.57 -4.15 -8.51
N LEU A 54 2.49 -2.98 -9.16
CA LEU A 54 1.46 -1.98 -8.88
C LEU A 54 0.07 -2.60 -9.08
N ASP A 55 -0.19 -3.13 -10.27
CA ASP A 55 -1.48 -3.79 -10.60
C ASP A 55 -1.80 -4.88 -9.58
N LEU A 56 -0.78 -5.64 -9.23
CA LEU A 56 -0.90 -6.73 -8.30
C LEU A 56 -1.30 -6.25 -6.91
N VAL A 57 -0.59 -5.24 -6.40
CA VAL A 57 -0.85 -4.74 -5.05
C VAL A 57 -2.20 -4.10 -4.93
N ILE A 58 -2.59 -3.38 -5.96
CA ILE A 58 -3.85 -2.67 -5.95
C ILE A 58 -5.02 -3.63 -5.79
N LYS A 59 -5.03 -4.64 -6.63
CA LYS A 59 -6.08 -5.64 -6.63
C LYS A 59 -6.02 -6.51 -5.38
N TYR A 60 -4.81 -6.73 -4.87
CA TYR A 60 -4.62 -7.52 -3.65
C TYR A 60 -5.20 -6.78 -2.46
N MET A 61 -4.83 -5.50 -2.33
CA MET A 61 -5.33 -4.67 -1.26
C MET A 61 -6.82 -4.56 -1.32
N LYS A 62 -7.38 -4.47 -2.54
CA LYS A 62 -8.81 -4.40 -2.69
C LYS A 62 -9.47 -5.62 -2.09
N ARG A 63 -9.04 -6.80 -2.52
CA ARG A 63 -9.56 -8.08 -2.02
C ARG A 63 -9.62 -8.13 -0.48
N LEU A 64 -8.63 -7.53 0.16
CA LEU A 64 -8.58 -7.49 1.61
C LEU A 64 -9.42 -6.33 2.19
N MET A 65 -9.27 -5.15 1.63
CA MET A 65 -9.98 -3.95 2.11
C MET A 65 -11.46 -4.01 1.85
N GLN A 66 -11.85 -4.79 0.85
CA GLN A 66 -13.25 -4.95 0.47
C GLN A 66 -13.95 -5.86 1.49
N GLN A 67 -13.14 -6.58 2.28
CA GLN A 67 -13.66 -7.46 3.32
C GLN A 67 -14.20 -6.61 4.45
N SER A 68 -13.54 -5.51 4.68
CA SER A 68 -13.90 -4.63 5.74
C SER A 68 -14.83 -3.53 5.23
N VAL A 69 -16.03 -3.49 5.75
CA VAL A 69 -17.03 -2.53 5.30
C VAL A 69 -16.90 -1.20 6.04
N GLU A 70 -15.93 -1.13 6.92
CA GLU A 70 -15.76 0.06 7.70
C GLU A 70 -15.13 1.15 6.85
N SER A 71 -15.55 2.38 7.10
CA SER A 71 -15.19 3.51 6.30
C SER A 71 -13.68 3.70 6.15
N VAL A 72 -12.92 3.56 7.23
CA VAL A 72 -11.47 3.76 7.21
C VAL A 72 -10.75 2.93 6.12
N TRP A 73 -11.20 1.70 5.91
CA TRP A 73 -10.58 0.83 4.92
C TRP A 73 -11.04 1.20 3.53
N ASN A 74 -12.31 1.55 3.45
CA ASN A 74 -12.90 1.93 2.18
C ASN A 74 -12.33 3.24 1.69
N MET A 75 -12.24 4.22 2.61
CA MET A 75 -11.61 5.52 2.35
C MET A 75 -10.23 5.35 1.89
N ALA A 76 -9.53 4.47 2.57
CA ALA A 76 -8.12 4.19 2.32
C ALA A 76 -7.92 3.73 0.90
N PHE A 77 -8.56 2.61 0.52
CA PHE A 77 -8.41 2.06 -0.83
C PHE A 77 -8.71 3.10 -1.90
N ASP A 78 -9.80 3.82 -1.73
CA ASP A 78 -10.20 4.88 -2.66
C ASP A 78 -9.14 5.98 -2.72
N PHE A 79 -8.69 6.42 -1.55
CA PHE A 79 -7.62 7.41 -1.43
C PHE A 79 -6.38 6.95 -2.18
N ILE A 80 -5.94 5.71 -1.94
CA ILE A 80 -4.79 5.14 -2.63
C ILE A 80 -4.99 5.18 -4.15
N LEU A 81 -6.17 4.75 -4.61
CA LEU A 81 -6.50 4.78 -6.04
C LEU A 81 -6.27 6.13 -6.65
N ASP A 82 -6.79 7.17 -6.00
CA ASP A 82 -6.63 8.56 -6.46
C ASP A 82 -5.18 8.90 -6.71
N ASN A 83 -4.33 8.61 -5.72
CA ASN A 83 -2.88 8.83 -5.83
C ASN A 83 -2.34 8.14 -7.06
N VAL A 84 -2.66 6.85 -7.18
CA VAL A 84 -2.23 6.04 -8.31
C VAL A 84 -2.68 6.64 -9.64
N GLN A 85 -3.94 7.03 -9.71
CA GLN A 85 -4.51 7.61 -10.92
C GLN A 85 -3.74 8.88 -11.32
N VAL A 86 -3.65 9.82 -10.40
CA VAL A 86 -2.93 11.08 -10.62
C VAL A 86 -1.49 10.84 -11.08
N VAL A 87 -0.76 10.05 -10.31
CA VAL A 87 0.64 9.78 -10.60
C VAL A 87 0.82 9.03 -11.95
N LEU A 88 -0.04 8.04 -12.23
CA LEU A 88 -0.01 7.33 -13.54
C LEU A 88 -0.23 8.30 -14.67
N GLN A 89 -1.15 9.22 -14.49
CA GLN A 89 -1.46 10.22 -15.47
C GLN A 89 -0.27 11.15 -15.70
N GLN A 90 0.31 11.60 -14.62
CA GLN A 90 1.51 12.43 -14.67
C GLN A 90 2.69 11.74 -15.37
N THR A 91 2.82 10.45 -15.19
CA THR A 91 3.92 9.73 -15.75
C THR A 91 3.65 9.20 -17.16
N TYR A 92 2.67 8.36 -17.28
CA TYR A 92 2.37 7.70 -18.54
C TYR A 92 1.18 8.31 -19.24
N GLY A 93 0.32 8.97 -18.48
CA GLY A 93 -0.94 9.45 -19.05
C GLY A 93 -1.88 8.31 -19.30
N SER A 94 -1.61 7.22 -18.63
CA SER A 94 -2.36 6.01 -18.78
C SER A 94 -2.66 5.48 -17.40
N THR A 95 -3.91 5.48 -17.03
CA THR A 95 -4.29 5.04 -15.73
C THR A 95 -4.81 3.62 -15.76
N LEU A 96 -4.92 3.03 -14.58
CA LEU A 96 -5.42 1.71 -14.46
C LEU A 96 -6.74 1.80 -13.80
N LYS A 97 -7.72 1.35 -14.49
CA LYS A 97 -9.06 1.46 -14.04
C LYS A 97 -9.44 0.20 -13.32
N VAL A 98 -9.53 0.29 -12.04
CA VAL A 98 -9.91 -0.82 -11.23
C VAL A 98 -11.36 -0.68 -10.75
N THR A 99 -12.22 -1.36 -11.42
CA THR A 99 -13.62 -1.33 -11.15
C THR A 99 -14.00 -2.62 -10.41
N GLY B 1 -2.51 13.49 14.18
CA GLY B 1 -1.94 12.16 14.30
C GLY B 1 -2.64 11.38 15.36
N SER B 2 -2.02 10.34 15.83
CA SER B 2 -2.60 9.51 16.84
C SER B 2 -1.47 8.89 17.64
N HIS B 3 -1.76 8.42 18.86
CA HIS B 3 -0.76 7.71 19.64
C HIS B 3 -0.76 6.26 19.21
N LYS B 4 -0.38 6.05 17.99
CA LYS B 4 -0.32 4.75 17.40
C LYS B 4 1.04 4.57 16.80
N LYS B 5 1.24 3.42 16.26
CA LYS B 5 2.45 3.09 15.56
C LYS B 5 2.03 2.45 14.27
N SER B 6 2.71 2.75 13.21
CA SER B 6 2.43 2.14 11.96
C SER B 6 2.78 0.66 12.04
N PHE B 7 1.92 -0.17 11.49
CA PHE B 7 2.10 -1.59 11.45
C PHE B 7 3.39 -1.89 10.69
N PHE B 8 3.56 -1.19 9.60
CA PHE B 8 4.72 -1.35 8.75
C PHE B 8 5.97 -0.88 9.47
N ASP B 9 5.82 0.17 10.28
CA ASP B 9 6.94 0.65 11.11
C ASP B 9 7.34 -0.41 12.14
N LYS B 10 6.33 -1.05 12.73
CA LYS B 10 6.55 -2.15 13.68
C LYS B 10 7.28 -3.27 12.99
N LYS B 11 6.78 -3.68 11.84
CA LYS B 11 7.39 -4.71 11.02
C LYS B 11 8.81 -4.35 10.62
N ARG B 12 9.04 -3.09 10.35
CA ARG B 12 10.36 -2.61 9.99
C ARG B 12 11.31 -2.70 11.19
N SER B 13 10.72 -2.62 12.37
CA SER B 13 11.44 -2.73 13.61
C SER B 13 11.66 -4.21 13.96
N GLU B 14 10.78 -5.08 13.45
CA GLU B 14 10.90 -6.51 13.64
C GLU B 14 11.92 -7.10 12.68
N ARG B 15 12.14 -6.39 11.59
CA ARG B 15 13.09 -6.80 10.59
C ARG B 15 14.43 -6.13 10.82
N LYS B 16 15.27 -6.76 11.58
CA LYS B 16 16.61 -6.25 11.78
C LYS B 16 17.66 -7.29 11.41
N TRP B 17 17.19 -8.49 11.17
CA TRP B 17 17.97 -9.61 10.69
C TRP B 17 18.62 -9.30 9.33
N GLY A 1 16.41 7.61 0.75
CA GLY A 1 17.21 7.47 -0.45
C GLY A 1 16.53 6.58 -1.44
N HIS A 2 17.25 6.10 -2.43
CA HIS A 2 16.65 5.30 -3.47
C HIS A 2 16.65 3.82 -3.13
N MET A 3 15.50 3.34 -2.76
CA MET A 3 15.28 1.93 -2.54
C MET A 3 14.39 1.44 -3.65
N ALA A 4 14.22 0.15 -3.74
CA ALA A 4 13.27 -0.40 -4.67
C ALA A 4 11.88 -0.29 -4.03
N PRO A 5 10.79 -0.39 -4.81
CA PRO A 5 9.43 -0.30 -4.25
C PRO A 5 9.21 -1.29 -3.12
N ASN A 6 9.02 -0.77 -1.93
CA ASN A 6 8.94 -1.60 -0.74
C ASN A 6 7.95 -1.06 0.26
N LEU A 7 7.63 -1.91 1.21
CA LEU A 7 6.85 -1.56 2.38
C LEU A 7 7.68 -1.90 3.51
N ALA A 8 8.06 -0.90 4.28
CA ALA A 8 8.81 -1.11 5.51
C ALA A 8 10.21 -1.71 5.23
N GLY A 9 10.57 -1.77 3.97
CA GLY A 9 11.81 -2.34 3.53
C GLY A 9 11.63 -3.66 2.79
N ALA A 10 10.39 -4.16 2.73
CA ALA A 10 10.12 -5.41 2.03
C ALA A 10 9.91 -5.13 0.57
N VAL A 11 10.81 -5.63 -0.23
CA VAL A 11 10.76 -5.45 -1.66
C VAL A 11 9.96 -6.58 -2.29
N GLU A 12 10.24 -7.80 -1.85
CA GLU A 12 9.55 -9.01 -2.29
C GLU A 12 8.05 -8.86 -2.17
N PHE A 13 7.36 -9.01 -3.30
CA PHE A 13 5.90 -8.90 -3.36
C PHE A 13 5.24 -9.98 -2.48
N ASN A 14 5.96 -11.05 -2.26
CA ASN A 14 5.48 -12.17 -1.48
C ASN A 14 5.39 -11.75 -0.02
N ASP A 15 6.44 -11.06 0.42
CA ASP A 15 6.56 -10.59 1.79
C ASP A 15 5.65 -9.37 1.99
N VAL A 16 5.45 -8.64 0.89
CA VAL A 16 4.56 -7.49 0.83
C VAL A 16 3.13 -7.90 1.10
N LYS A 17 2.69 -8.97 0.44
CA LYS A 17 1.34 -9.48 0.62
C LYS A 17 1.09 -9.81 2.06
N THR A 18 1.97 -10.59 2.63
CA THR A 18 1.90 -10.99 4.02
C THR A 18 1.90 -9.77 4.98
N LEU A 19 2.49 -8.66 4.56
CA LEU A 19 2.48 -7.44 5.37
C LEU A 19 1.08 -6.84 5.32
N LEU A 20 0.55 -6.71 4.12
CA LEU A 20 -0.76 -6.11 3.88
C LEU A 20 -1.84 -6.94 4.53
N ARG A 21 -1.81 -8.22 4.24
CA ARG A 21 -2.79 -9.17 4.70
C ARG A 21 -2.83 -9.26 6.21
N GLU A 22 -1.67 -9.20 6.85
CA GLU A 22 -1.61 -9.28 8.30
C GLU A 22 -2.18 -7.99 8.88
N TRP A 23 -1.86 -6.90 8.23
CA TRP A 23 -2.32 -5.57 8.60
C TRP A 23 -3.84 -5.49 8.53
N ILE A 24 -4.40 -6.01 7.48
CA ILE A 24 -5.84 -5.92 7.26
C ILE A 24 -6.61 -6.92 8.15
N THR A 25 -5.95 -7.95 8.60
CA THR A 25 -6.62 -8.94 9.41
C THR A 25 -6.46 -8.67 10.92
N THR A 26 -5.37 -8.03 11.31
CA THR A 26 -5.14 -7.77 12.72
C THR A 26 -5.60 -6.36 13.13
N ILE A 27 -5.56 -5.44 12.19
CA ILE A 27 -5.89 -4.06 12.47
C ILE A 27 -7.31 -3.79 12.00
N SER A 28 -8.14 -3.29 12.88
CA SER A 28 -9.50 -2.98 12.53
C SER A 28 -9.62 -1.53 12.08
N ASP A 29 -8.72 -0.70 12.57
CA ASP A 29 -8.73 0.73 12.28
C ASP A 29 -7.30 1.20 12.08
N PRO A 30 -6.88 1.39 10.82
CA PRO A 30 -5.49 1.71 10.47
C PRO A 30 -5.05 3.12 10.86
N MET A 31 -3.77 3.37 10.79
CA MET A 31 -3.22 4.67 11.05
C MET A 31 -2.88 5.35 9.75
N GLU A 32 -3.01 6.67 9.73
CA GLU A 32 -2.69 7.51 8.59
C GLU A 32 -1.31 7.15 8.01
N GLU A 33 -0.32 7.05 8.91
CA GLU A 33 1.06 6.66 8.55
C GLU A 33 1.08 5.40 7.69
N ASP A 34 0.34 4.38 8.11
CA ASP A 34 0.31 3.09 7.40
C ASP A 34 -0.30 3.24 6.05
N ILE A 35 -1.38 4.00 5.99
CA ILE A 35 -2.09 4.24 4.76
C ILE A 35 -1.17 4.96 3.77
N LEU A 36 -0.47 5.97 4.26
CA LEU A 36 0.46 6.75 3.46
C LEU A 36 1.63 5.92 2.95
N GLN A 37 2.05 4.97 3.74
CA GLN A 37 3.14 4.05 3.36
C GLN A 37 2.69 3.12 2.25
N VAL A 38 1.45 2.67 2.31
CA VAL A 38 0.86 1.87 1.25
C VAL A 38 0.79 2.71 -0.03
N VAL A 39 0.42 3.96 0.17
CA VAL A 39 0.38 4.97 -0.87
C VAL A 39 1.75 5.15 -1.52
N LYS A 40 2.77 5.36 -0.67
CA LYS A 40 4.15 5.60 -1.08
C LYS A 40 4.65 4.39 -1.88
N TYR A 41 4.15 3.21 -1.51
CA TYR A 41 4.49 1.99 -2.20
C TYR A 41 3.94 2.04 -3.61
N CYS A 42 2.65 2.30 -3.72
CA CYS A 42 1.96 2.29 -5.00
C CYS A 42 2.56 3.33 -5.95
N THR A 43 2.85 4.51 -5.43
CA THR A 43 3.43 5.56 -6.23
C THR A 43 4.85 5.19 -6.65
N ASP A 44 5.51 4.42 -5.80
CA ASP A 44 6.89 3.99 -6.04
C ASP A 44 6.93 3.02 -7.20
N LEU A 45 5.92 2.13 -7.28
CA LEU A 45 5.81 1.21 -8.42
C LEU A 45 5.65 1.98 -9.70
N ILE A 46 4.96 3.11 -9.63
CA ILE A 46 4.73 3.94 -10.78
C ILE A 46 6.04 4.62 -11.22
N GLU A 47 6.77 5.17 -10.27
CA GLU A 47 8.04 5.84 -10.57
C GLU A 47 9.08 4.85 -11.10
N GLU A 48 9.07 3.66 -10.54
CA GLU A 48 9.99 2.62 -10.94
C GLU A 48 9.47 1.85 -12.16
N LYS A 49 8.31 2.29 -12.66
CA LYS A 49 7.68 1.80 -13.90
C LYS A 49 7.26 0.33 -13.81
N ASP A 50 7.14 -0.16 -12.61
CA ASP A 50 6.78 -1.53 -12.38
C ASP A 50 5.28 -1.58 -12.13
N LEU A 51 4.54 -1.37 -13.19
CA LEU A 51 3.10 -1.32 -13.13
C LEU A 51 2.51 -2.70 -13.01
N GLU A 52 3.34 -3.69 -13.28
CA GLU A 52 3.00 -5.08 -13.13
C GLU A 52 2.59 -5.34 -11.69
N LYS A 53 3.49 -5.02 -10.78
CA LYS A 53 3.28 -5.25 -9.37
C LYS A 53 2.27 -4.26 -8.83
N LEU A 54 2.26 -3.05 -9.41
CA LEU A 54 1.29 -2.02 -9.06
C LEU A 54 -0.14 -2.58 -9.18
N ASP A 55 -0.49 -3.08 -10.36
CA ASP A 55 -1.84 -3.63 -10.57
C ASP A 55 -2.10 -4.82 -9.64
N LEU A 56 -1.06 -5.62 -9.38
CA LEU A 56 -1.17 -6.79 -8.50
C LEU A 56 -1.49 -6.38 -7.07
N VAL A 57 -0.71 -5.43 -6.54
CA VAL A 57 -0.89 -5.00 -5.15
C VAL A 57 -2.26 -4.38 -4.95
N ILE A 58 -2.70 -3.62 -5.94
CA ILE A 58 -3.97 -2.94 -5.87
C ILE A 58 -5.12 -3.96 -5.74
N LYS A 59 -5.16 -4.94 -6.63
CA LYS A 59 -6.21 -5.94 -6.57
C LYS A 59 -6.10 -6.82 -5.35
N TYR A 60 -4.89 -7.09 -4.90
CA TYR A 60 -4.67 -7.92 -3.72
C TYR A 60 -5.28 -7.22 -2.49
N MET A 61 -5.00 -5.94 -2.37
CA MET A 61 -5.53 -5.13 -1.29
C MET A 61 -7.03 -5.05 -1.39
N LYS A 62 -7.54 -4.88 -2.62
CA LYS A 62 -8.97 -4.82 -2.88
C LYS A 62 -9.66 -6.07 -2.33
N ARG A 63 -9.09 -7.22 -2.64
CA ARG A 63 -9.60 -8.52 -2.20
C ARG A 63 -9.75 -8.54 -0.70
N LEU A 64 -8.69 -8.13 -0.01
CA LEU A 64 -8.65 -8.13 1.46
C LEU A 64 -9.64 -7.11 2.02
N MET A 65 -9.63 -5.94 1.42
CA MET A 65 -10.47 -4.82 1.83
C MET A 65 -11.95 -5.10 1.67
N GLN A 66 -12.32 -6.10 0.84
CA GLN A 66 -13.75 -6.44 0.65
C GLN A 66 -14.31 -7.09 1.90
N GLN A 67 -13.43 -7.50 2.79
CA GLN A 67 -13.82 -8.06 4.05
C GLN A 67 -14.03 -6.97 5.06
N SER A 68 -13.21 -5.97 4.97
CA SER A 68 -13.29 -4.86 5.85
C SER A 68 -14.22 -3.79 5.27
N VAL A 69 -15.48 -3.87 5.65
CA VAL A 69 -16.53 -3.03 5.09
C VAL A 69 -16.66 -1.71 5.82
N GLU A 70 -15.78 -1.50 6.79
CA GLU A 70 -15.79 -0.29 7.56
C GLU A 70 -15.31 0.88 6.72
N SER A 71 -15.82 2.06 7.03
CA SER A 71 -15.57 3.27 6.29
C SER A 71 -14.07 3.54 6.10
N VAL A 72 -13.28 3.39 7.17
CA VAL A 72 -11.84 3.61 7.11
C VAL A 72 -11.13 2.80 6.01
N TRP A 73 -11.59 1.59 5.76
CA TRP A 73 -10.95 0.74 4.77
C TRP A 73 -11.44 1.06 3.37
N ASN A 74 -12.68 1.47 3.28
CA ASN A 74 -13.26 1.82 1.99
C ASN A 74 -12.66 3.12 1.51
N MET A 75 -12.56 4.08 2.42
CA MET A 75 -11.94 5.38 2.14
C MET A 75 -10.50 5.20 1.82
N ALA A 76 -9.90 4.26 2.50
CA ALA A 76 -8.48 3.94 2.31
C ALA A 76 -8.24 3.47 0.89
N PHE A 77 -8.96 2.43 0.47
CA PHE A 77 -8.84 1.89 -0.89
C PHE A 77 -9.01 3.00 -1.95
N ASP A 78 -10.08 3.79 -1.80
CA ASP A 78 -10.35 4.91 -2.72
C ASP A 78 -9.19 5.90 -2.73
N PHE A 79 -8.72 6.25 -1.55
CA PHE A 79 -7.59 7.14 -1.38
C PHE A 79 -6.37 6.60 -2.09
N ILE A 80 -6.02 5.34 -1.86
CA ILE A 80 -4.88 4.72 -2.53
C ILE A 80 -5.05 4.78 -4.04
N LEU A 81 -6.22 4.40 -4.53
CA LEU A 81 -6.54 4.46 -5.95
C LEU A 81 -6.28 5.85 -6.50
N ASP A 82 -6.79 6.86 -5.79
CA ASP A 82 -6.65 8.28 -6.17
C ASP A 82 -5.19 8.64 -6.41
N ASN A 83 -4.35 8.34 -5.42
CA ASN A 83 -2.91 8.61 -5.53
C ASN A 83 -2.33 7.94 -6.76
N VAL A 84 -2.68 6.68 -6.96
CA VAL A 84 -2.25 5.91 -8.12
C VAL A 84 -2.69 6.58 -9.41
N GLN A 85 -3.95 6.95 -9.49
CA GLN A 85 -4.54 7.59 -10.66
C GLN A 85 -3.77 8.87 -11.01
N VAL A 86 -3.63 9.76 -10.03
CA VAL A 86 -2.90 11.02 -10.19
C VAL A 86 -1.48 10.78 -10.69
N VAL A 87 -0.74 9.97 -9.97
CA VAL A 87 0.64 9.69 -10.30
C VAL A 87 0.80 9.01 -11.67
N LEU A 88 -0.12 8.09 -12.02
CA LEU A 88 -0.13 7.46 -13.35
C LEU A 88 -0.34 8.51 -14.44
N GLN A 89 -1.16 9.48 -14.15
CA GLN A 89 -1.39 10.57 -15.06
C GLN A 89 -0.15 11.45 -15.18
N GLN A 90 0.45 11.78 -14.04
CA GLN A 90 1.67 12.57 -14.00
C GLN A 90 2.79 11.92 -14.81
N THR A 91 2.83 10.60 -14.81
CA THR A 91 3.85 9.89 -15.52
C THR A 91 3.47 9.55 -16.97
N TYR A 92 2.43 8.76 -17.15
CA TYR A 92 2.10 8.23 -18.45
C TYR A 92 0.90 8.93 -19.06
N GLY A 93 0.19 9.72 -18.27
CA GLY A 93 -1.05 10.34 -18.74
C GLY A 93 -2.07 9.28 -19.08
N SER A 94 -1.97 8.17 -18.40
CA SER A 94 -2.80 7.02 -18.64
C SER A 94 -3.08 6.43 -17.27
N THR A 95 -4.28 6.00 -17.03
CA THR A 95 -4.61 5.47 -15.74
C THR A 95 -5.19 4.10 -15.85
N LEU A 96 -5.24 3.42 -14.73
CA LEU A 96 -5.84 2.13 -14.66
C LEU A 96 -7.01 2.24 -13.75
N LYS A 97 -8.17 2.26 -14.32
CA LYS A 97 -9.38 2.38 -13.56
C LYS A 97 -9.67 1.09 -12.84
N VAL A 98 -9.48 1.11 -11.57
CA VAL A 98 -9.74 -0.03 -10.74
C VAL A 98 -10.99 0.23 -9.94
N THR A 99 -11.97 -0.58 -10.12
CA THR A 99 -13.18 -0.49 -9.37
C THR A 99 -13.70 -1.89 -9.14
N GLY B 1 5.43 6.03 14.11
CA GLY B 1 3.99 6.13 14.39
C GLY B 1 3.70 5.78 15.83
N SER B 2 3.74 6.77 16.70
CA SER B 2 3.50 6.54 18.11
C SER B 2 2.02 6.73 18.45
N HIS B 3 1.39 7.72 17.85
CA HIS B 3 -0.05 7.91 17.99
C HIS B 3 -0.66 6.98 17.02
N LYS B 4 -1.28 5.93 17.54
CA LYS B 4 -1.65 4.76 16.79
C LYS B 4 -0.44 3.99 16.38
N LYS B 5 -0.39 2.79 16.82
CA LYS B 5 0.72 1.97 16.53
C LYS B 5 0.68 1.57 15.08
N SER B 6 1.61 2.11 14.36
CA SER B 6 1.64 1.99 12.95
C SER B 6 2.31 0.67 12.56
N PHE B 7 1.56 -0.13 11.85
CA PHE B 7 1.92 -1.48 11.50
C PHE B 7 3.22 -1.54 10.69
N PHE B 8 3.28 -0.78 9.61
CA PHE B 8 4.44 -0.84 8.72
C PHE B 8 5.63 -0.15 9.35
N ASP B 9 5.34 0.70 10.30
CA ASP B 9 6.39 1.41 11.02
C ASP B 9 7.07 0.43 11.96
N LYS B 10 6.25 -0.43 12.60
CA LYS B 10 6.75 -1.51 13.44
C LYS B 10 7.61 -2.44 12.62
N LYS B 11 7.03 -2.91 11.50
CA LYS B 11 7.70 -3.82 10.59
C LYS B 11 9.05 -3.31 10.16
N ARG B 12 9.12 -2.05 9.81
CA ARG B 12 10.34 -1.43 9.35
C ARG B 12 11.37 -1.33 10.48
N SER B 13 10.88 -1.08 11.68
CA SER B 13 11.75 -0.97 12.84
C SER B 13 12.44 -2.32 13.11
N GLU B 14 11.68 -3.38 12.89
CA GLU B 14 12.14 -4.72 13.12
C GLU B 14 13.02 -5.25 12.00
N ARG B 15 12.77 -4.79 10.80
CA ARG B 15 13.42 -5.40 9.68
C ARG B 15 14.64 -4.65 9.21
N LYS B 16 15.78 -5.14 9.59
CA LYS B 16 17.01 -4.55 9.15
C LYS B 16 17.89 -5.54 8.39
N TRP B 17 17.34 -6.69 8.15
CA TRP B 17 17.97 -7.72 7.35
C TRP B 17 18.18 -7.26 5.89
N GLY A 1 15.87 8.91 -3.47
CA GLY A 1 16.68 7.96 -4.23
C GLY A 1 15.81 6.90 -4.87
N HIS A 2 16.27 6.34 -5.96
CA HIS A 2 15.53 5.32 -6.67
C HIS A 2 15.95 3.96 -6.23
N MET A 3 15.17 3.43 -5.34
CA MET A 3 15.37 2.12 -4.78
C MET A 3 14.31 1.22 -5.32
N ALA A 4 14.40 -0.03 -5.04
CA ALA A 4 13.38 -0.96 -5.43
C ALA A 4 12.17 -0.72 -4.53
N PRO A 5 10.95 -0.80 -5.09
CA PRO A 5 9.73 -0.52 -4.33
C PRO A 5 9.61 -1.42 -3.12
N ASN A 6 9.65 -0.82 -1.96
CA ASN A 6 9.63 -1.56 -0.75
C ASN A 6 8.65 -1.02 0.24
N LEU A 7 8.06 -1.93 0.92
CA LEU A 7 7.10 -1.66 1.95
C LEU A 7 7.67 -2.24 3.21
N ALA A 8 8.04 -1.39 4.15
CA ALA A 8 8.75 -1.79 5.39
C ALA A 8 10.12 -2.44 5.07
N GLY A 9 10.55 -2.24 3.84
CA GLY A 9 11.79 -2.78 3.34
C GLY A 9 11.56 -4.02 2.50
N ALA A 10 10.31 -4.47 2.45
CA ALA A 10 9.93 -5.64 1.68
C ALA A 10 9.71 -5.27 0.23
N VAL A 11 10.46 -5.89 -0.62
CA VAL A 11 10.36 -5.69 -2.04
C VAL A 11 9.49 -6.75 -2.70
N GLU A 12 9.76 -8.02 -2.39
CA GLU A 12 9.02 -9.14 -2.93
C GLU A 12 7.56 -9.07 -2.58
N PHE A 13 6.73 -9.34 -3.57
CA PHE A 13 5.30 -9.22 -3.44
C PHE A 13 4.74 -10.16 -2.36
N ASN A 14 5.27 -11.37 -2.28
CA ASN A 14 4.87 -12.33 -1.22
C ASN A 14 5.13 -11.78 0.18
N ASP A 15 6.23 -11.08 0.33
CA ASP A 15 6.63 -10.51 1.61
C ASP A 15 5.71 -9.30 1.90
N VAL A 16 5.46 -8.52 0.85
CA VAL A 16 4.55 -7.37 0.87
C VAL A 16 3.14 -7.79 1.30
N LYS A 17 2.67 -8.88 0.69
CA LYS A 17 1.35 -9.41 0.98
C LYS A 17 1.22 -9.79 2.43
N THR A 18 2.22 -10.45 2.96
CA THR A 18 2.27 -10.81 4.38
C THR A 18 2.07 -9.56 5.27
N LEU A 19 2.68 -8.46 4.85
CA LEU A 19 2.60 -7.21 5.60
C LEU A 19 1.19 -6.63 5.51
N LEU A 20 0.69 -6.55 4.28
CA LEU A 20 -0.63 -5.97 4.02
C LEU A 20 -1.72 -6.78 4.68
N ARG A 21 -1.70 -8.07 4.46
CA ARG A 21 -2.72 -8.97 4.93
C ARG A 21 -2.81 -9.01 6.44
N GLU A 22 -1.68 -8.92 7.11
CA GLU A 22 -1.70 -8.96 8.55
C GLU A 22 -2.27 -7.65 9.07
N TRP A 23 -1.89 -6.58 8.41
CA TRP A 23 -2.35 -5.23 8.72
C TRP A 23 -3.87 -5.16 8.58
N ILE A 24 -4.37 -5.66 7.47
CA ILE A 24 -5.79 -5.55 7.17
C ILE A 24 -6.65 -6.49 8.04
N THR A 25 -6.04 -7.53 8.58
CA THR A 25 -6.80 -8.46 9.39
C THR A 25 -6.66 -8.18 10.90
N THR A 26 -5.51 -7.69 11.34
CA THR A 26 -5.30 -7.50 12.78
C THR A 26 -5.67 -6.09 13.23
N ILE A 27 -5.59 -5.14 12.33
CA ILE A 27 -5.85 -3.78 12.65
C ILE A 27 -7.32 -3.48 12.33
N SER A 28 -8.06 -3.06 13.32
CA SER A 28 -9.47 -2.74 13.14
C SER A 28 -9.64 -1.40 12.41
N ASP A 29 -8.75 -0.49 12.72
CA ASP A 29 -8.82 0.88 12.22
C ASP A 29 -7.42 1.37 11.93
N PRO A 30 -7.08 1.57 10.64
CA PRO A 30 -5.73 1.92 10.22
C PRO A 30 -5.32 3.31 10.66
N MET A 31 -4.05 3.56 10.64
CA MET A 31 -3.52 4.84 10.97
C MET A 31 -3.26 5.57 9.67
N GLU A 32 -3.41 6.91 9.67
CA GLU A 32 -3.08 7.76 8.50
C GLU A 32 -1.78 7.34 7.90
N GLU A 33 -0.79 7.25 8.75
CA GLU A 33 0.55 6.93 8.37
C GLU A 33 0.66 5.59 7.66
N ASP A 34 -0.11 4.56 8.11
CA ASP A 34 -0.07 3.21 7.47
C ASP A 34 -0.54 3.35 6.06
N ILE A 35 -1.66 4.06 5.94
CA ILE A 35 -2.32 4.31 4.68
C ILE A 35 -1.39 5.04 3.74
N LEU A 36 -0.75 6.06 4.27
CA LEU A 36 0.17 6.88 3.53
C LEU A 36 1.44 6.11 3.12
N GLN A 37 1.79 5.07 3.89
CA GLN A 37 2.93 4.22 3.56
C GLN A 37 2.57 3.36 2.36
N VAL A 38 1.32 2.88 2.33
CA VAL A 38 0.81 2.12 1.20
C VAL A 38 0.77 3.02 -0.02
N VAL A 39 0.39 4.26 0.22
CA VAL A 39 0.36 5.32 -0.78
C VAL A 39 1.76 5.51 -1.39
N LYS A 40 2.75 5.68 -0.52
CA LYS A 40 4.15 5.83 -0.93
C LYS A 40 4.64 4.61 -1.68
N TYR A 41 4.13 3.45 -1.32
CA TYR A 41 4.50 2.24 -1.97
C TYR A 41 3.95 2.21 -3.40
N CYS A 42 2.65 2.42 -3.53
CA CYS A 42 1.97 2.33 -4.83
C CYS A 42 2.57 3.34 -5.83
N THR A 43 2.81 4.53 -5.35
CA THR A 43 3.37 5.57 -6.16
C THR A 43 4.83 5.26 -6.54
N ASP A 44 5.52 4.53 -5.68
CA ASP A 44 6.90 4.14 -5.94
C ASP A 44 6.95 3.06 -7.04
N LEU A 45 5.90 2.23 -7.09
CA LEU A 45 5.77 1.25 -8.19
C LEU A 45 5.65 1.98 -9.52
N ILE A 46 5.01 3.14 -9.48
CA ILE A 46 4.91 4.01 -10.65
C ILE A 46 6.30 4.49 -11.07
N GLU A 47 7.10 4.89 -10.08
CA GLU A 47 8.46 5.39 -10.30
C GLU A 47 9.34 4.34 -10.92
N GLU A 48 9.25 3.14 -10.40
CA GLU A 48 10.10 2.08 -10.88
C GLU A 48 9.47 1.34 -12.04
N LYS A 49 8.29 1.79 -12.45
CA LYS A 49 7.60 1.31 -13.64
C LYS A 49 7.16 -0.15 -13.52
N ASP A 50 6.88 -0.58 -12.31
CA ASP A 50 6.39 -1.92 -12.11
C ASP A 50 4.91 -1.84 -11.82
N LEU A 51 4.16 -1.67 -12.87
CA LEU A 51 2.73 -1.54 -12.76
C LEU A 51 2.09 -2.89 -12.58
N GLU A 52 2.85 -3.93 -12.88
CA GLU A 52 2.39 -5.27 -12.75
C GLU A 52 2.19 -5.57 -11.29
N LYS A 53 3.18 -5.24 -10.48
CA LYS A 53 3.11 -5.48 -9.06
C LYS A 53 2.10 -4.55 -8.44
N LEU A 54 2.11 -3.28 -8.87
CA LEU A 54 1.20 -2.25 -8.37
C LEU A 54 -0.25 -2.74 -8.49
N ASP A 55 -0.64 -3.11 -9.70
CA ASP A 55 -1.98 -3.63 -9.98
C ASP A 55 -2.33 -4.85 -9.12
N LEU A 56 -1.34 -5.70 -8.89
CA LEU A 56 -1.53 -6.90 -8.08
C LEU A 56 -1.77 -6.55 -6.61
N VAL A 57 -1.06 -5.53 -6.13
CA VAL A 57 -1.23 -5.02 -4.76
C VAL A 57 -2.64 -4.49 -4.60
N ILE A 58 -3.07 -3.70 -5.60
CA ILE A 58 -4.41 -3.10 -5.62
C ILE A 58 -5.48 -4.18 -5.48
N LYS A 59 -5.40 -5.19 -6.34
CA LYS A 59 -6.35 -6.31 -6.31
C LYS A 59 -6.32 -7.04 -4.98
N TYR A 60 -5.13 -7.25 -4.46
CA TYR A 60 -4.95 -8.01 -3.25
C TYR A 60 -5.54 -7.25 -2.06
N MET A 61 -5.22 -5.96 -1.97
CA MET A 61 -5.72 -5.12 -0.89
C MET A 61 -7.20 -4.99 -0.97
N LYS A 62 -7.72 -4.84 -2.18
CA LYS A 62 -9.14 -4.68 -2.41
C LYS A 62 -9.90 -5.83 -1.79
N ARG A 63 -9.52 -7.05 -2.19
CA ARG A 63 -10.11 -8.29 -1.66
C ARG A 63 -10.14 -8.28 -0.13
N LEU A 64 -9.04 -7.86 0.47
CA LEU A 64 -8.89 -7.86 1.92
C LEU A 64 -9.72 -6.74 2.56
N MET A 65 -9.66 -5.55 1.95
CA MET A 65 -10.39 -4.39 2.44
C MET A 65 -11.89 -4.58 2.37
N GLN A 66 -12.35 -5.45 1.48
CA GLN A 66 -13.75 -5.79 1.42
C GLN A 66 -14.10 -6.70 2.60
N GLN A 67 -13.15 -7.57 2.98
CA GLN A 67 -13.33 -8.54 4.08
C GLN A 67 -13.51 -7.82 5.40
N SER A 68 -12.74 -6.77 5.58
CA SER A 68 -12.78 -6.00 6.81
C SER A 68 -14.01 -5.09 6.87
N VAL A 69 -14.62 -4.92 5.69
CA VAL A 69 -15.87 -4.15 5.36
C VAL A 69 -16.01 -2.73 5.92
N GLU A 70 -15.27 -2.39 6.92
CA GLU A 70 -15.37 -1.10 7.54
C GLU A 70 -15.07 0.02 6.55
N SER A 71 -15.87 1.06 6.63
CA SER A 71 -15.81 2.19 5.74
C SER A 71 -14.41 2.80 5.69
N VAL A 72 -13.74 2.83 6.85
CA VAL A 72 -12.38 3.33 6.95
C VAL A 72 -11.40 2.61 6.00
N TRP A 73 -11.59 1.30 5.79
CA TRP A 73 -10.73 0.55 4.88
C TRP A 73 -11.16 0.77 3.45
N ASN A 74 -12.44 0.94 3.26
CA ASN A 74 -13.00 1.14 1.94
C ASN A 74 -12.62 2.49 1.37
N MET A 75 -12.74 3.54 2.20
CA MET A 75 -12.31 4.88 1.79
C MET A 75 -10.81 4.92 1.62
N ALA A 76 -10.09 4.17 2.45
CA ALA A 76 -8.64 4.09 2.37
C ALA A 76 -8.23 3.56 1.01
N PHE A 77 -8.83 2.44 0.60
CA PHE A 77 -8.58 1.84 -0.70
C PHE A 77 -8.77 2.87 -1.82
N ASP A 78 -9.91 3.54 -1.78
CA ASP A 78 -10.25 4.57 -2.76
C ASP A 78 -9.22 5.70 -2.75
N PHE A 79 -8.84 6.11 -1.55
CA PHE A 79 -7.79 7.11 -1.37
C PHE A 79 -6.49 6.67 -2.01
N ILE A 80 -6.07 5.43 -1.77
CA ILE A 80 -4.86 4.89 -2.41
C ILE A 80 -4.98 4.97 -3.92
N LEU A 81 -6.12 4.51 -4.45
CA LEU A 81 -6.40 4.55 -5.89
C LEU A 81 -6.19 5.95 -6.42
N ASP A 82 -6.77 6.94 -5.74
CA ASP A 82 -6.67 8.38 -6.08
C ASP A 82 -5.24 8.78 -6.32
N ASN A 83 -4.39 8.51 -5.32
CA ASN A 83 -2.96 8.84 -5.41
C ASN A 83 -2.33 8.22 -6.63
N VAL A 84 -2.58 6.94 -6.83
CA VAL A 84 -1.99 6.21 -7.94
C VAL A 84 -2.49 6.79 -9.28
N GLN A 85 -3.78 7.06 -9.36
CA GLN A 85 -4.42 7.63 -10.56
C GLN A 85 -3.76 8.97 -10.93
N VAL A 86 -3.82 9.94 -10.02
CA VAL A 86 -3.28 11.28 -10.28
C VAL A 86 -1.76 11.27 -10.53
N VAL A 87 -1.03 10.51 -9.73
CA VAL A 87 0.41 10.42 -9.91
C VAL A 87 0.76 9.77 -11.25
N LEU A 88 -0.02 8.77 -11.68
CA LEU A 88 0.23 8.13 -12.96
C LEU A 88 -0.08 9.12 -14.08
N GLN A 89 -1.06 9.93 -13.85
CA GLN A 89 -1.46 10.95 -14.81
C GLN A 89 -0.38 12.03 -14.93
N GLN A 90 0.16 12.46 -13.82
CA GLN A 90 1.27 13.40 -13.82
C GLN A 90 2.51 12.84 -14.56
N THR A 91 2.73 11.55 -14.42
CA THR A 91 3.89 10.91 -15.02
C THR A 91 3.63 10.34 -16.43
N TYR A 92 2.72 9.42 -16.54
CA TYR A 92 2.40 8.70 -17.78
C TYR A 92 1.35 9.46 -18.58
N GLY A 93 0.60 10.31 -17.92
CA GLY A 93 -0.46 11.03 -18.60
C GLY A 93 -1.67 10.18 -18.83
N SER A 94 -1.90 9.24 -17.94
CA SER A 94 -3.01 8.33 -18.05
C SER A 94 -3.40 7.88 -16.65
N THR A 95 -4.53 7.28 -16.55
CA THR A 95 -5.00 6.71 -15.33
C THR A 95 -4.88 5.18 -15.43
N LEU A 96 -4.96 4.49 -14.32
CA LEU A 96 -4.86 3.05 -14.36
C LEU A 96 -6.22 2.46 -14.48
N LYS A 97 -6.26 1.28 -14.99
CA LYS A 97 -7.46 0.56 -15.10
C LYS A 97 -7.60 -0.23 -13.80
N VAL A 98 -8.48 0.21 -12.96
CA VAL A 98 -8.69 -0.45 -11.70
C VAL A 98 -9.73 -1.54 -11.86
N THR A 99 -9.29 -2.69 -12.25
CA THR A 99 -10.11 -3.84 -12.42
C THR A 99 -9.22 -5.08 -12.24
N GLY B 1 -0.24 5.36 25.83
CA GLY B 1 -1.37 4.50 25.53
C GLY B 1 -1.78 4.67 24.09
N SER B 2 -3.07 4.76 23.85
CA SER B 2 -3.62 4.90 22.53
C SER B 2 -3.23 6.23 21.88
N HIS B 3 -2.22 6.20 21.01
CA HIS B 3 -1.80 7.38 20.28
C HIS B 3 -1.52 6.98 18.81
N LYS B 4 -1.66 5.69 18.54
CA LYS B 4 -1.40 5.07 17.24
C LYS B 4 0.04 5.03 16.81
N LYS B 5 0.41 3.88 16.30
CA LYS B 5 1.73 3.62 15.76
C LYS B 5 1.56 2.86 14.46
N SER B 6 2.35 3.19 13.47
CA SER B 6 2.19 2.64 12.14
C SER B 6 2.64 1.18 12.08
N PHE B 7 1.79 0.35 11.50
CA PHE B 7 2.02 -1.07 11.38
C PHE B 7 3.27 -1.38 10.57
N PHE B 8 3.38 -0.75 9.42
CA PHE B 8 4.51 -0.99 8.54
C PHE B 8 5.78 -0.44 9.15
N ASP B 9 5.63 0.64 9.89
CA ASP B 9 6.74 1.24 10.64
C ASP B 9 7.28 0.23 11.66
N LYS B 10 6.37 -0.44 12.37
CA LYS B 10 6.73 -1.48 13.35
C LYS B 10 7.48 -2.59 12.64
N LYS B 11 6.88 -3.07 11.56
CA LYS B 11 7.45 -4.14 10.75
C LYS B 11 8.84 -3.78 10.23
N ARG B 12 9.04 -2.52 9.86
CA ARG B 12 10.33 -2.09 9.36
C ARG B 12 11.32 -1.97 10.50
N SER B 13 10.83 -1.69 11.68
CA SER B 13 11.66 -1.60 12.83
C SER B 13 12.16 -2.99 13.23
N GLU B 14 11.39 -3.99 12.87
CA GLU B 14 11.78 -5.37 13.08
C GLU B 14 12.72 -5.84 11.99
N ARG B 15 12.85 -5.04 10.96
CA ARG B 15 13.72 -5.34 9.84
C ARG B 15 14.89 -4.39 9.86
N LYS B 16 15.86 -4.70 10.67
CA LYS B 16 16.98 -3.80 10.91
C LYS B 16 18.10 -3.87 9.85
N TRP B 17 17.86 -4.59 8.82
CA TRP B 17 18.77 -4.76 7.71
C TRP B 17 18.50 -3.70 6.66
N GLY A 1 12.11 7.66 -9.17
CA GLY A 1 13.22 8.10 -8.32
C GLY A 1 13.04 7.60 -6.92
N HIS A 2 12.86 6.33 -6.79
CA HIS A 2 12.67 5.69 -5.53
C HIS A 2 13.61 4.51 -5.45
N MET A 3 13.92 4.03 -4.27
CA MET A 3 14.63 2.74 -4.16
C MET A 3 13.74 1.63 -4.68
N ALA A 4 14.25 0.44 -4.81
CA ALA A 4 13.48 -0.67 -5.33
C ALA A 4 12.23 -0.88 -4.50
N PRO A 5 11.04 -0.80 -5.16
CA PRO A 5 9.74 -0.77 -4.50
C PRO A 5 9.57 -1.78 -3.40
N ASN A 6 9.48 -1.26 -2.23
CA ASN A 6 9.39 -2.06 -1.06
C ASN A 6 8.46 -1.44 -0.07
N LEU A 7 7.91 -2.26 0.75
CA LEU A 7 6.99 -1.85 1.76
C LEU A 7 7.59 -2.30 3.09
N ALA A 8 7.97 -1.33 3.93
CA ALA A 8 8.65 -1.58 5.25
C ALA A 8 10.00 -2.30 5.05
N GLY A 9 10.43 -2.31 3.81
CA GLY A 9 11.67 -2.92 3.42
C GLY A 9 11.47 -4.24 2.68
N ALA A 10 10.22 -4.66 2.54
CA ALA A 10 9.91 -5.90 1.83
C ALA A 10 9.75 -5.58 0.37
N VAL A 11 10.63 -6.12 -0.45
CA VAL A 11 10.63 -5.88 -1.88
C VAL A 11 9.79 -6.95 -2.58
N GLU A 12 10.02 -8.20 -2.21
CA GLU A 12 9.29 -9.32 -2.77
C GLU A 12 7.82 -9.24 -2.46
N PHE A 13 7.02 -9.42 -3.47
CA PHE A 13 5.59 -9.25 -3.41
C PHE A 13 4.94 -10.20 -2.39
N ASN A 14 5.39 -11.44 -2.32
CA ASN A 14 4.87 -12.38 -1.31
C ASN A 14 5.01 -11.86 0.11
N ASP A 15 6.11 -11.22 0.42
CA ASP A 15 6.31 -10.72 1.79
C ASP A 15 5.51 -9.45 1.98
N VAL A 16 5.33 -8.71 0.90
CA VAL A 16 4.48 -7.52 0.86
C VAL A 16 3.04 -7.93 1.20
N LYS A 17 2.61 -9.00 0.57
CA LYS A 17 1.27 -9.56 0.80
C LYS A 17 1.10 -10.05 2.21
N THR A 18 2.18 -10.48 2.79
CA THR A 18 2.16 -11.00 4.14
C THR A 18 2.00 -9.82 5.12
N LEU A 19 2.49 -8.66 4.72
CA LEU A 19 2.40 -7.46 5.51
C LEU A 19 1.01 -6.90 5.41
N LEU A 20 0.51 -6.86 4.19
CA LEU A 20 -0.82 -6.32 3.91
C LEU A 20 -1.87 -7.16 4.57
N ARG A 21 -1.81 -8.45 4.35
CA ARG A 21 -2.79 -9.39 4.87
C ARG A 21 -2.81 -9.38 6.41
N GLU A 22 -1.66 -9.25 7.03
CA GLU A 22 -1.62 -9.26 8.47
C GLU A 22 -2.16 -7.92 8.99
N TRP A 23 -1.84 -6.85 8.27
CA TRP A 23 -2.31 -5.52 8.58
C TRP A 23 -3.85 -5.48 8.57
N ILE A 24 -4.42 -6.13 7.59
CA ILE A 24 -5.88 -6.16 7.42
C ILE A 24 -6.53 -7.08 8.46
N THR A 25 -5.81 -8.06 8.92
CA THR A 25 -6.40 -9.02 9.81
C THR A 25 -6.16 -8.70 11.30
N THR A 26 -5.05 -8.06 11.62
CA THR A 26 -4.72 -7.80 13.02
C THR A 26 -5.08 -6.37 13.45
N ILE A 27 -5.19 -5.47 12.51
CA ILE A 27 -5.52 -4.08 12.80
C ILE A 27 -6.95 -3.81 12.38
N SER A 28 -7.78 -3.34 13.30
CA SER A 28 -9.16 -3.01 12.96
C SER A 28 -9.29 -1.55 12.48
N ASP A 29 -8.39 -0.70 12.93
CA ASP A 29 -8.41 0.72 12.60
C ASP A 29 -7.01 1.17 12.22
N PRO A 30 -6.76 1.41 10.93
CA PRO A 30 -5.43 1.73 10.43
C PRO A 30 -4.96 3.12 10.81
N MET A 31 -3.67 3.28 10.97
CA MET A 31 -3.10 4.55 11.31
C MET A 31 -2.84 5.33 10.04
N GLU A 32 -2.98 6.66 10.10
CA GLU A 32 -2.71 7.56 8.95
C GLU A 32 -1.45 7.17 8.24
N GLU A 33 -0.40 7.03 9.00
CA GLU A 33 0.90 6.73 8.50
C GLU A 33 0.93 5.40 7.70
N ASP A 34 0.13 4.41 8.11
CA ASP A 34 0.06 3.14 7.37
C ASP A 34 -0.57 3.38 6.03
N ILE A 35 -1.64 4.14 6.05
CA ILE A 35 -2.40 4.47 4.86
C ILE A 35 -1.52 5.26 3.89
N LEU A 36 -0.82 6.23 4.44
CA LEU A 36 0.07 7.10 3.68
C LEU A 36 1.27 6.31 3.15
N GLN A 37 1.63 5.25 3.81
CA GLN A 37 2.71 4.38 3.37
C GLN A 37 2.27 3.50 2.24
N VAL A 38 1.02 3.10 2.25
CA VAL A 38 0.45 2.37 1.13
C VAL A 38 0.43 3.31 -0.06
N VAL A 39 0.13 4.58 0.23
CA VAL A 39 0.19 5.66 -0.75
C VAL A 39 1.60 5.75 -1.33
N LYS A 40 2.59 5.91 -0.44
CA LYS A 40 4.00 5.99 -0.83
C LYS A 40 4.42 4.79 -1.63
N TYR A 41 3.97 3.62 -1.23
CA TYR A 41 4.31 2.39 -1.89
C TYR A 41 3.71 2.35 -3.29
N CYS A 42 2.48 2.77 -3.43
CA CYS A 42 1.86 2.79 -4.75
C CYS A 42 2.58 3.77 -5.68
N THR A 43 2.94 4.93 -5.15
CA THR A 43 3.67 5.91 -5.94
C THR A 43 5.10 5.42 -6.26
N ASP A 44 5.60 4.58 -5.38
CA ASP A 44 6.94 3.95 -5.47
C ASP A 44 6.97 3.05 -6.70
N LEU A 45 5.94 2.23 -6.81
CA LEU A 45 5.78 1.35 -7.97
C LEU A 45 5.64 2.16 -9.25
N ILE A 46 5.00 3.31 -9.15
CA ILE A 46 4.81 4.17 -10.31
C ILE A 46 6.13 4.79 -10.73
N GLU A 47 6.89 5.31 -9.76
CA GLU A 47 8.18 5.93 -10.05
C GLU A 47 9.13 4.95 -10.70
N GLU A 48 9.17 3.75 -10.19
CA GLU A 48 10.10 2.77 -10.68
C GLU A 48 9.51 1.94 -11.82
N LYS A 49 8.34 2.38 -12.28
CA LYS A 49 7.66 1.87 -13.47
C LYS A 49 7.29 0.39 -13.38
N ASP A 50 7.18 -0.13 -12.19
CA ASP A 50 6.79 -1.52 -12.04
C ASP A 50 5.30 -1.56 -11.81
N LEU A 51 4.58 -1.37 -12.89
CA LEU A 51 3.13 -1.32 -12.83
C LEU A 51 2.55 -2.68 -12.64
N GLU A 52 3.34 -3.69 -12.94
CA GLU A 52 2.94 -5.05 -12.80
C GLU A 52 2.70 -5.36 -11.34
N LYS A 53 3.67 -5.02 -10.49
CA LYS A 53 3.55 -5.26 -9.07
C LYS A 53 2.49 -4.36 -8.50
N LEU A 54 2.42 -3.12 -9.00
CA LEU A 54 1.39 -2.15 -8.58
C LEU A 54 0.00 -2.75 -8.76
N ASP A 55 -0.28 -3.19 -9.99
CA ASP A 55 -1.54 -3.84 -10.35
C ASP A 55 -1.86 -5.01 -9.41
N LEU A 56 -0.84 -5.81 -9.13
CA LEU A 56 -0.94 -6.97 -8.25
C LEU A 56 -1.35 -6.57 -6.83
N VAL A 57 -0.66 -5.56 -6.30
CA VAL A 57 -0.91 -5.04 -4.95
C VAL A 57 -2.31 -4.49 -4.83
N ILE A 58 -2.70 -3.68 -5.80
CA ILE A 58 -4.02 -3.05 -5.82
C ILE A 58 -5.13 -4.11 -5.74
N LYS A 59 -5.03 -5.11 -6.58
CA LYS A 59 -6.00 -6.20 -6.63
C LYS A 59 -5.99 -7.01 -5.35
N TYR A 60 -4.82 -7.22 -4.78
CA TYR A 60 -4.72 -7.98 -3.56
C TYR A 60 -5.35 -7.22 -2.40
N MET A 61 -5.08 -5.92 -2.32
CA MET A 61 -5.66 -5.08 -1.29
C MET A 61 -7.16 -5.02 -1.42
N LYS A 62 -7.65 -4.96 -2.65
CA LYS A 62 -9.08 -4.97 -2.95
C LYS A 62 -9.77 -6.15 -2.28
N ARG A 63 -9.16 -7.31 -2.45
CA ARG A 63 -9.67 -8.56 -1.90
C ARG A 63 -9.73 -8.51 -0.36
N LEU A 64 -8.74 -7.90 0.23
CA LEU A 64 -8.67 -7.78 1.68
C LEU A 64 -9.62 -6.70 2.21
N MET A 65 -9.64 -5.58 1.55
CA MET A 65 -10.44 -4.43 1.95
C MET A 65 -11.93 -4.64 1.73
N GLN A 66 -12.29 -5.60 0.89
CA GLN A 66 -13.69 -5.96 0.73
C GLN A 66 -14.17 -6.80 1.92
N GLN A 67 -13.22 -7.40 2.62
CA GLN A 67 -13.51 -8.19 3.78
C GLN A 67 -13.72 -7.28 4.97
N SER A 68 -12.76 -6.42 5.22
CA SER A 68 -12.92 -5.40 6.23
C SER A 68 -13.64 -4.24 5.57
N VAL A 69 -14.95 -4.29 5.62
CA VAL A 69 -15.79 -3.41 4.82
C VAL A 69 -16.03 -2.07 5.49
N GLU A 70 -15.35 -1.84 6.59
CA GLU A 70 -15.53 -0.62 7.33
C GLU A 70 -15.05 0.60 6.53
N SER A 71 -15.70 1.73 6.78
CA SER A 71 -15.47 2.97 6.04
C SER A 71 -14.00 3.35 5.97
N VAL A 72 -13.29 3.29 7.10
CA VAL A 72 -11.87 3.62 7.15
C VAL A 72 -11.03 2.84 6.14
N TRP A 73 -11.36 1.58 5.92
CA TRP A 73 -10.59 0.75 5.01
C TRP A 73 -10.98 1.01 3.57
N ASN A 74 -12.27 1.05 3.31
CA ASN A 74 -12.77 1.30 1.95
C ASN A 74 -12.36 2.67 1.44
N MET A 75 -12.52 3.69 2.27
CA MET A 75 -12.14 5.05 1.89
C MET A 75 -10.66 5.19 1.79
N ALA A 76 -9.96 4.44 2.60
CA ALA A 76 -8.49 4.39 2.51
C ALA A 76 -8.07 3.92 1.14
N PHE A 77 -8.63 2.78 0.70
CA PHE A 77 -8.35 2.21 -0.61
C PHE A 77 -8.67 3.22 -1.69
N ASP A 78 -9.81 3.87 -1.54
CA ASP A 78 -10.29 4.92 -2.43
C ASP A 78 -9.27 6.05 -2.54
N PHE A 79 -8.83 6.52 -1.38
CA PHE A 79 -7.79 7.54 -1.29
C PHE A 79 -6.53 7.10 -2.02
N ILE A 80 -6.06 5.89 -1.74
CA ILE A 80 -4.88 5.34 -2.40
C ILE A 80 -5.02 5.37 -3.92
N LEU A 81 -6.17 4.91 -4.40
CA LEU A 81 -6.48 4.89 -5.84
C LEU A 81 -6.23 6.24 -6.48
N ASP A 82 -6.75 7.29 -5.86
CA ASP A 82 -6.60 8.67 -6.36
C ASP A 82 -5.16 9.03 -6.56
N ASN A 83 -4.34 8.75 -5.54
CA ASN A 83 -2.90 9.03 -5.58
C ASN A 83 -2.28 8.35 -6.78
N VAL A 84 -2.64 7.09 -6.98
CA VAL A 84 -2.16 6.31 -8.10
C VAL A 84 -2.55 6.97 -9.42
N GLN A 85 -3.82 7.32 -9.55
CA GLN A 85 -4.38 7.93 -10.76
C GLN A 85 -3.64 9.22 -11.12
N VAL A 86 -3.57 10.13 -10.16
CA VAL A 86 -2.89 11.40 -10.33
C VAL A 86 -1.43 11.22 -10.77
N VAL A 87 -0.70 10.41 -10.04
CA VAL A 87 0.71 10.18 -10.35
C VAL A 87 0.86 9.46 -11.71
N LEU A 88 -0.01 8.48 -12.01
CA LEU A 88 -0.01 7.78 -13.32
C LEU A 88 -0.23 8.76 -14.47
N GLN A 89 -1.07 9.73 -14.25
CA GLN A 89 -1.35 10.77 -15.20
C GLN A 89 -0.12 11.67 -15.42
N GLN A 90 0.46 12.12 -14.33
CA GLN A 90 1.68 12.93 -14.37
C GLN A 90 2.84 12.24 -15.11
N THR A 91 2.92 10.93 -14.97
CA THR A 91 3.99 10.17 -15.57
C THR A 91 3.67 9.66 -16.99
N TYR A 92 2.66 8.84 -17.10
CA TYR A 92 2.34 8.19 -18.37
C TYR A 92 1.21 8.91 -19.08
N GLY A 93 0.39 9.60 -18.32
CA GLY A 93 -0.83 10.16 -18.90
C GLY A 93 -1.81 9.06 -19.20
N SER A 94 -1.61 7.95 -18.53
CA SER A 94 -2.39 6.78 -18.70
C SER A 94 -2.61 6.20 -17.32
N THR A 95 -3.83 6.02 -16.96
CA THR A 95 -4.16 5.54 -15.66
C THR A 95 -4.67 4.11 -15.71
N LEU A 96 -4.68 3.46 -14.58
CA LEU A 96 -5.16 2.11 -14.49
C LEU A 96 -6.52 2.13 -13.93
N LYS A 97 -7.42 1.60 -14.67
CA LYS A 97 -8.77 1.51 -14.25
C LYS A 97 -8.88 0.41 -13.23
N VAL A 98 -9.07 0.80 -12.01
CA VAL A 98 -9.15 -0.14 -10.93
C VAL A 98 -10.58 -0.55 -10.70
N THR A 99 -10.93 -1.67 -11.22
CA THR A 99 -12.23 -2.24 -11.05
C THR A 99 -12.04 -3.75 -11.09
N GLY B 1 4.89 7.89 18.89
CA GLY B 1 3.78 8.52 18.17
C GLY B 1 2.84 9.13 19.14
N SER B 2 2.02 10.04 18.69
CA SER B 2 1.05 10.68 19.56
C SER B 2 -0.30 9.97 19.49
N HIS B 3 -0.54 9.27 18.41
CA HIS B 3 -1.79 8.54 18.26
C HIS B 3 -1.50 7.05 18.34
N LYS B 4 -1.09 6.49 17.23
CA LYS B 4 -0.79 5.08 17.17
C LYS B 4 0.57 4.86 16.61
N LYS B 5 0.96 3.63 16.63
CA LYS B 5 2.18 3.21 16.02
C LYS B 5 1.78 2.40 14.84
N SER B 6 2.20 2.82 13.68
CA SER B 6 1.79 2.21 12.46
C SER B 6 2.30 0.79 12.35
N PHE B 7 1.51 -0.07 11.76
CA PHE B 7 1.82 -1.45 11.57
C PHE B 7 3.06 -1.59 10.70
N PHE B 8 3.13 -0.78 9.66
CA PHE B 8 4.25 -0.84 8.76
C PHE B 8 5.50 -0.26 9.40
N ASP B 9 5.34 0.77 10.23
CA ASP B 9 6.45 1.31 11.03
C ASP B 9 7.02 0.23 11.92
N LYS B 10 6.13 -0.54 12.53
CA LYS B 10 6.51 -1.66 13.39
C LYS B 10 7.29 -2.68 12.59
N LYS B 11 6.70 -3.12 11.48
CA LYS B 11 7.34 -4.10 10.61
C LYS B 11 8.70 -3.63 10.09
N ARG B 12 8.81 -2.35 9.79
CA ARG B 12 10.06 -1.79 9.32
C ARG B 12 11.10 -1.85 10.44
N SER B 13 10.73 -1.37 11.62
CA SER B 13 11.62 -1.38 12.78
C SER B 13 12.01 -2.80 13.23
N GLU B 14 11.14 -3.77 12.99
CA GLU B 14 11.41 -5.18 13.28
C GLU B 14 12.55 -5.69 12.40
N ARG B 15 12.72 -5.08 11.26
CA ARG B 15 13.65 -5.54 10.28
C ARG B 15 14.82 -4.59 10.16
N LYS B 16 14.58 -3.52 9.45
CA LYS B 16 15.51 -2.49 9.08
C LYS B 16 16.94 -2.94 8.73
N TRP B 17 17.00 -3.96 7.94
CA TRP B 17 18.20 -4.47 7.38
C TRP B 17 18.16 -4.42 5.85
N GLY A 1 17.50 9.59 -2.58
CA GLY A 1 17.79 8.28 -3.15
C GLY A 1 16.52 7.52 -3.40
N HIS A 2 16.47 6.80 -4.49
CA HIS A 2 15.28 6.05 -4.81
C HIS A 2 15.57 4.57 -4.72
N MET A 3 14.92 3.94 -3.79
CA MET A 3 15.06 2.52 -3.51
C MET A 3 14.25 1.72 -4.49
N ALA A 4 14.41 0.44 -4.45
CA ALA A 4 13.57 -0.43 -5.22
C ALA A 4 12.27 -0.55 -4.46
N PRO A 5 11.10 -0.53 -5.15
CA PRO A 5 9.78 -0.55 -4.50
C PRO A 5 9.64 -1.62 -3.43
N ASN A 6 9.58 -1.17 -2.22
CA ASN A 6 9.54 -2.03 -1.09
C ASN A 6 8.59 -1.48 -0.07
N LEU A 7 8.14 -2.32 0.76
CA LEU A 7 7.26 -1.95 1.80
C LEU A 7 7.94 -2.39 3.09
N ALA A 8 8.39 -1.41 3.87
CA ALA A 8 9.14 -1.60 5.14
C ALA A 8 10.52 -2.25 4.90
N GLY A 9 10.82 -2.41 3.65
CA GLY A 9 12.05 -3.05 3.22
C GLY A 9 11.79 -4.30 2.41
N ALA A 10 10.57 -4.76 2.40
CA ALA A 10 10.21 -5.95 1.65
C ALA A 10 9.94 -5.58 0.22
N VAL A 11 10.75 -6.09 -0.66
CA VAL A 11 10.62 -5.80 -2.07
C VAL A 11 9.72 -6.86 -2.71
N GLU A 12 9.97 -8.12 -2.33
CA GLU A 12 9.20 -9.26 -2.82
C GLU A 12 7.73 -9.12 -2.52
N PHE A 13 6.93 -9.34 -3.53
CA PHE A 13 5.49 -9.20 -3.44
C PHE A 13 4.92 -10.15 -2.39
N ASN A 14 5.44 -11.37 -2.33
CA ASN A 14 5.03 -12.36 -1.30
C ASN A 14 5.18 -11.83 0.11
N ASP A 15 6.29 -11.18 0.39
CA ASP A 15 6.52 -10.70 1.74
C ASP A 15 5.69 -9.45 1.98
N VAL A 16 5.48 -8.68 0.90
CA VAL A 16 4.60 -7.51 0.90
C VAL A 16 3.16 -7.92 1.25
N LYS A 17 2.70 -8.97 0.59
CA LYS A 17 1.38 -9.51 0.83
C LYS A 17 1.21 -9.90 2.27
N THR A 18 2.20 -10.60 2.81
CA THR A 18 2.25 -10.98 4.20
C THR A 18 2.10 -9.76 5.13
N LEU A 19 2.69 -8.63 4.74
CA LEU A 19 2.65 -7.40 5.53
C LEU A 19 1.26 -6.79 5.46
N LEU A 20 0.73 -6.67 4.25
CA LEU A 20 -0.58 -6.09 4.00
C LEU A 20 -1.64 -6.89 4.72
N ARG A 21 -1.61 -8.18 4.50
CA ARG A 21 -2.58 -9.09 5.06
C ARG A 21 -2.55 -9.14 6.56
N GLU A 22 -1.38 -9.01 7.14
CA GLU A 22 -1.28 -9.08 8.57
C GLU A 22 -1.80 -7.80 9.18
N TRP A 23 -1.53 -6.69 8.50
CA TRP A 23 -2.04 -5.39 8.89
C TRP A 23 -3.56 -5.42 8.91
N ILE A 24 -4.14 -5.93 7.86
CA ILE A 24 -5.58 -5.92 7.70
C ILE A 24 -6.29 -6.95 8.58
N THR A 25 -5.55 -7.91 9.07
CA THR A 25 -6.13 -8.90 9.92
C THR A 25 -5.95 -8.57 11.42
N THR A 26 -4.82 -7.98 11.77
CA THR A 26 -4.52 -7.70 13.17
C THR A 26 -4.94 -6.28 13.58
N ILE A 27 -4.92 -5.37 12.63
CA ILE A 27 -5.25 -3.99 12.88
C ILE A 27 -6.68 -3.73 12.41
N SER A 28 -7.53 -3.33 13.31
CA SER A 28 -8.91 -3.05 13.00
C SER A 28 -9.11 -1.61 12.55
N ASP A 29 -8.26 -0.73 13.04
CA ASP A 29 -8.37 0.68 12.73
C ASP A 29 -7.11 1.15 12.02
N PRO A 30 -7.21 1.46 10.74
CA PRO A 30 -6.08 1.89 9.94
C PRO A 30 -5.67 3.33 10.26
N MET A 31 -4.44 3.51 10.63
CA MET A 31 -3.92 4.81 10.94
C MET A 31 -3.42 5.44 9.66
N GLU A 32 -3.54 6.77 9.55
CA GLU A 32 -3.06 7.52 8.37
C GLU A 32 -1.71 7.10 7.94
N GLU A 33 -0.79 7.00 8.89
CA GLU A 33 0.59 6.56 8.62
C GLU A 33 0.64 5.31 7.73
N ASP A 34 -0.10 4.27 8.09
CA ASP A 34 -0.08 3.02 7.31
C ASP A 34 -0.75 3.20 5.98
N ILE A 35 -1.78 4.03 5.97
CA ILE A 35 -2.49 4.36 4.75
C ILE A 35 -1.54 5.10 3.81
N LEU A 36 -0.77 6.00 4.37
CA LEU A 36 0.20 6.77 3.64
C LEU A 36 1.35 5.87 3.16
N GLN A 37 1.66 4.86 3.96
CA GLN A 37 2.68 3.85 3.61
C GLN A 37 2.28 3.10 2.34
N VAL A 38 1.05 2.57 2.33
CA VAL A 38 0.55 1.87 1.14
C VAL A 38 0.41 2.81 -0.04
N VAL A 39 0.05 4.04 0.25
CA VAL A 39 0.01 5.11 -0.74
C VAL A 39 1.40 5.30 -1.36
N LYS A 40 2.41 5.51 -0.51
CA LYS A 40 3.78 5.70 -0.93
C LYS A 40 4.32 4.49 -1.65
N TYR A 41 3.83 3.32 -1.30
CA TYR A 41 4.22 2.11 -1.96
C TYR A 41 3.66 2.11 -3.38
N CYS A 42 2.37 2.36 -3.50
CA CYS A 42 1.71 2.35 -4.80
C CYS A 42 2.33 3.39 -5.75
N THR A 43 2.58 4.58 -5.23
CA THR A 43 3.17 5.62 -6.02
C THR A 43 4.63 5.29 -6.40
N ASP A 44 5.25 4.48 -5.57
CA ASP A 44 6.63 4.04 -5.75
C ASP A 44 6.72 3.06 -6.91
N LEU A 45 5.73 2.14 -6.98
CA LEU A 45 5.66 1.17 -8.09
C LEU A 45 5.50 1.89 -9.41
N ILE A 46 4.83 3.02 -9.37
CA ILE A 46 4.64 3.86 -10.53
C ILE A 46 6.00 4.40 -11.02
N GLU A 47 6.77 4.98 -10.09
CA GLU A 47 8.07 5.58 -10.41
C GLU A 47 9.06 4.58 -11.00
N GLU A 48 9.09 3.38 -10.47
CA GLU A 48 10.00 2.36 -10.99
C GLU A 48 9.38 1.51 -12.08
N LYS A 49 8.17 1.91 -12.49
CA LYS A 49 7.46 1.30 -13.62
C LYS A 49 7.12 -0.15 -13.42
N ASP A 50 7.02 -0.58 -12.19
CA ASP A 50 6.66 -1.95 -11.92
C ASP A 50 5.17 -1.97 -11.74
N LEU A 51 4.49 -1.76 -12.83
CA LEU A 51 3.05 -1.63 -12.84
C LEU A 51 2.40 -2.97 -12.75
N GLU A 52 3.20 -3.98 -12.98
CA GLU A 52 2.81 -5.35 -12.85
C GLU A 52 2.50 -5.62 -11.41
N LYS A 53 3.44 -5.28 -10.54
CA LYS A 53 3.26 -5.49 -9.14
C LYS A 53 2.20 -4.54 -8.64
N LEU A 54 2.22 -3.28 -9.12
CA LEU A 54 1.22 -2.27 -8.74
C LEU A 54 -0.20 -2.81 -8.93
N ASP A 55 -0.52 -3.25 -10.15
CA ASP A 55 -1.85 -3.81 -10.47
C ASP A 55 -2.21 -4.96 -9.51
N LEU A 56 -1.20 -5.76 -9.18
CA LEU A 56 -1.39 -6.90 -8.28
C LEU A 56 -1.63 -6.46 -6.83
N VAL A 57 -0.88 -5.45 -6.38
CA VAL A 57 -1.03 -4.92 -5.02
C VAL A 57 -2.42 -4.36 -4.85
N ILE A 58 -2.89 -3.65 -5.88
CA ILE A 58 -4.24 -3.07 -5.90
C ILE A 58 -5.28 -4.18 -5.69
N LYS A 59 -5.19 -5.23 -6.48
CA LYS A 59 -6.11 -6.37 -6.37
C LYS A 59 -6.01 -7.05 -5.02
N TYR A 60 -4.81 -7.17 -4.54
CA TYR A 60 -4.57 -7.86 -3.30
C TYR A 60 -5.10 -7.07 -2.11
N MET A 61 -4.87 -5.76 -2.12
CA MET A 61 -5.38 -4.90 -1.07
C MET A 61 -6.89 -4.85 -1.15
N LYS A 62 -7.41 -4.86 -2.36
CA LYS A 62 -8.86 -4.89 -2.60
C LYS A 62 -9.46 -6.10 -1.88
N ARG A 63 -8.92 -7.29 -2.19
CA ARG A 63 -9.33 -8.56 -1.58
C ARG A 63 -9.40 -8.47 -0.05
N LEU A 64 -8.41 -7.83 0.52
CA LEU A 64 -8.31 -7.69 1.96
C LEU A 64 -9.22 -6.59 2.52
N MET A 65 -9.10 -5.39 1.99
CA MET A 65 -9.80 -4.21 2.50
C MET A 65 -11.31 -4.30 2.35
N GLN A 66 -11.79 -5.14 1.44
CA GLN A 66 -13.23 -5.32 1.28
C GLN A 66 -13.77 -6.25 2.37
N GLN A 67 -12.88 -6.97 3.04
CA GLN A 67 -13.27 -7.85 4.13
C GLN A 67 -13.58 -7.04 5.36
N SER A 68 -12.92 -5.93 5.49
CA SER A 68 -13.19 -5.01 6.54
C SER A 68 -14.25 -4.03 6.01
N VAL A 69 -15.47 -4.22 6.45
CA VAL A 69 -16.61 -3.51 5.90
C VAL A 69 -16.76 -2.09 6.43
N GLU A 70 -15.91 -1.71 7.36
CA GLU A 70 -15.94 -0.38 7.91
C GLU A 70 -15.55 0.66 6.87
N SER A 71 -16.23 1.79 6.92
CA SER A 71 -16.07 2.86 5.97
C SER A 71 -14.62 3.32 5.83
N VAL A 72 -13.89 3.38 6.95
CA VAL A 72 -12.48 3.77 6.94
C VAL A 72 -11.63 2.93 6.00
N TRP A 73 -11.88 1.64 5.93
CA TRP A 73 -11.12 0.75 5.05
C TRP A 73 -11.54 0.94 3.61
N ASN A 74 -12.83 1.14 3.42
CA ASN A 74 -13.38 1.34 2.08
C ASN A 74 -12.87 2.65 1.49
N MET A 75 -12.98 3.72 2.27
CA MET A 75 -12.52 5.05 1.88
C MET A 75 -11.05 5.08 1.63
N ALA A 76 -10.36 4.36 2.46
CA ALA A 76 -8.90 4.28 2.37
C ALA A 76 -8.46 3.70 1.04
N PHE A 77 -8.99 2.53 0.67
CA PHE A 77 -8.63 1.89 -0.59
C PHE A 77 -8.94 2.80 -1.78
N ASP A 78 -10.11 3.43 -1.71
CA ASP A 78 -10.55 4.39 -2.73
C ASP A 78 -9.54 5.55 -2.84
N PHE A 79 -9.12 6.04 -1.67
CA PHE A 79 -8.08 7.05 -1.55
C PHE A 79 -6.79 6.60 -2.21
N ILE A 80 -6.33 5.38 -1.91
CA ILE A 80 -5.12 4.83 -2.53
C ILE A 80 -5.24 4.88 -4.05
N LEU A 81 -6.37 4.41 -4.55
CA LEU A 81 -6.66 4.42 -5.98
C LEU A 81 -6.53 5.82 -6.56
N ASP A 82 -7.12 6.80 -5.88
CA ASP A 82 -7.03 8.22 -6.29
C ASP A 82 -5.59 8.65 -6.46
N ASN A 83 -4.77 8.38 -5.44
CA ASN A 83 -3.33 8.70 -5.49
C ASN A 83 -2.70 8.10 -6.72
N VAL A 84 -2.92 6.80 -6.92
CA VAL A 84 -2.38 6.06 -8.04
C VAL A 84 -2.80 6.72 -9.37
N GLN A 85 -4.07 7.02 -9.49
CA GLN A 85 -4.61 7.63 -10.70
C GLN A 85 -3.98 8.99 -11.00
N VAL A 86 -4.01 9.88 -10.02
CA VAL A 86 -3.41 11.21 -10.18
C VAL A 86 -1.92 11.12 -10.52
N VAL A 87 -1.19 10.35 -9.74
CA VAL A 87 0.25 10.16 -9.98
C VAL A 87 0.52 9.58 -11.36
N LEU A 88 -0.25 8.56 -11.77
CA LEU A 88 -0.11 7.93 -13.10
C LEU A 88 -0.30 8.96 -14.21
N GLN A 89 -1.22 9.88 -13.99
CA GLN A 89 -1.48 10.95 -14.94
C GLN A 89 -0.31 11.92 -14.99
N GLN A 90 0.13 12.37 -13.84
CA GLN A 90 1.26 13.29 -13.74
C GLN A 90 2.52 12.71 -14.37
N THR A 91 2.75 11.45 -14.13
CA THR A 91 3.94 10.81 -14.63
C THR A 91 3.86 10.42 -16.10
N TYR A 92 2.94 9.54 -16.44
CA TYR A 92 2.87 9.00 -17.78
C TYR A 92 1.67 9.48 -18.54
N GLY A 93 0.70 10.05 -17.85
CA GLY A 93 -0.57 10.40 -18.50
C GLY A 93 -1.35 9.16 -18.91
N SER A 94 -0.93 8.03 -18.42
CA SER A 94 -1.50 6.77 -18.75
C SER A 94 -1.90 6.07 -17.46
N THR A 95 -3.14 6.08 -17.17
CA THR A 95 -3.63 5.51 -15.98
C THR A 95 -4.13 4.10 -16.22
N LEU A 96 -4.05 3.26 -15.21
CA LEU A 96 -4.61 1.95 -15.30
C LEU A 96 -6.04 2.05 -14.95
N LYS A 97 -6.83 1.23 -15.52
CA LYS A 97 -8.23 1.35 -15.30
C LYS A 97 -8.67 0.56 -14.11
N VAL A 98 -8.97 1.28 -13.06
CA VAL A 98 -9.50 0.69 -11.89
C VAL A 98 -10.93 1.13 -11.76
N THR A 99 -11.78 0.32 -12.27
CA THR A 99 -13.17 0.54 -12.28
C THR A 99 -13.82 -0.80 -11.92
N GLY B 1 11.98 -3.77 16.86
CA GLY B 1 11.56 -2.66 17.72
C GLY B 1 10.25 -2.09 17.25
N SER B 2 9.58 -1.37 18.10
CA SER B 2 8.27 -0.85 17.77
C SER B 2 8.30 0.69 17.71
N HIS B 3 7.96 1.23 16.55
CA HIS B 3 7.95 2.68 16.33
C HIS B 3 6.63 3.07 15.73
N LYS B 4 6.14 4.26 16.11
CA LYS B 4 4.88 4.82 15.59
C LYS B 4 3.65 3.95 15.91
N LYS B 5 2.54 4.34 15.32
CA LYS B 5 1.30 3.57 15.38
C LYS B 5 1.14 2.85 14.06
N SER B 6 2.14 2.99 13.24
CA SER B 6 2.19 2.41 11.94
C SER B 6 2.65 0.99 12.04
N PHE B 7 1.82 0.10 11.57
CA PHE B 7 2.11 -1.30 11.50
C PHE B 7 3.31 -1.51 10.58
N PHE B 8 3.32 -0.80 9.47
CA PHE B 8 4.35 -0.96 8.48
C PHE B 8 5.68 -0.38 8.92
N ASP B 9 5.66 0.79 9.54
CA ASP B 9 6.91 1.37 10.04
C ASP B 9 7.44 0.53 11.21
N LYS B 10 6.50 -0.04 11.97
CA LYS B 10 6.83 -0.96 13.05
C LYS B 10 7.52 -2.17 12.46
N LYS B 11 6.94 -2.74 11.41
CA LYS B 11 7.55 -3.88 10.69
C LYS B 11 8.96 -3.59 10.21
N ARG B 12 9.19 -2.37 9.73
CA ARG B 12 10.53 -1.96 9.31
C ARG B 12 11.48 -1.93 10.51
N SER B 13 10.92 -1.67 11.66
CA SER B 13 11.69 -1.60 12.87
C SER B 13 11.85 -3.01 13.50
N GLU B 14 10.89 -3.88 13.21
CA GLU B 14 10.91 -5.26 13.67
C GLU B 14 11.88 -6.11 12.86
N ARG B 15 12.14 -5.70 11.63
CA ARG B 15 13.05 -6.46 10.77
C ARG B 15 14.52 -6.16 11.04
N LYS B 16 14.82 -5.91 12.29
CA LYS B 16 16.18 -5.69 12.74
C LYS B 16 16.66 -6.94 13.45
N TRP B 17 15.95 -8.02 13.19
CA TRP B 17 16.23 -9.34 13.70
C TRP B 17 17.66 -9.79 13.38
#